data_8CFD
#
_entry.id   8CFD
#
_cell.length_a   178.760
_cell.length_b   105.140
_cell.length_c   108.250
_cell.angle_alpha   90.00
_cell.angle_beta   99.71
_cell.angle_gamma   90.00
#
_symmetry.space_group_name_H-M   'C 1 2 1'
#
loop_
_entity.id
_entity.type
_entity.pdbx_description
1 polymer Adenosylhomocysteinase
2 non-polymer NICOTINAMIDE-ADENINE-DINUCLEOTIDE
3 non-polymer ADENINE
4 non-polymer 'POTASSIUM ION'
5 non-polymer 'PHOSPHATE ION'
6 non-polymer 'DIMETHYL SULFOXIDE'
7 non-polymer (2-aminopyridin-3-yl)methanol
8 water water
#
_entity_poly.entity_id   1
_entity_poly.type   'polypeptide(L)'
_entity_poly.pdbx_seq_one_letter_code
;SNAMSAVMTPAGFTDYKVADITLAAWGRRELIIAESEMPALMGLRRKYAGQQPLKGAKILGCIHMTIQTGVLIETLVALG
AEVRWSSCNIFSTQDQAAAAIAAAGIPVFAWKGETEEEYEWCIEQTILKDGQPWDANMVLDDGGDLTEILHKKYPQMLER
IHGITEETTTGVHRLLDMLKNGTLKVPAINVNDSVTKSKNDNKYGCRHSLNDAIKRGTDHLLSGKQALVIGYGDVGKGSS
QSLRQEGMIVKVAEVDPICAMQACMDGFEVVSPYKNGINDGTEASIDAALLGKIDLIVTTTGNVNVCDANMLKALKKRAV
VCNIGHFDNEIDTAFMRKNWAWEEVKPQVHKIHRTGKDGFDAHNDDYLILLAEGRLVNLGNATGHPSRIMDGSFANQVLA
QIHLFEQKYADLPAAEKAKRLSVEVLPKKLDEEVALEMVKGFGGVVTQLTPKQAEYIGVSVEGPFKPDTYRY
;
_entity_poly.pdbx_strand_id   A,B,C,D
#
# COMPACT_ATOMS: atom_id res chain seq x y z
N ALA A 11 30.50 3.18 -44.22
CA ALA A 11 30.94 3.72 -45.51
C ALA A 11 29.75 3.86 -46.48
N GLY A 12 29.12 5.04 -46.46
CA GLY A 12 28.05 5.32 -47.39
C GLY A 12 26.78 4.55 -47.17
N PHE A 13 26.51 4.12 -45.94
CA PHE A 13 25.27 3.42 -45.64
C PHE A 13 24.11 4.40 -45.65
N THR A 14 23.10 4.13 -46.48
CA THR A 14 21.97 5.04 -46.62
C THR A 14 20.61 4.35 -46.52
N ASP A 15 20.56 3.09 -46.11
CA ASP A 15 19.34 2.29 -46.15
C ASP A 15 18.54 2.46 -44.86
N TYR A 16 18.14 3.70 -44.58
CA TYR A 16 17.39 3.97 -43.35
C TYR A 16 16.67 5.29 -43.49
N LYS A 17 15.84 5.59 -42.50
CA LYS A 17 15.15 6.88 -42.44
C LYS A 17 14.79 7.14 -40.98
N VAL A 18 15.45 8.12 -40.36
CA VAL A 18 15.22 8.48 -38.96
C VAL A 18 15.17 10.00 -38.85
N ALA A 19 14.86 10.46 -37.64
CA ALA A 19 14.66 11.89 -37.43
C ALA A 19 15.96 12.67 -37.53
N ASP A 20 17.03 12.13 -36.94
CA ASP A 20 18.26 12.89 -36.77
C ASP A 20 19.38 11.92 -36.42
N ILE A 21 20.24 11.64 -37.40
CA ILE A 21 21.27 10.62 -37.21
C ILE A 21 22.29 11.03 -36.16
N THR A 22 22.45 12.34 -35.88
CA THR A 22 23.42 12.80 -34.91
C THR A 22 23.03 12.45 -33.47
N LEU A 23 21.88 11.81 -33.25
CA LEU A 23 21.50 11.34 -31.94
C LEU A 23 22.06 9.96 -31.62
N ALA A 24 22.90 9.39 -32.50
CA ALA A 24 23.33 8.01 -32.32
C ALA A 24 24.17 7.85 -31.06
N ALA A 25 25.16 8.73 -30.85
CA ALA A 25 26.00 8.60 -29.67
C ALA A 25 25.16 8.58 -28.40
N TRP A 26 24.18 9.49 -28.30
CA TRP A 26 23.28 9.49 -27.15
C TRP A 26 22.57 8.15 -27.03
N GLY A 27 22.02 7.66 -28.15
CA GLY A 27 21.37 6.36 -28.14
C GLY A 27 22.29 5.24 -27.69
N ARG A 28 23.53 5.24 -28.21
CA ARG A 28 24.47 4.19 -27.83
C ARG A 28 24.79 4.25 -26.33
N ARG A 29 24.91 5.45 -25.76
CA ARG A 29 25.12 5.54 -24.32
C ARG A 29 23.95 4.89 -23.57
N GLU A 30 22.73 5.09 -24.04
CA GLU A 30 21.57 4.53 -23.35
C GLU A 30 21.40 3.04 -23.61
N LEU A 31 21.81 2.56 -24.78
CA LEU A 31 21.82 1.12 -25.06
C LEU A 31 22.81 0.39 -24.14
N ILE A 32 24.00 0.97 -23.95
CA ILE A 32 24.99 0.38 -23.05
C ILE A 32 24.42 0.28 -21.63
N ILE A 33 23.68 1.31 -21.20
CA ILE A 33 23.01 1.23 -19.90
C ILE A 33 21.93 0.15 -19.92
N ALA A 34 21.12 0.09 -20.98
CA ALA A 34 20.01 -0.87 -21.01
C ALA A 34 20.51 -2.30 -20.98
N GLU A 35 21.64 -2.58 -21.64
CA GLU A 35 22.19 -3.93 -21.62
C GLU A 35 22.43 -4.42 -20.19
N SER A 36 22.84 -3.52 -19.29
CA SER A 36 23.08 -3.92 -17.90
C SER A 36 21.79 -4.16 -17.15
N GLU A 37 20.65 -3.71 -17.69
CA GLU A 37 19.33 -3.88 -17.10
C GLU A 37 18.56 -5.04 -17.70
N MET A 38 19.19 -5.82 -18.58
CA MET A 38 18.49 -6.83 -19.37
C MET A 38 19.27 -8.14 -19.34
N PRO A 39 19.36 -8.78 -18.18
CA PRO A 39 20.24 -9.95 -18.05
C PRO A 39 19.75 -11.18 -18.79
N ALA A 40 18.43 -11.37 -18.94
CA ALA A 40 17.95 -12.51 -19.70
C ALA A 40 18.36 -12.38 -21.16
N LEU A 41 18.12 -11.19 -21.75
CA LEU A 41 18.44 -10.98 -23.15
C LEU A 41 19.93 -11.08 -23.40
N MET A 42 20.73 -10.41 -22.57
N MET A 42 20.74 -10.45 -22.54
CA MET A 42 22.18 -10.47 -22.70
CA MET A 42 22.19 -10.48 -22.75
C MET A 42 22.68 -11.90 -22.58
C MET A 42 22.77 -11.86 -22.49
N GLY A 43 22.16 -12.65 -21.61
CA GLY A 43 22.62 -14.03 -21.43
C GLY A 43 22.38 -14.86 -22.67
N LEU A 44 21.23 -14.65 -23.33
CA LEU A 44 20.99 -15.31 -24.62
C LEU A 44 22.03 -14.89 -25.63
N ARG A 45 22.39 -13.60 -25.63
CA ARG A 45 23.42 -13.13 -26.54
C ARG A 45 24.75 -13.85 -26.31
N ARG A 46 25.14 -14.02 -25.03
CA ARG A 46 26.39 -14.71 -24.74
C ARG A 46 26.29 -16.21 -24.95
N LYS A 47 25.12 -16.81 -24.69
CA LYS A 47 24.99 -18.25 -24.78
C LYS A 47 25.02 -18.73 -26.22
N TYR A 48 24.41 -17.98 -27.13
CA TYR A 48 24.17 -18.44 -28.50
C TYR A 48 25.07 -17.79 -29.55
N ALA A 49 25.94 -16.85 -29.16
CA ALA A 49 26.72 -16.12 -30.15
C ALA A 49 27.60 -17.06 -30.97
N GLY A 50 28.23 -18.04 -30.32
CA GLY A 50 29.15 -18.91 -31.05
C GLY A 50 28.45 -19.84 -32.00
N GLN A 51 27.26 -20.33 -31.64
CA GLN A 51 26.51 -21.24 -32.48
CA GLN A 51 26.53 -21.25 -32.49
C GLN A 51 25.83 -20.54 -33.64
N GLN A 52 25.59 -19.23 -33.53
CA GLN A 52 24.94 -18.45 -34.58
C GLN A 52 23.62 -19.10 -35.02
N PRO A 53 22.66 -19.28 -34.11
CA PRO A 53 21.43 -19.98 -34.49
C PRO A 53 20.56 -19.23 -35.49
N LEU A 54 20.80 -17.94 -35.72
CA LEU A 54 20.00 -17.18 -36.67
C LEU A 54 20.76 -16.86 -37.95
N LYS A 55 21.86 -17.56 -38.21
CA LYS A 55 22.56 -17.44 -39.47
C LYS A 55 21.65 -17.83 -40.62
N GLY A 56 21.42 -16.91 -41.54
CA GLY A 56 20.49 -17.10 -42.63
C GLY A 56 19.12 -16.49 -42.38
N ALA A 57 18.83 -16.09 -41.15
CA ALA A 57 17.54 -15.48 -40.86
C ALA A 57 17.49 -14.07 -41.43
N LYS A 58 16.39 -13.74 -42.11
CA LYS A 58 16.13 -12.40 -42.61
C LYS A 58 14.78 -11.98 -42.06
N ILE A 59 14.79 -11.11 -41.07
CA ILE A 59 13.65 -10.86 -40.20
C ILE A 59 13.03 -9.50 -40.55
N LEU A 60 11.74 -9.50 -40.85
CA LEU A 60 10.96 -8.27 -40.93
C LEU A 60 10.43 -7.95 -39.54
N GLY A 61 10.81 -6.79 -39.00
CA GLY A 61 10.41 -6.43 -37.65
C GLY A 61 9.57 -5.16 -37.57
N CYS A 62 8.47 -5.20 -36.81
CA CYS A 62 7.59 -4.05 -36.64
C CYS A 62 7.21 -3.99 -35.16
N ILE A 63 7.95 -3.19 -34.38
CA ILE A 63 7.64 -2.99 -32.96
C ILE A 63 8.29 -1.68 -32.53
N HIS A 64 7.62 -0.99 -31.60
CA HIS A 64 8.05 0.32 -31.10
C HIS A 64 9.56 0.45 -31.05
N MET A 65 10.11 1.44 -31.74
CA MET A 65 11.56 1.58 -31.91
C MET A 65 12.15 2.34 -30.71
N THR A 66 12.14 1.66 -29.56
CA THR A 66 12.65 2.18 -28.30
C THR A 66 14.10 1.74 -28.08
N ILE A 67 14.70 2.23 -26.99
CA ILE A 67 16.01 1.72 -26.57
C ILE A 67 15.94 0.22 -26.33
N GLN A 68 14.85 -0.24 -25.73
CA GLN A 68 14.70 -1.65 -25.42
C GLN A 68 14.61 -2.48 -26.71
N THR A 69 13.83 -2.03 -27.69
CA THR A 69 13.83 -2.71 -28.99
C THR A 69 15.22 -2.75 -29.59
N GLY A 70 16.04 -1.72 -29.32
CA GLY A 70 17.39 -1.71 -29.84
C GLY A 70 18.21 -2.89 -29.33
N VAL A 71 18.14 -3.15 -28.02
CA VAL A 71 18.87 -4.30 -27.48
C VAL A 71 18.35 -5.59 -28.09
N LEU A 72 17.04 -5.69 -28.30
CA LEU A 72 16.48 -6.83 -29.02
C LEU A 72 17.10 -6.95 -30.40
N ILE A 73 17.08 -5.86 -31.16
CA ILE A 73 17.58 -5.89 -32.54
C ILE A 73 19.03 -6.35 -32.58
N GLU A 74 19.87 -5.80 -31.71
CA GLU A 74 21.28 -6.15 -31.78
C GLU A 74 21.55 -7.55 -31.25
N THR A 75 20.65 -8.11 -30.42
CA THR A 75 20.80 -9.50 -30.05
C THR A 75 20.51 -10.41 -31.26
N LEU A 76 19.41 -10.15 -31.95
CA LEU A 76 19.08 -10.93 -33.14
C LEU A 76 20.23 -10.92 -34.13
N VAL A 77 20.75 -9.72 -34.42
CA VAL A 77 21.91 -9.58 -35.31
C VAL A 77 23.12 -10.33 -34.75
N ALA A 78 23.38 -10.19 -33.44
CA ALA A 78 24.54 -10.86 -32.86
C ALA A 78 24.46 -12.38 -33.04
N LEU A 79 23.24 -12.91 -33.10
CA LEU A 79 23.03 -14.34 -33.27
C LEU A 79 23.01 -14.74 -34.74
N GLY A 80 23.26 -13.80 -35.66
CA GLY A 80 23.43 -14.11 -37.07
C GLY A 80 22.38 -13.55 -38.01
N ALA A 81 21.29 -13.00 -37.51
CA ALA A 81 20.21 -12.56 -38.37
C ALA A 81 20.54 -11.24 -39.07
N GLU A 82 19.93 -11.05 -40.24
CA GLU A 82 19.78 -9.74 -40.84
C GLU A 82 18.34 -9.28 -40.62
N VAL A 83 18.15 -7.98 -40.41
CA VAL A 83 16.82 -7.46 -40.11
C VAL A 83 16.54 -6.22 -40.95
N ARG A 84 15.24 -5.90 -41.08
CA ARG A 84 14.74 -4.61 -41.54
C ARG A 84 13.59 -4.20 -40.63
N TRP A 85 13.63 -2.97 -40.11
CA TRP A 85 12.82 -2.61 -38.94
C TRP A 85 11.97 -1.37 -39.15
N SER A 86 10.79 -1.39 -38.51
CA SER A 86 9.93 -0.22 -38.39
C SER A 86 9.27 -0.22 -37.01
N SER A 87 8.72 0.92 -36.64
CA SER A 87 7.92 1.00 -35.42
C SER A 87 6.48 0.59 -35.73
N CYS A 88 5.78 0.13 -34.69
CA CYS A 88 4.37 -0.25 -34.82
C CYS A 88 3.43 0.81 -34.27
N ASN A 89 3.93 2.01 -33.96
CA ASN A 89 3.09 3.13 -33.57
C ASN A 89 3.74 4.43 -34.01
N ILE A 90 2.91 5.39 -34.41
CA ILE A 90 3.41 6.66 -34.91
C ILE A 90 4.11 7.52 -33.84
N PHE A 91 3.87 7.27 -32.56
CA PHE A 91 4.46 8.09 -31.49
C PHE A 91 5.42 7.32 -30.59
N SER A 92 5.66 6.05 -30.84
CA SER A 92 6.36 5.25 -29.84
C SER A 92 7.87 5.24 -30.00
N THR A 93 8.40 5.68 -31.15
CA THR A 93 9.84 5.63 -31.39
C THR A 93 10.58 6.59 -30.46
N GLN A 94 11.75 6.17 -29.99
CA GLN A 94 12.72 7.08 -29.37
C GLN A 94 13.77 7.42 -30.43
N ASP A 95 13.86 8.70 -30.78
CA ASP A 95 14.65 9.06 -31.95
C ASP A 95 16.13 8.75 -31.74
N GLN A 96 16.63 8.86 -30.50
CA GLN A 96 18.03 8.51 -30.25
C GLN A 96 18.27 7.01 -30.42
N ALA A 97 17.26 6.17 -30.14
CA ALA A 97 17.40 4.74 -30.37
C ALA A 97 17.43 4.42 -31.87
N ALA A 98 16.49 4.98 -32.63
CA ALA A 98 16.49 4.77 -34.08
C ALA A 98 17.85 5.17 -34.67
N ALA A 99 18.35 6.34 -34.28
CA ALA A 99 19.62 6.82 -34.84
C ALA A 99 20.75 5.84 -34.55
N ALA A 100 20.84 5.35 -33.32
CA ALA A 100 21.94 4.45 -32.96
C ALA A 100 21.87 3.16 -33.78
N ILE A 101 20.66 2.65 -34.02
CA ILE A 101 20.51 1.45 -34.83
C ILE A 101 20.92 1.72 -36.27
N ALA A 102 20.49 2.85 -36.83
CA ALA A 102 20.90 3.21 -38.18
C ALA A 102 22.42 3.39 -38.26
N ALA A 103 23.00 4.07 -37.27
CA ALA A 103 24.44 4.30 -37.27
C ALA A 103 25.24 2.99 -37.22
N ALA A 104 24.62 1.90 -36.77
CA ALA A 104 25.25 0.60 -36.76
C ALA A 104 25.11 -0.14 -38.10
N GLY A 105 24.52 0.49 -39.10
CA GLY A 105 24.36 -0.16 -40.39
C GLY A 105 23.19 -1.11 -40.49
N ILE A 106 22.16 -0.90 -39.70
CA ILE A 106 20.97 -1.76 -39.69
C ILE A 106 19.80 -0.94 -40.26
N PRO A 107 19.15 -1.42 -41.32
CA PRO A 107 18.04 -0.65 -41.90
C PRO A 107 16.91 -0.45 -40.90
N VAL A 108 16.56 0.81 -40.69
CA VAL A 108 15.47 1.15 -39.77
C VAL A 108 14.77 2.39 -40.32
N PHE A 109 13.43 2.40 -40.21
CA PHE A 109 12.58 3.45 -40.75
C PHE A 109 11.57 3.83 -39.66
N ALA A 110 11.89 4.85 -38.87
CA ALA A 110 11.07 5.16 -37.70
C ALA A 110 11.45 6.50 -37.11
N TRP A 111 10.44 7.25 -36.66
CA TRP A 111 10.67 8.49 -35.90
C TRP A 111 9.41 8.81 -35.11
N LYS A 112 9.61 9.55 -34.02
CA LYS A 112 8.49 10.00 -33.20
C LYS A 112 7.68 11.05 -33.96
N GLY A 113 6.37 10.88 -34.00
CA GLY A 113 5.50 11.84 -34.66
C GLY A 113 5.25 11.60 -36.13
N GLU A 114 5.20 10.35 -36.56
CA GLU A 114 4.88 10.05 -37.96
C GLU A 114 3.42 10.33 -38.25
N THR A 115 3.14 10.66 -39.52
CA THR A 115 1.77 10.63 -39.99
C THR A 115 1.38 9.19 -40.34
N GLU A 116 0.07 8.97 -40.48
CA GLU A 116 -0.39 7.66 -40.90
C GLU A 116 0.22 7.27 -42.25
N GLU A 117 0.30 8.23 -43.18
CA GLU A 117 0.92 7.94 -44.47
C GLU A 117 2.37 7.53 -44.29
N GLU A 118 3.12 8.31 -43.49
CA GLU A 118 4.52 7.98 -43.22
C GLU A 118 4.66 6.64 -42.51
N TYR A 119 3.71 6.31 -41.62
CA TYR A 119 3.74 5.02 -40.93
C TYR A 119 3.70 3.86 -41.93
N GLU A 120 2.78 3.93 -42.89
CA GLU A 120 2.66 2.89 -43.91
C GLU A 120 3.90 2.82 -44.80
N TRP A 121 4.45 3.99 -45.16
CA TRP A 121 5.67 4.01 -45.95
C TRP A 121 6.82 3.31 -45.24
N CYS A 122 6.95 3.51 -43.93
CA CYS A 122 8.05 2.90 -43.18
C CYS A 122 7.99 1.38 -43.21
N ILE A 123 6.80 0.82 -42.96
CA ILE A 123 6.64 -0.62 -43.02
C ILE A 123 7.00 -1.14 -44.41
N GLU A 124 6.58 -0.43 -45.46
CA GLU A 124 6.87 -0.88 -46.81
C GLU A 124 8.35 -0.80 -47.12
N GLN A 125 9.09 0.10 -46.48
CA GLN A 125 10.52 0.16 -46.71
C GLN A 125 11.25 -1.04 -46.10
N THR A 126 10.68 -1.69 -45.08
CA THR A 126 11.26 -2.95 -44.63
C THR A 126 10.91 -4.09 -45.60
N ILE A 127 9.71 -4.06 -46.17
CA ILE A 127 9.29 -5.13 -47.07
C ILE A 127 10.02 -5.06 -48.41
N LEU A 128 10.32 -3.86 -48.88
CA LEU A 128 10.94 -3.66 -50.19
C LEU A 128 12.37 -3.17 -50.04
N LYS A 129 13.30 -3.83 -50.71
CA LYS A 129 14.69 -3.41 -50.76
C LYS A 129 15.03 -3.07 -52.20
N ASP A 130 15.47 -1.83 -52.43
CA ASP A 130 15.74 -1.34 -53.78
C ASP A 130 14.52 -1.56 -54.68
N GLY A 131 13.34 -1.26 -54.15
CA GLY A 131 12.13 -1.27 -54.94
C GLY A 131 11.56 -2.63 -55.26
N GLN A 132 12.00 -3.68 -54.58
CA GLN A 132 11.53 -5.03 -54.86
C GLN A 132 11.45 -5.80 -53.54
N PRO A 133 10.63 -6.85 -53.51
CA PRO A 133 10.47 -7.62 -52.26
C PRO A 133 11.80 -8.13 -51.75
N TRP A 134 12.10 -7.78 -50.51
CA TRP A 134 13.22 -8.40 -49.80
C TRP A 134 12.97 -9.89 -49.67
N ASP A 135 14.06 -10.67 -49.65
CA ASP A 135 13.93 -12.12 -49.47
C ASP A 135 13.88 -12.46 -47.97
N ALA A 136 12.84 -11.96 -47.33
CA ALA A 136 12.62 -12.23 -45.91
C ALA A 136 12.24 -13.69 -45.70
N ASN A 137 12.50 -14.18 -44.48
CA ASN A 137 12.05 -15.52 -44.14
C ASN A 137 11.52 -15.62 -42.71
N MET A 138 11.41 -14.50 -41.98
CA MET A 138 10.89 -14.46 -40.62
C MET A 138 10.19 -13.13 -40.38
N VAL A 139 9.27 -13.11 -39.42
CA VAL A 139 8.48 -11.94 -39.07
C VAL A 139 8.45 -11.77 -37.56
N LEU A 140 8.74 -10.55 -37.10
CA LEU A 140 8.55 -10.16 -35.71
C LEU A 140 7.62 -8.94 -35.68
N ASP A 141 6.51 -9.05 -34.95
CA ASP A 141 5.39 -8.11 -35.05
C ASP A 141 4.82 -7.80 -33.66
N ASP A 142 4.24 -6.61 -33.53
CA ASP A 142 3.60 -6.15 -32.29
C ASP A 142 2.31 -5.44 -32.69
N GLY A 143 1.18 -6.17 -32.61
CA GLY A 143 -0.12 -5.64 -32.95
C GLY A 143 -0.71 -6.15 -34.26
N GLY A 144 0.11 -6.72 -35.16
CA GLY A 144 -0.39 -7.38 -36.35
C GLY A 144 -0.45 -6.55 -37.63
N ASP A 145 0.08 -5.33 -37.61
CA ASP A 145 -0.04 -4.46 -38.79
C ASP A 145 0.84 -4.97 -39.94
N LEU A 146 2.08 -5.35 -39.64
CA LEU A 146 2.95 -5.91 -40.65
C LEU A 146 2.42 -7.25 -41.14
N THR A 147 1.98 -8.11 -40.22
CA THR A 147 1.37 -9.39 -40.58
C THR A 147 0.20 -9.19 -41.54
N GLU A 148 -0.62 -8.17 -41.28
CA GLU A 148 -1.79 -7.91 -42.12
C GLU A 148 -1.39 -7.46 -43.52
N ILE A 149 -0.38 -6.59 -43.61
CA ILE A 149 0.05 -6.09 -44.92
C ILE A 149 0.65 -7.22 -45.75
N LEU A 150 1.44 -8.10 -45.12
CA LEU A 150 2.01 -9.23 -45.86
C LEU A 150 0.91 -10.12 -46.44
N HIS A 151 -0.10 -10.46 -45.63
CA HIS A 151 -1.17 -11.33 -46.11
C HIS A 151 -2.01 -10.65 -47.19
N LYS A 152 -2.24 -9.34 -47.06
CA LYS A 152 -3.16 -8.66 -47.97
C LYS A 152 -2.46 -8.17 -49.23
N LYS A 153 -1.25 -7.64 -49.10
CA LYS A 153 -0.58 -6.99 -50.22
C LYS A 153 0.56 -7.80 -50.81
N TYR A 154 1.27 -8.59 -50.01
CA TYR A 154 2.47 -9.30 -50.47
C TYR A 154 2.36 -10.80 -50.18
N PRO A 155 1.25 -11.43 -50.56
CA PRO A 155 1.07 -12.85 -50.22
C PRO A 155 2.21 -13.73 -50.70
N GLN A 156 2.82 -13.44 -51.85
CA GLN A 156 3.88 -14.31 -52.36
C GLN A 156 5.10 -14.31 -51.43
N MET A 157 5.36 -13.21 -50.72
CA MET A 157 6.49 -13.18 -49.80
C MET A 157 6.33 -14.18 -48.67
N LEU A 158 5.08 -14.44 -48.26
CA LEU A 158 4.86 -15.38 -47.17
C LEU A 158 5.21 -16.82 -47.56
N GLU A 159 5.24 -17.13 -48.86
CA GLU A 159 5.60 -18.47 -49.28
C GLU A 159 6.98 -18.90 -48.76
N ARG A 160 7.87 -17.93 -48.54
CA ARG A 160 9.24 -18.20 -48.12
C ARG A 160 9.48 -17.87 -46.65
N ILE A 161 8.46 -17.47 -45.91
CA ILE A 161 8.60 -17.07 -44.52
C ILE A 161 8.30 -18.26 -43.62
N HIS A 162 9.18 -18.51 -42.64
CA HIS A 162 9.05 -19.66 -41.76
C HIS A 162 8.11 -19.42 -40.59
N GLY A 163 7.84 -18.19 -40.19
CA GLY A 163 6.96 -17.99 -39.06
C GLY A 163 6.90 -16.55 -38.64
N ILE A 164 5.97 -16.29 -37.71
CA ILE A 164 5.72 -14.99 -37.10
C ILE A 164 5.82 -15.16 -35.59
N THR A 165 6.56 -14.26 -34.94
CA THR A 165 6.54 -14.16 -33.49
C THR A 165 5.83 -12.86 -33.12
N GLU A 166 4.71 -12.97 -32.40
CA GLU A 166 3.79 -11.86 -32.19
C GLU A 166 3.80 -11.46 -30.72
N GLU A 167 3.96 -10.15 -30.48
CA GLU A 167 4.27 -9.63 -29.15
C GLU A 167 3.03 -9.43 -28.26
N THR A 168 1.91 -8.98 -28.81
CA THR A 168 0.90 -8.39 -27.93
C THR A 168 -0.51 -8.97 -28.13
N THR A 169 -1.32 -8.76 -27.09
CA THR A 169 -2.64 -9.37 -26.98
C THR A 169 -3.47 -9.11 -28.23
N THR A 170 -3.56 -7.85 -28.64
CA THR A 170 -4.34 -7.53 -29.83
C THR A 170 -3.81 -8.28 -31.05
N GLY A 171 -2.49 -8.36 -31.19
CA GLY A 171 -1.92 -9.07 -32.33
C GLY A 171 -2.25 -10.54 -32.32
N VAL A 172 -2.19 -11.17 -31.15
CA VAL A 172 -2.56 -12.57 -31.03
C VAL A 172 -4.00 -12.77 -31.47
N HIS A 173 -4.90 -11.87 -31.05
CA HIS A 173 -6.29 -12.00 -31.44
C HIS A 173 -6.45 -11.99 -32.97
N ARG A 174 -5.71 -11.11 -33.65
CA ARG A 174 -5.82 -11.05 -35.11
C ARG A 174 -5.26 -12.33 -35.76
N LEU A 175 -4.22 -12.92 -35.17
CA LEU A 175 -3.70 -14.19 -35.69
C LEU A 175 -4.72 -15.30 -35.55
N LEU A 176 -5.37 -15.38 -34.38
CA LEU A 176 -6.34 -16.45 -34.15
C LEU A 176 -7.56 -16.30 -35.03
N ASP A 177 -7.97 -15.07 -35.36
CA ASP A 177 -9.04 -14.89 -36.35
C ASP A 177 -8.64 -15.45 -37.71
N MET A 178 -7.41 -15.16 -38.15
CA MET A 178 -6.95 -15.69 -39.42
C MET A 178 -6.91 -17.21 -39.40
N LEU A 179 -6.46 -17.80 -38.29
CA LEU A 179 -6.40 -19.25 -38.17
C LEU A 179 -7.79 -19.87 -38.25
N LYS A 180 -8.76 -19.30 -37.53
CA LYS A 180 -10.10 -19.90 -37.58
C LYS A 180 -10.71 -19.77 -38.97
N ASN A 181 -10.37 -18.71 -39.71
CA ASN A 181 -10.91 -18.45 -41.04
C ASN A 181 -10.12 -19.14 -42.15
N GLY A 182 -9.02 -19.82 -41.84
CA GLY A 182 -8.21 -20.46 -42.86
C GLY A 182 -7.34 -19.53 -43.67
N THR A 183 -7.09 -18.31 -43.21
CA THR A 183 -6.34 -17.35 -44.01
C THR A 183 -4.94 -17.08 -43.47
N LEU A 184 -4.53 -17.74 -42.39
CA LEU A 184 -3.16 -17.62 -41.89
C LEU A 184 -2.24 -18.49 -42.75
N LYS A 185 -1.17 -17.88 -43.25
CA LYS A 185 -0.30 -18.55 -44.23
C LYS A 185 0.93 -19.21 -43.62
N VAL A 186 1.29 -18.83 -42.40
CA VAL A 186 2.51 -19.34 -41.74
C VAL A 186 2.22 -19.50 -40.25
N PRO A 187 2.94 -20.42 -39.60
CA PRO A 187 2.74 -20.61 -38.16
C PRO A 187 3.25 -19.41 -37.36
N ALA A 188 2.74 -19.28 -36.14
CA ALA A 188 3.17 -18.19 -35.26
C ALA A 188 3.38 -18.72 -33.84
N ILE A 189 4.26 -18.04 -33.12
CA ILE A 189 4.36 -18.22 -31.67
C ILE A 189 3.73 -17.01 -31.01
N ASN A 190 2.75 -17.26 -30.14
CA ASN A 190 2.14 -16.26 -29.27
C ASN A 190 3.13 -15.95 -28.14
N VAL A 191 3.94 -14.89 -28.33
CA VAL A 191 4.91 -14.51 -27.31
C VAL A 191 4.21 -13.87 -26.12
N ASN A 192 3.04 -13.27 -26.35
CA ASN A 192 2.33 -12.56 -25.29
C ASN A 192 2.07 -13.44 -24.08
N ASP A 193 1.74 -14.72 -24.30
CA ASP A 193 1.19 -15.55 -23.24
C ASP A 193 2.24 -16.38 -22.49
N SER A 194 3.53 -16.14 -22.70
CA SER A 194 4.50 -16.53 -21.69
C SER A 194 4.19 -15.78 -20.40
N VAL A 195 4.40 -16.44 -19.26
CA VAL A 195 4.13 -15.75 -18.00
C VAL A 195 5.11 -14.61 -17.77
N THR A 196 6.38 -14.80 -18.16
CA THR A 196 7.38 -13.72 -18.13
C THR A 196 7.12 -12.65 -19.17
N LYS A 197 6.03 -12.75 -19.93
CA LYS A 197 5.59 -11.66 -20.79
C LYS A 197 4.28 -11.09 -20.26
N SER A 198 3.17 -11.81 -20.42
CA SER A 198 1.85 -11.31 -20.07
C SER A 198 1.78 -10.79 -18.63
N LYS A 199 2.31 -11.56 -17.67
CA LYS A 199 2.17 -11.20 -16.27
C LYS A 199 3.38 -10.44 -15.75
N ASN A 200 4.15 -9.85 -16.64
CA ASN A 200 5.32 -9.05 -16.31
C ASN A 200 5.18 -7.72 -17.05
N ASP A 201 5.35 -7.79 -18.37
CA ASP A 201 5.19 -6.68 -19.30
C ASP A 201 3.77 -6.08 -19.24
N ASN A 202 2.75 -6.89 -19.51
CA ASN A 202 1.40 -6.33 -19.64
C ASN A 202 0.96 -5.64 -18.34
N LYS A 203 1.28 -6.23 -17.20
CA LYS A 203 0.80 -5.70 -15.90
C LYS A 203 1.82 -4.74 -15.30
N TYR A 204 2.98 -5.27 -14.88
CA TYR A 204 3.96 -4.45 -14.17
C TYR A 204 4.50 -3.34 -15.06
N GLY A 205 4.60 -3.59 -16.37
CA GLY A 205 5.05 -2.54 -17.27
C GLY A 205 4.14 -1.32 -17.24
N CYS A 206 2.82 -1.55 -17.30
CA CYS A 206 1.90 -0.42 -17.26
C CYS A 206 1.89 0.24 -15.88
N ARG A 207 2.13 -0.54 -14.83
CA ARG A 207 2.24 0.05 -13.50
CA ARG A 207 2.23 0.04 -13.50
C ARG A 207 3.34 1.10 -13.45
N HIS A 208 4.52 0.76 -13.98
CA HIS A 208 5.63 1.70 -14.04
C HIS A 208 5.33 2.92 -14.90
N SER A 209 4.75 2.69 -16.09
CA SER A 209 4.77 3.70 -17.14
C SER A 209 3.46 4.48 -17.31
N LEU A 210 2.34 4.02 -16.76
CA LEU A 210 1.11 4.79 -16.90
C LEU A 210 1.19 6.12 -16.15
N ASN A 211 1.45 6.10 -14.83
CA ASN A 211 1.59 7.37 -14.13
CA ASN A 211 1.62 7.36 -14.10
C ASN A 211 2.79 8.15 -14.64
N ASP A 212 3.82 7.47 -15.13
CA ASP A 212 4.96 8.12 -15.76
C ASP A 212 4.49 9.05 -16.88
N ALA A 213 3.74 8.51 -17.84
CA ALA A 213 3.34 9.32 -18.99
C ALA A 213 2.40 10.45 -18.59
N ILE A 214 1.50 10.21 -17.63
CA ILE A 214 0.56 11.26 -17.23
C ILE A 214 1.31 12.41 -16.58
N LYS A 215 2.33 12.11 -15.76
CA LYS A 215 3.11 13.16 -15.13
C LYS A 215 3.87 13.98 -16.18
N ARG A 216 4.51 13.31 -17.14
CA ARG A 216 5.30 14.05 -18.14
C ARG A 216 4.41 14.91 -19.02
N GLY A 217 3.20 14.43 -19.34
CA GLY A 217 2.31 15.20 -20.18
C GLY A 217 1.66 16.38 -19.48
N THR A 218 1.20 16.19 -18.24
CA THR A 218 0.41 17.18 -17.51
C THR A 218 1.08 17.73 -16.26
N ASP A 219 1.94 16.96 -15.60
CA ASP A 219 2.45 17.31 -14.28
C ASP A 219 1.31 17.52 -13.28
N HIS A 220 0.18 16.84 -13.49
CA HIS A 220 -0.92 16.89 -12.55
C HIS A 220 -0.62 16.04 -11.31
N LEU A 221 -0.91 16.62 -10.15
CA LEU A 221 -1.04 15.81 -8.94
C LEU A 221 -2.14 14.78 -9.16
N LEU A 222 -1.86 13.53 -8.78
CA LEU A 222 -2.86 12.46 -8.89
C LEU A 222 -3.49 12.12 -7.54
N SER A 223 -2.74 12.25 -6.45
CA SER A 223 -3.25 11.98 -5.11
C SER A 223 -4.54 12.74 -4.83
N GLY A 224 -5.49 12.04 -4.22
CA GLY A 224 -6.76 12.63 -3.82
C GLY A 224 -7.77 12.85 -4.94
N LYS A 225 -7.39 12.56 -6.20
CA LYS A 225 -8.28 12.73 -7.35
C LYS A 225 -8.92 11.41 -7.77
N GLN A 226 -9.96 11.53 -8.61
CA GLN A 226 -10.86 10.46 -8.98
C GLN A 226 -10.51 9.92 -10.36
N ALA A 227 -10.27 8.61 -10.45
CA ALA A 227 -9.94 7.97 -11.71
C ALA A 227 -10.95 6.87 -12.02
N LEU A 228 -11.21 6.68 -13.32
CA LEU A 228 -12.00 5.59 -13.83
C LEU A 228 -11.12 4.83 -14.82
N VAL A 229 -10.90 3.54 -14.57
CA VAL A 229 -10.12 2.69 -15.46
C VAL A 229 -11.07 1.71 -16.14
N ILE A 230 -11.08 1.72 -17.46
CA ILE A 230 -11.99 0.87 -18.23
C ILE A 230 -11.26 -0.42 -18.56
N GLY A 231 -11.66 -1.52 -17.95
CA GLY A 231 -10.95 -2.77 -18.14
C GLY A 231 -10.11 -3.14 -16.93
N TYR A 232 -10.05 -4.45 -16.67
CA TYR A 232 -9.26 -5.01 -15.58
C TYR A 232 -8.63 -6.33 -16.01
N GLY A 233 -8.14 -6.39 -17.26
CA GLY A 233 -7.27 -7.46 -17.69
C GLY A 233 -5.87 -7.27 -17.13
N ASP A 234 -4.85 -7.81 -17.81
CA ASP A 234 -3.50 -7.61 -17.34
C ASP A 234 -3.11 -6.14 -17.41
N VAL A 235 -3.46 -5.46 -18.51
CA VAL A 235 -3.16 -4.04 -18.62
C VAL A 235 -3.99 -3.22 -17.64
N GLY A 236 -5.28 -3.56 -17.48
CA GLY A 236 -6.11 -2.84 -16.54
C GLY A 236 -5.66 -3.03 -15.09
N LYS A 237 -5.09 -4.19 -14.78
CA LYS A 237 -4.61 -4.45 -13.42
C LYS A 237 -3.41 -3.56 -13.09
N GLY A 238 -2.42 -3.49 -14.00
CA GLY A 238 -1.25 -2.67 -13.75
C GLY A 238 -1.57 -1.19 -13.75
N SER A 239 -2.46 -0.77 -14.65
CA SER A 239 -2.88 0.62 -14.76
C SER A 239 -3.61 1.06 -13.50
N SER A 240 -4.54 0.24 -13.01
CA SER A 240 -5.22 0.54 -11.76
C SER A 240 -4.23 0.68 -10.62
N GLN A 241 -3.25 -0.23 -10.56
CA GLN A 241 -2.23 -0.16 -9.52
C GLN A 241 -1.36 1.09 -9.69
N SER A 242 -1.01 1.43 -10.93
CA SER A 242 -0.22 2.64 -11.20
C SER A 242 -0.85 3.86 -10.56
N LEU A 243 -2.17 3.98 -10.65
CA LEU A 243 -2.90 5.15 -10.17
C LEU A 243 -3.24 5.07 -8.68
N ARG A 244 -3.64 3.89 -8.20
CA ARG A 244 -3.93 3.75 -6.77
C ARG A 244 -2.69 3.99 -5.93
N GLN A 245 -1.52 3.56 -6.41
CA GLN A 245 -0.32 3.69 -5.58
C GLN A 245 0.11 5.13 -5.46
N GLU A 246 -0.34 5.99 -6.37
CA GLU A 246 -0.15 7.42 -6.28
C GLU A 246 -1.17 8.10 -5.36
N GLY A 247 -2.13 7.36 -4.80
CA GLY A 247 -3.15 7.97 -3.98
C GLY A 247 -4.43 8.34 -4.71
N MET A 248 -4.61 7.92 -5.95
CA MET A 248 -5.89 8.20 -6.60
C MET A 248 -6.99 7.36 -5.99
N ILE A 249 -8.22 7.88 -6.02
CA ILE A 249 -9.40 7.08 -5.75
C ILE A 249 -9.83 6.45 -7.07
N VAL A 250 -9.59 5.15 -7.23
CA VAL A 250 -9.74 4.47 -8.52
C VAL A 250 -11.04 3.67 -8.54
N LYS A 251 -11.85 3.88 -9.57
CA LYS A 251 -12.99 3.03 -9.87
C LYS A 251 -12.70 2.24 -11.15
N VAL A 252 -13.24 1.02 -11.24
CA VAL A 252 -12.94 0.10 -12.34
C VAL A 252 -14.23 -0.35 -13.03
N ALA A 253 -14.20 -0.37 -14.37
CA ALA A 253 -15.29 -0.92 -15.18
C ALA A 253 -14.83 -2.20 -15.86
N GLU A 254 -15.74 -3.18 -15.97
CA GLU A 254 -15.44 -4.45 -16.65
C GLU A 254 -16.72 -5.05 -17.23
N VAL A 255 -16.55 -5.83 -18.31
CA VAL A 255 -17.62 -6.69 -18.81
C VAL A 255 -17.44 -8.13 -18.35
N ASP A 256 -16.25 -8.51 -17.86
CA ASP A 256 -15.95 -9.86 -17.45
C ASP A 256 -16.14 -9.96 -15.95
N PRO A 257 -17.13 -10.70 -15.47
CA PRO A 257 -17.38 -10.71 -14.02
C PRO A 257 -16.24 -11.30 -13.21
N ILE A 258 -15.43 -12.19 -13.79
CA ILE A 258 -14.31 -12.72 -13.01
C ILE A 258 -13.24 -11.65 -12.80
N CYS A 259 -12.94 -10.86 -13.83
CA CYS A 259 -12.00 -9.77 -13.66
C CYS A 259 -12.55 -8.71 -12.71
N ALA A 260 -13.87 -8.46 -12.78
CA ALA A 260 -14.50 -7.52 -11.84
C ALA A 260 -14.45 -8.04 -10.41
N MET A 261 -14.55 -9.36 -10.22
N MET A 261 -14.54 -9.36 -10.23
CA MET A 261 -14.41 -9.93 -8.89
CA MET A 261 -14.41 -9.92 -8.89
C MET A 261 -13.02 -9.63 -8.34
C MET A 261 -13.01 -9.65 -8.33
N GLN A 262 -11.99 -9.83 -9.16
CA GLN A 262 -10.64 -9.49 -8.76
C GLN A 262 -10.54 -8.03 -8.35
N ALA A 263 -11.12 -7.13 -9.16
CA ALA A 263 -11.06 -5.71 -8.82
C ALA A 263 -11.67 -5.45 -7.46
N CYS A 264 -12.81 -6.08 -7.16
CA CYS A 264 -13.43 -5.89 -5.85
C CYS A 264 -12.49 -6.34 -4.74
N MET A 265 -11.91 -7.54 -4.88
CA MET A 265 -11.05 -8.09 -3.86
C MET A 265 -9.74 -7.32 -3.74
N ASP A 266 -9.28 -6.68 -4.82
CA ASP A 266 -8.11 -5.81 -4.76
C ASP A 266 -8.43 -4.45 -4.15
N GLY A 267 -9.66 -4.23 -3.70
CA GLY A 267 -10.02 -2.99 -3.04
C GLY A 267 -10.50 -1.86 -3.92
N PHE A 268 -11.04 -2.16 -5.10
CA PHE A 268 -11.60 -1.12 -5.96
C PHE A 268 -13.12 -1.23 -6.02
N GLU A 269 -13.77 -0.08 -6.22
CA GLU A 269 -15.20 -0.04 -6.49
C GLU A 269 -15.43 -0.29 -7.98
N VAL A 270 -16.35 -1.20 -8.30
CA VAL A 270 -16.63 -1.57 -9.68
C VAL A 270 -17.89 -0.86 -10.14
N VAL A 271 -17.76 -0.01 -11.18
CA VAL A 271 -18.86 0.82 -11.68
C VAL A 271 -18.93 0.67 -13.20
N SER A 272 -20.08 1.06 -13.75
CA SER A 272 -20.30 1.16 -15.17
C SER A 272 -20.55 2.62 -15.58
N PRO A 273 -19.97 3.08 -16.68
CA PRO A 273 -20.33 4.40 -17.21
C PRO A 273 -21.80 4.53 -17.57
N TYR A 274 -22.52 3.42 -17.68
CA TYR A 274 -23.91 3.41 -18.12
C TYR A 274 -24.81 2.98 -16.97
N LYS A 275 -26.00 3.55 -16.90
CA LYS A 275 -26.93 3.19 -15.85
C LYS A 275 -27.28 1.71 -15.95
N ASN A 276 -27.09 0.99 -14.84
CA ASN A 276 -27.28 -0.46 -14.78
C ASN A 276 -26.43 -1.19 -15.81
N GLY A 277 -25.33 -0.57 -16.24
CA GLY A 277 -24.44 -1.16 -17.23
C GLY A 277 -25.05 -1.42 -18.59
N ILE A 278 -26.10 -0.71 -18.96
CA ILE A 278 -26.81 -0.94 -20.22
C ILE A 278 -26.50 0.23 -21.16
N ASN A 279 -25.79 -0.06 -22.23
CA ASN A 279 -25.29 0.94 -23.19
C ASN A 279 -26.22 0.93 -24.41
N ASP A 280 -27.28 1.72 -24.36
CA ASP A 280 -28.24 1.78 -25.46
C ASP A 280 -27.92 2.89 -26.47
N GLY A 281 -26.77 3.54 -26.35
CA GLY A 281 -26.37 4.55 -27.30
C GLY A 281 -26.97 5.93 -27.10
N THR A 282 -27.88 6.12 -26.14
CA THR A 282 -28.46 7.44 -25.92
C THR A 282 -27.69 8.18 -24.83
N GLU A 283 -27.81 9.50 -24.84
CA GLU A 283 -27.22 10.28 -23.75
C GLU A 283 -27.85 9.91 -22.42
N ALA A 284 -29.10 9.46 -22.44
CA ALA A 284 -29.83 9.19 -21.20
C ALA A 284 -29.23 8.02 -20.42
N SER A 285 -28.56 7.08 -21.10
CA SER A 285 -28.03 5.93 -20.39
C SER A 285 -26.72 6.23 -19.65
N ILE A 286 -26.11 7.38 -19.88
CA ILE A 286 -24.89 7.75 -19.18
C ILE A 286 -25.21 8.08 -17.72
N ASP A 287 -24.42 7.54 -16.81
CA ASP A 287 -24.44 7.94 -15.40
C ASP A 287 -23.72 9.28 -15.31
N ALA A 288 -24.48 10.36 -15.50
CA ALA A 288 -23.91 11.70 -15.55
C ALA A 288 -23.28 12.09 -14.22
N ALA A 289 -23.90 11.67 -13.11
CA ALA A 289 -23.34 12.00 -11.81
C ALA A 289 -21.98 11.35 -11.60
N LEU A 290 -21.82 10.10 -12.06
CA LEU A 290 -20.53 9.43 -11.93
C LEU A 290 -19.46 10.12 -12.77
N LEU A 291 -19.72 10.29 -14.06
CA LEU A 291 -18.71 10.82 -14.97
C LEU A 291 -18.39 12.28 -14.67
N GLY A 292 -19.36 13.05 -14.17
CA GLY A 292 -19.10 14.41 -13.74
C GLY A 292 -18.19 14.54 -12.52
N LYS A 293 -17.81 13.41 -11.91
CA LYS A 293 -16.87 13.39 -10.79
C LYS A 293 -15.48 12.88 -11.18
N ILE A 294 -15.29 12.43 -12.41
CA ILE A 294 -14.08 11.71 -12.81
C ILE A 294 -13.03 12.70 -13.31
N ASP A 295 -11.83 12.67 -12.71
CA ASP A 295 -10.73 13.54 -13.13
C ASP A 295 -9.85 12.91 -14.20
N LEU A 296 -9.89 11.58 -14.35
CA LEU A 296 -9.01 10.86 -15.26
C LEU A 296 -9.68 9.55 -15.68
N ILE A 297 -9.75 9.29 -16.99
CA ILE A 297 -10.25 8.01 -17.50
C ILE A 297 -9.15 7.37 -18.36
N VAL A 298 -8.93 6.07 -18.15
CA VAL A 298 -7.92 5.30 -18.87
C VAL A 298 -8.59 4.07 -19.48
N THR A 299 -8.39 3.84 -20.78
CA THR A 299 -8.92 2.67 -21.46
C THR A 299 -7.81 1.63 -21.61
N THR A 300 -8.16 0.37 -21.30
CA THR A 300 -7.16 -0.70 -21.30
C THR A 300 -7.67 -1.99 -21.98
N THR A 301 -8.67 -1.89 -22.85
CA THR A 301 -9.49 -3.06 -23.19
C THR A 301 -9.06 -3.82 -24.43
N GLY A 302 -8.40 -3.19 -25.40
CA GLY A 302 -8.30 -3.84 -26.70
C GLY A 302 -9.60 -3.94 -27.47
N ASN A 303 -10.65 -3.25 -27.00
CA ASN A 303 -11.97 -3.25 -27.61
C ASN A 303 -12.23 -1.90 -28.29
N VAL A 304 -13.43 -1.73 -28.84
CA VAL A 304 -13.76 -0.55 -29.64
C VAL A 304 -14.79 0.29 -28.90
N ASN A 305 -14.56 1.60 -28.86
CA ASN A 305 -15.54 2.59 -28.38
C ASN A 305 -15.94 2.33 -26.92
N VAL A 306 -14.96 2.08 -26.06
CA VAL A 306 -15.26 1.91 -24.64
C VAL A 306 -15.19 3.23 -23.87
N CYS A 307 -14.72 4.30 -24.50
CA CYS A 307 -14.89 5.67 -24.01
C CYS A 307 -15.58 6.44 -25.15
N ASP A 308 -16.92 6.46 -25.13
CA ASP A 308 -17.65 6.88 -26.31
C ASP A 308 -18.01 8.36 -26.24
N ALA A 309 -18.73 8.83 -27.25
CA ALA A 309 -19.00 10.26 -27.40
C ALA A 309 -19.85 10.78 -26.24
N ASN A 310 -20.88 10.03 -25.84
CA ASN A 310 -21.73 10.50 -24.75
C ASN A 310 -20.96 10.54 -23.43
N MET A 311 -20.06 9.58 -23.22
CA MET A 311 -19.18 9.62 -22.06
C MET A 311 -18.32 10.87 -22.08
N LEU A 312 -17.75 11.20 -23.24
CA LEU A 312 -16.89 12.37 -23.35
C LEU A 312 -17.67 13.65 -23.08
N LYS A 313 -18.92 13.71 -23.51
CA LYS A 313 -19.75 14.89 -23.24
C LYS A 313 -20.05 15.05 -21.75
N ALA A 314 -20.09 13.95 -21.01
CA ALA A 314 -20.49 14.00 -19.60
C ALA A 314 -19.31 14.12 -18.64
N LEU A 315 -18.08 13.96 -19.11
CA LEU A 315 -16.93 14.00 -18.21
C LEU A 315 -16.84 15.34 -17.49
N LYS A 316 -16.37 15.28 -16.25
CA LYS A 316 -16.02 16.48 -15.50
C LYS A 316 -15.18 17.41 -16.37
N LYS A 317 -15.44 18.72 -16.26
CA LYS A 317 -14.58 19.72 -16.90
C LYS A 317 -13.12 19.52 -16.51
N ARG A 318 -12.24 19.54 -17.53
CA ARG A 318 -10.78 19.47 -17.38
C ARG A 318 -10.27 18.07 -17.04
N ALA A 319 -11.10 17.04 -17.22
CA ALA A 319 -10.64 15.67 -16.99
C ALA A 319 -9.58 15.29 -18.02
N VAL A 320 -8.69 14.38 -17.63
CA VAL A 320 -7.69 13.84 -18.55
C VAL A 320 -8.22 12.54 -19.14
N VAL A 321 -8.00 12.35 -20.45
CA VAL A 321 -8.47 11.18 -21.21
C VAL A 321 -7.27 10.56 -21.92
N CYS A 322 -7.03 9.27 -21.71
CA CYS A 322 -5.93 8.58 -22.39
C CYS A 322 -6.26 7.10 -22.59
N ASN A 323 -5.51 6.49 -23.51
CA ASN A 323 -5.66 5.07 -23.84
C ASN A 323 -4.31 4.38 -23.74
N ILE A 324 -4.29 3.20 -23.11
CA ILE A 324 -3.08 2.39 -23.01
C ILE A 324 -3.25 1.00 -23.64
N GLY A 325 -4.42 0.74 -24.26
CA GLY A 325 -4.56 -0.38 -25.18
C GLY A 325 -3.84 -0.12 -26.49
N HIS A 326 -3.84 -1.13 -27.38
CA HIS A 326 -2.95 -1.06 -28.55
C HIS A 326 -3.41 -0.01 -29.57
N PHE A 327 -4.71 0.16 -29.77
CA PHE A 327 -5.21 1.01 -30.85
C PHE A 327 -6.03 2.16 -30.30
N ASP A 328 -6.01 3.31 -30.99
CA ASP A 328 -6.67 4.51 -30.50
C ASP A 328 -8.19 4.48 -30.66
N ASN A 329 -8.77 3.48 -31.31
CA ASN A 329 -10.21 3.48 -31.43
C ASN A 329 -10.92 3.09 -30.14
N GLU A 330 -10.19 2.84 -29.04
CA GLU A 330 -10.85 2.67 -27.76
C GLU A 330 -11.60 3.92 -27.35
N ILE A 331 -11.16 5.09 -27.85
CA ILE A 331 -11.76 6.38 -27.54
C ILE A 331 -12.36 6.94 -28.82
N ASP A 332 -13.60 7.42 -28.75
CA ASP A 332 -14.19 8.07 -29.91
C ASP A 332 -13.51 9.40 -30.18
N THR A 333 -12.25 9.39 -30.60
CA THR A 333 -11.59 10.64 -30.94
C THR A 333 -12.15 11.25 -32.21
N ALA A 334 -12.62 10.42 -33.13
CA ALA A 334 -13.24 10.94 -34.35
C ALA A 334 -14.37 11.93 -34.02
N PHE A 335 -15.23 11.58 -33.06
CA PHE A 335 -16.28 12.50 -32.67
C PHE A 335 -15.70 13.84 -32.22
N MET A 336 -14.59 13.81 -31.48
CA MET A 336 -14.01 15.03 -30.94
C MET A 336 -13.38 15.87 -32.05
N ARG A 337 -12.75 15.23 -33.04
CA ARG A 337 -12.24 15.97 -34.19
C ARG A 337 -13.36 16.69 -34.94
N LYS A 338 -14.53 16.05 -35.05
CA LYS A 338 -15.60 16.59 -35.88
C LYS A 338 -16.39 17.69 -35.19
N ASN A 339 -16.39 17.73 -33.86
CA ASN A 339 -17.27 18.64 -33.14
C ASN A 339 -16.55 19.69 -32.29
N TRP A 340 -15.33 19.42 -31.82
CA TRP A 340 -14.70 20.28 -30.83
C TRP A 340 -13.36 20.81 -31.35
N ALA A 341 -12.91 21.90 -30.75
CA ALA A 341 -11.70 22.60 -31.20
C ALA A 341 -10.50 22.12 -30.39
N TRP A 342 -9.40 21.83 -31.09
CA TRP A 342 -8.20 21.27 -30.48
C TRP A 342 -7.15 22.36 -30.30
N GLU A 343 -6.68 22.52 -29.06
CA GLU A 343 -5.57 23.43 -28.76
C GLU A 343 -4.38 22.58 -28.32
N GLU A 344 -3.29 22.66 -29.08
CA GLU A 344 -2.07 21.94 -28.70
C GLU A 344 -1.40 22.64 -27.52
N VAL A 345 -1.25 21.92 -26.41
CA VAL A 345 -0.45 22.42 -25.30
C VAL A 345 1.03 22.25 -25.61
N LYS A 346 1.42 21.02 -25.93
CA LYS A 346 2.73 20.66 -26.43
C LYS A 346 2.56 19.35 -27.18
N PRO A 347 3.62 18.85 -27.82
CA PRO A 347 3.47 17.61 -28.58
C PRO A 347 2.83 16.51 -27.75
N GLN A 348 1.81 15.88 -28.32
CA GLN A 348 1.10 14.77 -27.70
C GLN A 348 0.32 15.17 -26.45
N VAL A 349 -0.05 16.46 -26.34
CA VAL A 349 -0.91 16.96 -25.28
C VAL A 349 -1.85 18.00 -25.89
N HIS A 350 -3.16 17.71 -25.89
CA HIS A 350 -4.14 18.59 -26.51
C HIS A 350 -5.25 18.91 -25.53
N LYS A 351 -5.63 20.18 -25.45
CA LYS A 351 -6.88 20.58 -24.82
C LYS A 351 -7.97 20.50 -25.89
N ILE A 352 -9.09 19.90 -25.54
CA ILE A 352 -10.22 19.73 -26.46
C ILE A 352 -11.40 20.51 -25.90
N HIS A 353 -11.76 21.60 -26.58
CA HIS A 353 -12.75 22.55 -26.08
C HIS A 353 -14.14 22.14 -26.54
N ARG A 354 -14.99 21.79 -25.57
CA ARG A 354 -16.34 21.35 -25.87
C ARG A 354 -17.29 22.49 -26.16
N THR A 355 -16.77 23.71 -26.32
CA THR A 355 -17.61 24.88 -26.62
C THR A 355 -17.98 24.99 -28.09
N GLY A 356 -17.40 24.19 -28.96
CA GLY A 356 -17.72 24.27 -30.37
C GLY A 356 -16.49 23.95 -31.21
N LYS A 357 -16.69 24.01 -32.52
CA LYS A 357 -15.67 23.61 -33.50
C LYS A 357 -14.81 24.76 -34.00
N ASP A 358 -15.43 25.89 -34.34
CA ASP A 358 -14.70 27.02 -34.91
C ASP A 358 -14.06 27.82 -33.78
N GLY A 359 -12.78 27.58 -33.54
CA GLY A 359 -12.03 28.37 -32.58
C GLY A 359 -12.45 28.12 -31.13
N PHE A 360 -11.72 28.78 -30.23
CA PHE A 360 -11.91 28.58 -28.80
C PHE A 360 -11.44 29.82 -28.05
N ASP A 361 -12.00 30.02 -26.88
CA ASP A 361 -11.50 31.03 -25.97
C ASP A 361 -10.29 30.49 -25.23
N ALA A 362 -9.20 31.25 -25.24
CA ALA A 362 -7.96 30.79 -24.61
C ALA A 362 -8.14 30.54 -23.12
N HIS A 363 -9.11 31.19 -22.49
CA HIS A 363 -9.37 31.03 -21.06
C HIS A 363 -10.62 30.21 -20.78
N ASN A 364 -11.14 29.52 -21.79
CA ASN A 364 -12.28 28.64 -21.60
C ASN A 364 -11.97 27.59 -20.53
N ASP A 365 -12.96 27.32 -19.67
CA ASP A 365 -12.80 26.32 -18.63
C ASP A 365 -13.36 24.95 -19.03
N ASP A 366 -14.20 24.87 -20.05
CA ASP A 366 -14.86 23.62 -20.43
C ASP A 366 -14.03 22.93 -21.52
N TYR A 367 -13.00 22.21 -21.08
CA TYR A 367 -12.14 21.48 -22.00
C TYR A 367 -11.74 20.15 -21.39
N LEU A 368 -11.28 19.25 -22.25
CA LEU A 368 -10.68 17.99 -21.85
C LEU A 368 -9.24 17.99 -22.32
N ILE A 369 -8.38 17.26 -21.60
CA ILE A 369 -6.98 17.08 -22.00
C ILE A 369 -6.83 15.66 -22.51
N LEU A 370 -6.49 15.53 -23.79
CA LEU A 370 -6.25 14.26 -24.43
C LEU A 370 -4.76 14.05 -24.61
N LEU A 371 -4.25 12.89 -24.19
CA LEU A 371 -2.84 12.57 -24.30
C LEU A 371 -2.58 11.69 -25.52
N ALA A 372 -1.52 12.02 -26.25
CA ALA A 372 -1.06 11.23 -27.39
C ALA A 372 -2.15 11.01 -28.44
N GLU A 373 -3.15 11.89 -28.49
CA GLU A 373 -4.24 11.78 -29.46
C GLU A 373 -4.94 10.43 -29.37
N GLY A 374 -4.94 9.83 -28.18
CA GLY A 374 -5.57 8.55 -27.96
C GLY A 374 -4.72 7.34 -28.29
N ARG A 375 -3.51 7.54 -28.78
CA ARG A 375 -2.57 6.43 -29.01
C ARG A 375 -1.96 5.96 -27.69
N LEU A 376 -1.37 4.75 -27.72
CA LEU A 376 -0.74 4.15 -26.54
C LEU A 376 -0.04 5.21 -25.69
N VAL A 377 -0.54 5.47 -24.48
CA VAL A 377 -0.09 6.67 -23.78
C VAL A 377 1.26 6.46 -23.11
N ASN A 378 1.58 5.24 -22.65
CA ASN A 378 2.87 5.08 -21.98
C ASN A 378 4.03 5.30 -22.96
N LEU A 379 3.87 4.85 -24.22
CA LEU A 379 4.90 5.08 -25.23
C LEU A 379 4.79 6.45 -25.89
N GLY A 380 3.58 7.00 -25.99
CA GLY A 380 3.43 8.29 -26.65
C GLY A 380 3.95 9.46 -25.82
N ASN A 381 3.68 9.44 -24.51
CA ASN A 381 4.05 10.55 -23.65
C ASN A 381 5.22 10.26 -22.71
N ALA A 382 5.72 9.04 -22.69
CA ALA A 382 6.92 8.71 -21.91
C ALA A 382 7.82 7.79 -22.75
N THR A 383 8.39 6.73 -22.15
CA THR A 383 9.28 5.82 -22.86
C THR A 383 8.80 4.37 -22.80
N GLY A 384 7.51 4.15 -22.51
CA GLY A 384 6.96 2.82 -22.36
C GLY A 384 7.56 2.07 -21.17
N HIS A 385 7.59 0.75 -21.29
CA HIS A 385 8.05 -0.09 -20.20
C HIS A 385 9.56 0.07 -19.99
N PRO A 386 10.03 -0.16 -18.76
CA PRO A 386 11.48 -0.06 -18.50
C PRO A 386 12.25 -1.28 -18.98
N SER A 387 13.56 -1.07 -19.16
CA SER A 387 14.40 -2.11 -19.77
C SER A 387 14.30 -3.44 -19.01
N ARG A 388 14.35 -3.41 -17.68
CA ARG A 388 14.40 -4.65 -16.90
C ARG A 388 13.11 -5.44 -16.99
N ILE A 389 12.00 -4.80 -17.37
CA ILE A 389 10.75 -5.51 -17.63
C ILE A 389 10.72 -6.05 -19.07
N MET A 390 11.11 -5.23 -20.05
CA MET A 390 11.12 -5.70 -21.43
C MET A 390 12.13 -6.81 -21.63
N ASP A 391 13.08 -6.94 -20.70
CA ASP A 391 14.02 -8.06 -20.71
C ASP A 391 13.29 -9.38 -20.88
N GLY A 392 12.23 -9.58 -20.09
CA GLY A 392 11.49 -10.84 -20.16
C GLY A 392 10.78 -11.02 -21.49
N SER A 393 10.09 -9.97 -21.95
CA SER A 393 9.39 -10.04 -23.23
C SER A 393 10.35 -10.35 -24.37
N PHE A 394 11.47 -9.64 -24.43
CA PHE A 394 12.33 -9.77 -25.60
C PHE A 394 13.22 -11.01 -25.54
N ALA A 395 13.41 -11.59 -24.37
CA ALA A 395 14.07 -12.91 -24.31
C ALA A 395 13.16 -13.98 -24.88
N ASN A 396 11.85 -13.90 -24.62
CA ASN A 396 10.91 -14.80 -25.28
C ASN A 396 10.94 -14.60 -26.79
N GLN A 397 10.97 -13.34 -27.24
CA GLN A 397 11.02 -13.08 -28.67
C GLN A 397 12.20 -13.78 -29.31
N VAL A 398 13.38 -13.69 -28.69
CA VAL A 398 14.58 -14.29 -29.27
C VAL A 398 14.44 -15.80 -29.31
N LEU A 399 13.92 -16.41 -28.24
CA LEU A 399 13.74 -17.86 -28.25
C LEU A 399 12.71 -18.30 -29.28
N ALA A 400 11.67 -17.49 -29.50
CA ALA A 400 10.64 -17.85 -30.47
C ALA A 400 11.14 -17.73 -31.90
N GLN A 401 11.95 -16.70 -32.18
CA GLN A 401 12.58 -16.58 -33.49
C GLN A 401 13.49 -17.77 -33.77
N ILE A 402 14.30 -18.18 -32.79
CA ILE A 402 15.18 -19.33 -32.99
C ILE A 402 14.36 -20.58 -33.28
N HIS A 403 13.28 -20.79 -32.52
CA HIS A 403 12.52 -22.03 -32.67
C HIS A 403 11.85 -22.11 -34.03
N LEU A 404 11.18 -21.04 -34.47
CA LEU A 404 10.51 -21.09 -35.75
C LEU A 404 11.49 -21.11 -36.92
N PHE A 405 12.58 -20.36 -36.81
CA PHE A 405 13.58 -20.44 -37.87
C PHE A 405 14.16 -21.84 -37.99
N GLU A 406 14.41 -22.49 -36.84
CA GLU A 406 14.96 -23.83 -36.88
C GLU A 406 13.97 -24.85 -37.42
N GLN A 407 12.66 -24.61 -37.29
CA GLN A 407 11.69 -25.58 -37.81
C GLN A 407 11.62 -25.56 -39.34
N LYS A 408 11.85 -24.40 -39.96
CA LYS A 408 11.90 -24.31 -41.43
C LYS A 408 10.58 -24.68 -42.07
N TYR A 409 9.49 -24.07 -41.58
CA TYR A 409 8.15 -24.38 -42.09
C TYR A 409 8.07 -24.22 -43.61
N ALA A 410 8.69 -23.17 -44.15
CA ALA A 410 8.52 -22.87 -45.56
C ALA A 410 9.10 -23.94 -46.48
N ASP A 411 9.97 -24.81 -45.96
CA ASP A 411 10.63 -25.80 -46.78
C ASP A 411 9.95 -27.16 -46.78
N LEU A 412 8.82 -27.29 -46.10
CA LEU A 412 8.03 -28.52 -46.14
C LEU A 412 7.19 -28.56 -47.41
N PRO A 413 6.71 -29.76 -47.79
CA PRO A 413 5.72 -29.84 -48.86
C PRO A 413 4.37 -29.30 -48.38
N ALA A 414 3.47 -29.11 -49.35
CA ALA A 414 2.14 -28.59 -49.02
C ALA A 414 1.50 -29.39 -47.89
N ALA A 415 1.62 -30.73 -47.94
CA ALA A 415 0.95 -31.58 -46.97
C ALA A 415 1.60 -31.52 -45.58
N GLU A 416 2.91 -31.26 -45.51
CA GLU A 416 3.56 -31.19 -44.20
C GLU A 416 3.33 -29.85 -43.52
N LYS A 417 3.19 -28.78 -44.29
CA LYS A 417 2.79 -27.51 -43.72
C LYS A 417 1.47 -27.63 -42.98
N ALA A 418 0.53 -28.41 -43.54
CA ALA A 418 -0.83 -28.43 -43.04
C ALA A 418 -0.89 -28.84 -41.57
N LYS A 419 -0.06 -29.79 -41.15
CA LYS A 419 -0.04 -30.24 -39.77
C LYS A 419 0.75 -29.32 -38.86
N ARG A 420 1.55 -28.43 -39.44
CA ARG A 420 2.42 -27.55 -38.68
C ARG A 420 1.86 -26.14 -38.54
N LEU A 421 0.75 -25.84 -39.21
CA LEU A 421 0.20 -24.49 -39.25
C LEU A 421 -0.66 -24.27 -38.01
N SER A 422 -0.10 -23.59 -37.02
CA SER A 422 -0.78 -23.38 -35.75
C SER A 422 -0.26 -22.11 -35.09
N VAL A 423 -0.90 -21.75 -33.97
CA VAL A 423 -0.45 -20.67 -33.09
C VAL A 423 -0.10 -21.32 -31.75
N GLU A 424 1.17 -21.31 -31.39
CA GLU A 424 1.66 -21.99 -30.20
CA GLU A 424 1.67 -21.99 -30.20
C GLU A 424 2.36 -21.00 -29.27
N VAL A 425 2.47 -21.40 -28.01
CA VAL A 425 3.28 -20.69 -27.03
C VAL A 425 4.57 -21.47 -26.81
N LEU A 426 5.55 -20.82 -26.18
CA LEU A 426 6.79 -21.48 -25.84
C LEU A 426 6.58 -22.45 -24.68
N PRO A 427 7.44 -23.46 -24.55
CA PRO A 427 7.29 -24.43 -23.45
C PRO A 427 7.59 -23.78 -22.11
N LYS A 428 6.99 -24.32 -21.05
CA LYS A 428 7.11 -23.74 -19.71
C LYS A 428 8.56 -23.74 -19.23
N LYS A 429 9.31 -24.79 -19.55
CA LYS A 429 10.72 -24.86 -19.15
C LYS A 429 11.47 -23.60 -19.54
N LEU A 430 11.24 -23.10 -20.76
CA LEU A 430 11.94 -21.90 -21.21
C LEU A 430 11.39 -20.66 -20.50
N ASP A 431 10.07 -20.59 -20.33
CA ASP A 431 9.45 -19.54 -19.51
C ASP A 431 10.16 -19.44 -18.16
N GLU A 432 10.36 -20.59 -17.50
CA GLU A 432 11.02 -20.61 -16.20
C GLU A 432 12.47 -20.18 -16.31
N GLU A 433 13.14 -20.53 -17.41
CA GLU A 433 14.56 -20.19 -17.52
C GLU A 433 14.75 -18.69 -17.73
N VAL A 434 13.82 -18.06 -18.45
CA VAL A 434 13.79 -16.60 -18.54
C VAL A 434 13.57 -15.99 -17.16
N ALA A 435 12.60 -16.53 -16.41
CA ALA A 435 12.31 -15.96 -15.11
C ALA A 435 13.51 -16.06 -14.18
N LEU A 436 14.25 -17.18 -14.24
CA LEU A 436 15.38 -17.34 -13.33
C LEU A 436 16.41 -16.24 -13.55
N GLU A 437 16.71 -15.91 -14.80
CA GLU A 437 17.67 -14.84 -15.06
C GLU A 437 17.14 -13.49 -14.58
N MET A 438 15.84 -13.23 -14.75
CA MET A 438 15.28 -11.98 -14.22
C MET A 438 15.42 -11.90 -12.71
N VAL A 439 15.16 -13.01 -12.00
CA VAL A 439 15.28 -13.02 -10.55
C VAL A 439 16.73 -12.76 -10.14
N LYS A 440 17.67 -13.45 -10.79
CA LYS A 440 19.07 -13.21 -10.52
C LYS A 440 19.43 -11.74 -10.76
N GLY A 441 18.77 -11.10 -11.72
CA GLY A 441 19.04 -9.71 -11.99
C GLY A 441 18.73 -8.82 -10.81
N PHE A 442 17.72 -9.18 -10.01
CA PHE A 442 17.41 -8.47 -8.77
C PHE A 442 18.27 -8.88 -7.60
N GLY A 443 19.17 -9.85 -7.79
CA GLY A 443 19.90 -10.41 -6.67
C GLY A 443 19.14 -11.46 -5.91
N GLY A 444 17.96 -11.86 -6.42
CA GLY A 444 17.21 -12.94 -5.78
C GLY A 444 17.95 -14.28 -5.83
N VAL A 445 17.64 -15.12 -4.85
CA VAL A 445 18.22 -16.46 -4.71
C VAL A 445 17.07 -17.46 -4.67
N VAL A 446 16.94 -18.26 -5.73
CA VAL A 446 15.92 -19.29 -5.80
C VAL A 446 16.41 -20.51 -5.03
N THR A 447 15.53 -21.11 -4.24
CA THR A 447 15.87 -22.32 -3.51
C THR A 447 15.79 -23.54 -4.44
N GLN A 448 16.60 -24.55 -4.13
CA GLN A 448 16.61 -25.78 -4.90
C GLN A 448 15.97 -26.89 -4.08
N LEU A 449 15.04 -27.61 -4.70
CA LEU A 449 14.41 -28.77 -4.07
C LEU A 449 15.46 -29.83 -3.76
N THR A 450 15.28 -30.50 -2.61
CA THR A 450 15.98 -31.74 -2.37
C THR A 450 15.33 -32.85 -3.20
N PRO A 451 16.04 -33.96 -3.40
CA PRO A 451 15.42 -35.07 -4.15
C PRO A 451 14.13 -35.57 -3.51
N LYS A 452 14.08 -35.68 -2.17
CA LYS A 452 12.85 -36.12 -1.52
C LYS A 452 11.72 -35.08 -1.68
N GLN A 453 12.04 -33.79 -1.70
CA GLN A 453 10.99 -32.80 -1.88
C GLN A 453 10.44 -32.84 -3.30
N ALA A 454 11.32 -32.98 -4.29
CA ALA A 454 10.86 -33.08 -5.67
C ALA A 454 9.91 -34.25 -5.85
N GLU A 455 10.25 -35.40 -5.27
CA GLU A 455 9.40 -36.57 -5.34
C GLU A 455 8.06 -36.34 -4.62
N TYR A 456 8.11 -35.65 -3.48
CA TYR A 456 6.92 -35.45 -2.66
C TYR A 456 5.84 -34.69 -3.43
N ILE A 457 6.22 -33.66 -4.19
CA ILE A 457 5.25 -32.91 -5.00
C ILE A 457 5.23 -33.36 -6.45
N GLY A 458 6.08 -34.31 -6.84
CA GLY A 458 6.02 -34.90 -8.16
C GLY A 458 6.54 -34.05 -9.30
N VAL A 459 7.70 -33.41 -9.13
CA VAL A 459 8.35 -32.65 -10.18
C VAL A 459 9.80 -33.08 -10.27
N SER A 460 10.45 -32.68 -11.36
CA SER A 460 11.89 -32.84 -11.48
C SER A 460 12.59 -31.68 -10.80
N VAL A 461 13.73 -31.96 -10.17
CA VAL A 461 14.47 -30.96 -9.41
C VAL A 461 14.73 -29.71 -10.24
N GLU A 462 14.94 -29.87 -11.54
CA GLU A 462 15.23 -28.75 -12.41
C GLU A 462 13.97 -28.13 -13.01
N GLY A 463 12.78 -28.68 -12.71
CA GLY A 463 11.55 -28.20 -13.29
C GLY A 463 11.18 -28.95 -14.56
N PRO A 464 10.05 -28.60 -15.20
CA PRO A 464 9.10 -27.54 -14.80
C PRO A 464 8.42 -27.83 -13.47
N PHE A 465 8.00 -26.77 -12.78
CA PHE A 465 7.49 -26.89 -11.41
C PHE A 465 5.98 -26.84 -11.32
N LYS A 466 5.28 -26.53 -12.41
CA LYS A 466 3.82 -26.41 -12.43
C LYS A 466 3.27 -27.11 -13.66
N PRO A 467 2.06 -27.66 -13.57
CA PRO A 467 1.38 -28.15 -14.77
C PRO A 467 0.99 -27.00 -15.69
N ASP A 468 0.80 -27.33 -16.97
CA ASP A 468 0.45 -26.32 -17.96
C ASP A 468 -0.86 -25.61 -17.65
N THR A 469 -1.69 -26.16 -16.78
CA THR A 469 -2.93 -25.50 -16.41
C THR A 469 -2.74 -24.38 -15.38
N TYR A 470 -1.57 -24.25 -14.76
CA TYR A 470 -1.40 -23.31 -13.66
C TYR A 470 -1.49 -21.86 -14.15
N ARG A 471 -2.18 -21.01 -13.38
CA ARG A 471 -2.46 -19.63 -13.76
C ARG A 471 -1.55 -18.59 -13.09
N TYR A 472 -0.79 -18.97 -12.07
CA TYR A 472 0.07 -18.04 -11.33
C TYR A 472 -0.73 -16.83 -10.82
N GLY B 12 8.98 47.78 -25.99
CA GLY B 12 10.41 47.92 -25.79
C GLY B 12 10.89 47.51 -24.41
N PHE B 13 10.49 46.33 -23.96
CA PHE B 13 10.87 45.81 -22.66
C PHE B 13 12.08 44.89 -22.79
N THR B 14 13.15 45.20 -22.05
CA THR B 14 14.40 44.46 -22.16
C THR B 14 14.99 44.08 -20.80
N ASP B 15 14.29 44.34 -19.70
CA ASP B 15 14.86 44.20 -18.35
C ASP B 15 14.66 42.78 -17.83
N TYR B 16 15.34 41.84 -18.49
CA TYR B 16 15.26 40.43 -18.13
C TYR B 16 16.39 39.68 -18.82
N LYS B 17 16.52 38.39 -18.49
CA LYS B 17 17.36 37.48 -19.27
C LYS B 17 16.88 36.06 -19.03
N VAL B 18 16.48 35.38 -20.10
CA VAL B 18 16.01 34.00 -20.05
C VAL B 18 16.64 33.25 -21.24
N ALA B 19 16.41 31.93 -21.26
CA ALA B 19 17.02 31.12 -22.30
C ALA B 19 16.46 31.43 -23.68
N ASP B 20 15.14 31.54 -23.80
CA ASP B 20 14.51 31.61 -25.12
C ASP B 20 13.14 32.28 -24.94
N ILE B 21 13.05 33.55 -25.33
CA ILE B 21 11.80 34.29 -25.18
C ILE B 21 10.68 33.67 -26.02
N THR B 22 11.02 33.01 -27.13
CA THR B 22 9.97 32.47 -27.99
C THR B 22 9.17 31.36 -27.32
N LEU B 23 9.63 30.84 -26.18
CA LEU B 23 8.88 29.83 -25.45
C LEU B 23 7.75 30.42 -24.62
N ALA B 24 7.47 31.71 -24.76
CA ALA B 24 6.50 32.36 -23.87
C ALA B 24 5.08 31.83 -24.10
N ALA B 25 4.69 31.64 -25.37
CA ALA B 25 3.33 31.18 -25.64
C ALA B 25 3.07 29.83 -24.99
N TRP B 26 4.02 28.90 -25.13
CA TRP B 26 3.92 27.61 -24.43
C TRP B 26 3.85 27.83 -22.92
N GLY B 27 4.72 28.69 -22.39
CA GLY B 27 4.68 28.99 -20.97
C GLY B 27 3.30 29.45 -20.53
N ARG B 28 2.67 30.34 -21.30
CA ARG B 28 1.35 30.87 -20.93
C ARG B 28 0.28 29.78 -20.97
N ARG B 29 0.34 28.87 -21.95
CA ARG B 29 -0.63 27.79 -21.99
C ARG B 29 -0.55 26.92 -20.74
N GLU B 30 0.67 26.66 -20.25
CA GLU B 30 0.80 25.86 -19.04
C GLU B 30 0.42 26.65 -17.80
N LEU B 31 0.58 27.97 -17.82
CA LEU B 31 0.14 28.78 -16.69
C LEU B 31 -1.39 28.76 -16.56
N ILE B 32 -2.10 28.83 -17.68
CA ILE B 32 -3.57 28.82 -17.63
C ILE B 32 -4.06 27.50 -17.05
N ILE B 33 -3.41 26.39 -17.39
CA ILE B 33 -3.73 25.11 -16.76
C ILE B 33 -3.39 25.13 -15.28
N ALA B 34 -2.21 25.63 -14.94
CA ALA B 34 -1.80 25.68 -13.53
C ALA B 34 -2.80 26.47 -12.70
N GLU B 35 -3.31 27.59 -13.23
CA GLU B 35 -4.29 28.37 -12.48
C GLU B 35 -5.48 27.52 -12.09
N SER B 36 -5.96 26.66 -13.01
CA SER B 36 -7.09 25.79 -12.68
C SER B 36 -6.72 24.72 -11.66
N GLU B 37 -5.43 24.49 -11.41
CA GLU B 37 -4.96 23.54 -10.41
C GLU B 37 -4.63 24.20 -9.07
N MET B 38 -4.79 25.51 -8.94
CA MET B 38 -4.31 26.24 -7.76
C MET B 38 -5.43 27.12 -7.22
N PRO B 39 -6.48 26.51 -6.65
CA PRO B 39 -7.66 27.30 -6.23
C PRO B 39 -7.39 28.21 -5.03
N ALA B 40 -6.56 27.79 -4.08
CA ALA B 40 -6.25 28.66 -2.95
C ALA B 40 -5.60 29.95 -3.43
N LEU B 41 -4.56 29.82 -4.25
CA LEU B 41 -3.87 30.98 -4.81
C LEU B 41 -4.84 31.88 -5.57
N MET B 42 -5.55 31.32 -6.55
CA MET B 42 -6.49 32.12 -7.33
C MET B 42 -7.59 32.69 -6.45
N GLY B 43 -8.00 31.98 -5.42
CA GLY B 43 -8.96 32.55 -4.48
C GLY B 43 -8.44 33.83 -3.84
N LEU B 44 -7.14 33.88 -3.55
CA LEU B 44 -6.55 35.10 -2.99
C LEU B 44 -6.60 36.25 -3.98
N ARG B 45 -6.38 35.97 -5.26
CA ARG B 45 -6.53 36.99 -6.29
C ARG B 45 -7.90 37.65 -6.20
N ARG B 46 -8.95 36.84 -6.17
CA ARG B 46 -10.31 37.39 -6.18
C ARG B 46 -10.62 38.12 -4.89
N LYS B 47 -10.20 37.56 -3.75
CA LYS B 47 -10.56 38.17 -2.47
C LYS B 47 -9.85 39.51 -2.25
N TYR B 48 -8.60 39.63 -2.70
CA TYR B 48 -7.79 40.81 -2.39
C TYR B 48 -7.64 41.79 -3.55
N ALA B 49 -7.96 41.38 -4.79
CA ALA B 49 -7.70 42.24 -5.94
C ALA B 49 -8.30 43.64 -5.76
N GLY B 50 -9.56 43.70 -5.33
CA GLY B 50 -10.22 45.00 -5.22
C GLY B 50 -9.54 45.93 -4.22
N GLN B 51 -8.87 45.37 -3.21
CA GLN B 51 -8.28 46.18 -2.16
C GLN B 51 -6.80 46.47 -2.37
N GLN B 52 -6.13 45.77 -3.29
CA GLN B 52 -4.73 46.02 -3.63
C GLN B 52 -3.86 46.12 -2.37
N PRO B 53 -3.79 45.06 -1.56
CA PRO B 53 -3.01 45.14 -0.31
C PRO B 53 -1.51 45.21 -0.53
N LEU B 54 -1.02 44.91 -1.73
CA LEU B 54 0.41 44.96 -2.01
C LEU B 54 0.81 46.18 -2.84
N LYS B 55 -0.10 47.13 -3.02
CA LYS B 55 0.21 48.37 -3.70
C LYS B 55 1.35 49.10 -3.01
N GLY B 56 2.41 49.42 -3.75
CA GLY B 56 3.60 50.01 -3.19
C GLY B 56 4.64 49.00 -2.73
N ALA B 57 4.32 47.72 -2.76
CA ALA B 57 5.28 46.68 -2.41
C ALA B 57 6.24 46.44 -3.57
N LYS B 58 7.53 46.40 -3.27
CA LYS B 58 8.57 46.10 -4.24
C LYS B 58 9.36 44.91 -3.72
N ILE B 59 9.12 43.74 -4.32
CA ILE B 59 9.51 42.45 -3.77
C ILE B 59 10.69 41.90 -4.56
N LEU B 60 11.79 41.63 -3.86
CA LEU B 60 12.86 40.80 -4.41
C LEU B 60 12.50 39.34 -4.16
N GLY B 61 12.40 38.56 -5.24
CA GLY B 61 12.03 37.16 -5.15
C GLY B 61 13.17 36.26 -5.64
N CYS B 62 13.48 35.23 -4.85
CA CYS B 62 14.46 34.23 -5.22
C CYS B 62 13.88 32.84 -4.92
N ILE B 63 13.38 32.17 -5.96
CA ILE B 63 12.84 30.82 -5.78
C ILE B 63 12.66 30.17 -7.17
N HIS B 64 12.90 28.86 -7.23
CA HIS B 64 12.79 28.07 -8.46
C HIS B 64 11.77 28.65 -9.46
N MET B 65 12.25 29.03 -10.64
CA MET B 65 11.42 29.75 -11.62
C MET B 65 10.65 28.73 -12.46
N THR B 66 9.67 28.12 -11.80
CA THR B 66 8.79 27.12 -12.40
C THR B 66 7.47 27.73 -12.83
N ILE B 67 6.65 26.91 -13.49
CA ILE B 67 5.28 27.32 -13.81
C ILE B 67 4.53 27.70 -12.53
N GLN B 68 4.69 26.92 -11.47
CA GLN B 68 4.02 27.22 -10.21
C GLN B 68 4.48 28.56 -9.64
N THR B 69 5.79 28.84 -9.72
CA THR B 69 6.27 30.13 -9.26
C THR B 69 5.72 31.26 -10.14
N GLY B 70 5.44 30.97 -11.42
CA GLY B 70 4.84 31.98 -12.27
C GLY B 70 3.47 32.42 -11.80
N VAL B 71 2.65 31.46 -11.34
CA VAL B 71 1.33 31.80 -10.82
C VAL B 71 1.46 32.61 -9.53
N LEU B 72 2.42 32.27 -8.67
CA LEU B 72 2.68 33.07 -7.47
C LEU B 72 3.05 34.49 -7.85
N ILE B 73 4.00 34.65 -8.78
CA ILE B 73 4.43 35.98 -9.19
C ILE B 73 3.24 36.79 -9.67
N GLU B 74 2.44 36.25 -10.59
CA GLU B 74 1.35 37.02 -11.14
C GLU B 74 0.26 37.31 -10.12
N THR B 75 0.17 36.51 -9.06
CA THR B 75 -0.75 36.84 -7.97
C THR B 75 -0.24 38.05 -7.17
N LEU B 76 1.05 38.07 -6.83
CA LEU B 76 1.61 39.23 -6.16
C LEU B 76 1.38 40.48 -6.99
N VAL B 77 1.62 40.39 -8.31
CA VAL B 77 1.43 41.54 -9.18
C VAL B 77 -0.05 41.93 -9.25
N ALA B 78 -0.95 40.96 -9.37
CA ALA B 78 -2.36 41.29 -9.43
C ALA B 78 -2.85 41.99 -8.17
N LEU B 79 -2.16 41.81 -7.05
CA LEU B 79 -2.53 42.47 -5.81
C LEU B 79 -1.80 43.80 -5.62
N GLY B 80 -0.98 44.22 -6.59
CA GLY B 80 -0.41 45.55 -6.61
C GLY B 80 1.09 45.63 -6.47
N ALA B 81 1.82 44.53 -6.37
CA ALA B 81 3.26 44.57 -6.13
C ALA B 81 4.04 44.66 -7.44
N GLU B 82 5.21 45.29 -7.36
CA GLU B 82 6.27 45.09 -8.34
C GLU B 82 7.25 44.06 -7.81
N VAL B 83 7.88 43.32 -8.74
CA VAL B 83 8.81 42.26 -8.36
C VAL B 83 10.00 42.25 -9.32
N ARG B 84 11.09 41.64 -8.85
CA ARG B 84 12.26 41.31 -9.65
C ARG B 84 12.76 39.96 -9.17
N TRP B 85 12.87 39.00 -10.07
CA TRP B 85 12.89 37.59 -9.70
C TRP B 85 14.11 36.87 -10.23
N SER B 86 14.57 35.88 -9.46
CA SER B 86 15.58 34.92 -9.88
C SER B 86 15.26 33.56 -9.29
N SER B 87 15.88 32.52 -9.83
CA SER B 87 15.74 31.18 -9.28
C SER B 87 16.75 30.97 -8.17
N CYS B 88 16.42 30.07 -7.24
CA CYS B 88 17.32 29.71 -6.15
C CYS B 88 18.08 28.43 -6.43
N ASN B 89 18.06 27.93 -7.66
CA ASN B 89 18.85 26.77 -8.04
C ASN B 89 19.21 26.87 -9.51
N ILE B 90 20.40 26.35 -9.86
CA ILE B 90 20.91 26.49 -11.22
C ILE B 90 20.18 25.59 -12.22
N PHE B 91 19.47 24.55 -11.75
CA PHE B 91 18.79 23.62 -12.65
C PHE B 91 17.27 23.61 -12.49
N SER B 92 16.70 24.42 -11.60
CA SER B 92 15.28 24.27 -11.28
C SER B 92 14.36 25.02 -12.23
N THR B 93 14.87 25.94 -13.04
CA THR B 93 14.01 26.75 -13.89
C THR B 93 13.39 25.91 -15.01
N GLN B 94 12.11 26.15 -15.29
CA GLN B 94 11.47 25.73 -16.52
C GLN B 94 11.53 26.91 -17.49
N ASP B 95 12.25 26.75 -18.59
CA ASP B 95 12.52 27.89 -19.46
C ASP B 95 11.25 28.48 -20.04
N GLN B 96 10.19 27.68 -20.20
CA GLN B 96 8.96 28.24 -20.75
C GLN B 96 8.22 29.08 -19.72
N ALA B 97 8.43 28.81 -18.43
CA ALA B 97 7.83 29.64 -17.39
C ALA B 97 8.52 30.99 -17.28
N ALA B 98 9.85 31.00 -17.33
CA ALA B 98 10.57 32.27 -17.27
C ALA B 98 10.29 33.13 -18.49
N ALA B 99 10.13 32.49 -19.65
CA ALA B 99 9.80 33.24 -20.86
C ALA B 99 8.43 33.90 -20.76
N ALA B 100 7.45 33.19 -20.20
CA ALA B 100 6.12 33.76 -20.10
C ALA B 100 6.08 34.92 -19.10
N ILE B 101 6.88 34.85 -18.04
CA ILE B 101 6.96 35.96 -17.09
C ILE B 101 7.63 37.16 -17.74
N ALA B 102 8.75 36.94 -18.44
CA ALA B 102 9.41 38.03 -19.14
C ALA B 102 8.48 38.72 -20.13
N ALA B 103 7.80 37.93 -20.96
CA ALA B 103 6.92 38.49 -21.99
C ALA B 103 5.78 39.29 -21.39
N ALA B 104 5.43 39.05 -20.13
CA ALA B 104 4.41 39.85 -19.45
C ALA B 104 4.96 41.16 -18.90
N GLY B 105 6.25 41.43 -19.08
CA GLY B 105 6.84 42.67 -18.64
C GLY B 105 7.40 42.66 -17.23
N ILE B 106 7.79 41.50 -16.72
CA ILE B 106 8.24 41.35 -15.34
C ILE B 106 9.73 41.02 -15.34
N PRO B 107 10.56 41.72 -14.56
CA PRO B 107 11.99 41.40 -14.52
C PRO B 107 12.24 40.01 -13.96
N VAL B 108 12.80 39.14 -14.80
CA VAL B 108 13.14 37.77 -14.41
C VAL B 108 14.51 37.44 -15.01
N PHE B 109 15.36 36.81 -14.21
CA PHE B 109 16.72 36.44 -14.61
C PHE B 109 16.93 34.99 -14.18
N ALA B 110 16.75 34.05 -15.09
CA ALA B 110 16.79 32.64 -14.69
C ALA B 110 16.68 31.75 -15.92
N TRP B 111 17.52 30.71 -15.98
CA TRP B 111 17.41 29.69 -17.01
C TRP B 111 17.89 28.36 -16.45
N LYS B 112 17.49 27.27 -17.13
CA LYS B 112 17.91 25.94 -16.73
C LYS B 112 19.34 25.68 -17.18
N GLY B 113 20.21 25.29 -16.25
CA GLY B 113 21.59 25.02 -16.55
C GLY B 113 22.53 26.20 -16.35
N GLU B 114 22.28 27.01 -15.33
CA GLU B 114 23.17 28.11 -15.01
C GLU B 114 24.50 27.59 -14.46
N THR B 115 25.56 28.35 -14.68
CA THR B 115 26.79 28.13 -13.92
C THR B 115 26.67 28.82 -12.56
N GLU B 116 27.63 28.53 -11.67
CA GLU B 116 27.61 29.19 -10.37
C GLU B 116 27.77 30.70 -10.53
N GLU B 117 28.65 31.12 -11.44
CA GLU B 117 28.84 32.55 -11.67
C GLU B 117 27.55 33.19 -12.17
N GLU B 118 26.89 32.54 -13.14
CA GLU B 118 25.63 33.06 -13.67
C GLU B 118 24.55 33.11 -12.58
N TYR B 119 24.51 32.10 -11.71
CA TYR B 119 23.56 32.10 -10.61
C TYR B 119 23.70 33.37 -9.78
N GLU B 120 24.93 33.73 -9.42
CA GLU B 120 25.17 34.94 -8.64
C GLU B 120 24.81 36.19 -9.44
N TRP B 121 25.18 36.22 -10.71
CA TRP B 121 24.83 37.36 -11.55
C TRP B 121 23.32 37.56 -11.59
N CYS B 122 22.55 36.49 -11.70
CA CYS B 122 21.09 36.62 -11.80
C CYS B 122 20.50 37.24 -10.54
N ILE B 123 20.96 36.82 -9.36
CA ILE B 123 20.45 37.42 -8.13
C ILE B 123 20.79 38.90 -8.08
N GLU B 124 22.01 39.27 -8.50
CA GLU B 124 22.41 40.67 -8.47
C GLU B 124 21.55 41.52 -9.39
N GLN B 125 21.11 40.96 -10.52
CA GLN B 125 20.26 41.71 -11.44
C GLN B 125 18.89 42.03 -10.84
N THR B 126 18.45 41.27 -9.83
CA THR B 126 17.23 41.67 -9.14
C THR B 126 17.50 42.78 -8.12
N ILE B 127 18.68 42.73 -7.50
CA ILE B 127 19.03 43.72 -6.47
C ILE B 127 19.33 45.08 -7.10
N LEU B 128 19.95 45.07 -8.27
CA LEU B 128 20.32 46.30 -8.97
C LEU B 128 19.39 46.56 -10.14
N LYS B 129 18.96 47.81 -10.28
CA LYS B 129 18.24 48.26 -11.47
C LYS B 129 18.97 49.47 -12.02
N ASP B 130 19.41 49.37 -13.27
CA ASP B 130 20.19 50.42 -13.93
C ASP B 130 21.47 50.74 -13.16
N GLY B 131 22.11 49.70 -12.62
CA GLY B 131 23.39 49.83 -11.97
C GLY B 131 23.36 50.33 -10.54
N GLN B 132 22.19 50.68 -10.01
CA GLN B 132 22.05 51.12 -8.63
C GLN B 132 21.11 50.18 -7.88
N PRO B 133 21.20 50.12 -6.56
CA PRO B 133 20.29 49.25 -5.79
C PRO B 133 18.83 49.62 -6.05
N TRP B 134 18.00 48.60 -6.27
CA TRP B 134 16.58 48.82 -6.42
C TRP B 134 15.98 49.31 -5.11
N ASP B 135 14.87 50.05 -5.21
CA ASP B 135 14.19 50.56 -4.02
C ASP B 135 13.22 49.51 -3.46
N ALA B 136 13.80 48.36 -3.14
CA ALA B 136 13.03 47.21 -2.67
C ALA B 136 12.57 47.42 -1.23
N ASN B 137 11.39 46.86 -0.91
CA ASN B 137 10.92 46.92 0.47
C ASN B 137 10.37 45.59 0.97
N MET B 138 10.53 44.50 0.22
CA MET B 138 10.09 43.18 0.66
C MET B 138 11.00 42.12 0.02
N VAL B 139 11.08 40.97 0.67
CA VAL B 139 11.93 39.87 0.22
C VAL B 139 11.15 38.57 0.34
N LEU B 140 11.20 37.75 -0.72
CA LEU B 140 10.67 36.38 -0.73
C LEU B 140 11.81 35.47 -1.14
N ASP B 141 12.13 34.48 -0.30
CA ASP B 141 13.34 33.70 -0.48
C ASP B 141 13.05 32.22 -0.25
N ASP B 142 13.89 31.37 -0.87
CA ASP B 142 13.80 29.93 -0.77
C ASP B 142 15.23 29.40 -0.61
N GLY B 143 15.66 29.21 0.63
CA GLY B 143 16.98 28.71 0.94
C GLY B 143 17.90 29.72 1.61
N GLY B 144 17.57 31.01 1.52
CA GLY B 144 18.31 32.04 2.22
C GLY B 144 19.48 32.63 1.49
N ASP B 145 19.68 32.29 0.21
CA ASP B 145 20.83 32.84 -0.52
C ASP B 145 20.67 34.34 -0.76
N LEU B 146 19.48 34.77 -1.17
CA LEU B 146 19.24 36.20 -1.37
C LEU B 146 19.31 36.95 -0.04
N THR B 147 18.76 36.36 1.02
CA THR B 147 18.83 36.97 2.34
C THR B 147 20.27 37.16 2.79
N GLU B 148 21.11 36.15 2.54
CA GLU B 148 22.51 36.23 2.92
C GLU B 148 23.22 37.36 2.17
N ILE B 149 23.02 37.42 0.85
CA ILE B 149 23.70 38.45 0.06
C ILE B 149 23.29 39.84 0.53
N LEU B 150 21.99 40.03 0.84
CA LEU B 150 21.56 41.34 1.31
C LEU B 150 22.22 41.70 2.63
N HIS B 151 22.16 40.80 3.61
CA HIS B 151 22.80 41.10 4.89
C HIS B 151 24.29 41.35 4.75
N LYS B 152 24.94 40.64 3.83
CA LYS B 152 26.40 40.70 3.75
C LYS B 152 26.91 41.78 2.80
N LYS B 153 26.31 41.89 1.61
CA LYS B 153 26.85 42.78 0.59
C LYS B 153 26.05 44.07 0.38
N TYR B 154 24.78 44.12 0.78
CA TYR B 154 23.95 45.30 0.59
C TYR B 154 23.19 45.64 1.87
N PRO B 155 23.89 45.81 3.00
CA PRO B 155 23.19 46.07 4.26
C PRO B 155 22.30 47.31 4.22
N GLN B 156 22.71 48.37 3.53
CA GLN B 156 21.92 49.59 3.52
C GLN B 156 20.53 49.36 2.96
N MET B 157 20.36 48.38 2.07
CA MET B 157 19.04 48.12 1.51
C MET B 157 18.07 47.59 2.55
N LEU B 158 18.54 46.84 3.54
CA LEU B 158 17.65 46.31 4.57
C LEU B 158 17.06 47.39 5.46
N GLU B 159 17.58 48.62 5.39
CA GLU B 159 16.97 49.70 6.14
C GLU B 159 15.62 50.12 5.57
N ARG B 160 15.29 49.68 4.35
CA ARG B 160 14.01 50.02 3.72
C ARG B 160 13.11 48.82 3.55
N ILE B 161 13.50 47.65 4.03
CA ILE B 161 12.77 46.41 3.84
C ILE B 161 11.94 46.11 5.08
N HIS B 162 10.68 45.75 4.86
CA HIS B 162 9.75 45.48 5.96
C HIS B 162 9.77 44.03 6.43
N GLY B 163 10.35 43.12 5.67
CA GLY B 163 10.39 41.74 6.11
C GLY B 163 10.73 40.77 5.01
N ILE B 164 10.92 39.52 5.43
CA ILE B 164 11.31 38.41 4.60
C ILE B 164 10.32 37.27 4.82
N THR B 165 9.86 36.65 3.75
CA THR B 165 9.06 35.43 3.85
C THR B 165 9.89 34.29 3.24
N GLU B 166 10.28 33.32 4.06
CA GLU B 166 11.20 32.24 3.68
C GLU B 166 10.47 30.92 3.49
N GLU B 167 10.77 30.24 2.37
CA GLU B 167 9.99 29.09 1.91
C GLU B 167 10.37 27.78 2.59
N THR B 168 11.66 27.52 2.82
CA THR B 168 12.07 26.14 3.07
C THR B 168 12.93 26.00 4.33
N THR B 169 12.96 24.77 4.83
CA THR B 169 13.56 24.46 6.12
C THR B 169 14.99 24.98 6.23
N THR B 170 15.80 24.74 5.19
CA THR B 170 17.20 25.18 5.29
C THR B 170 17.28 26.69 5.48
N GLY B 171 16.46 27.45 4.76
CA GLY B 171 16.48 28.90 4.91
C GLY B 171 15.99 29.36 6.27
N VAL B 172 14.99 28.67 6.83
CA VAL B 172 14.54 29.03 8.18
C VAL B 172 15.67 28.85 9.18
N HIS B 173 16.45 27.77 9.02
CA HIS B 173 17.57 27.56 9.93
C HIS B 173 18.54 28.73 9.88
N ARG B 174 18.79 29.27 8.69
CA ARG B 174 19.75 30.36 8.58
C ARG B 174 19.17 31.65 9.15
N LEU B 175 17.87 31.87 9.00
CA LEU B 175 17.25 33.01 9.68
C LEU B 175 17.43 32.91 11.19
N LEU B 176 17.18 31.71 11.74
CA LEU B 176 17.24 31.55 13.19
C LEU B 176 18.66 31.71 13.72
N ASP B 177 19.66 31.29 12.95
CA ASP B 177 21.04 31.57 13.35
C ASP B 177 21.28 33.07 13.47
N MET B 178 20.79 33.86 12.51
CA MET B 178 20.96 35.30 12.59
C MET B 178 20.22 35.88 13.79
N LEU B 179 18.98 35.45 14.02
CA LEU B 179 18.23 35.95 15.16
C LEU B 179 18.96 35.61 16.45
N LYS B 180 19.55 34.42 16.52
CA LYS B 180 20.34 34.03 17.68
C LYS B 180 21.51 34.98 17.90
N ASN B 181 22.19 35.35 16.82
CA ASN B 181 23.40 36.16 16.89
C ASN B 181 23.11 37.65 16.94
N GLY B 182 21.87 38.06 16.69
CA GLY B 182 21.55 39.48 16.67
C GLY B 182 21.97 40.19 15.40
N THR B 183 22.08 39.44 14.31
CA THR B 183 22.48 40.00 13.02
C THR B 183 21.33 40.04 12.02
N LEU B 184 20.16 39.51 12.36
CA LEU B 184 18.99 39.62 11.50
C LEU B 184 18.46 41.05 11.55
N LYS B 185 18.38 41.70 10.38
CA LYS B 185 18.03 43.11 10.36
C LYS B 185 16.53 43.37 10.18
N VAL B 186 15.78 42.45 9.60
CA VAL B 186 14.34 42.63 9.43
C VAL B 186 13.61 41.37 9.88
N PRO B 187 12.34 41.50 10.25
CA PRO B 187 11.57 40.33 10.68
C PRO B 187 11.25 39.42 9.50
N ALA B 188 10.97 38.15 9.83
CA ALA B 188 10.69 37.12 8.84
C ALA B 188 9.46 36.34 9.24
N ILE B 189 8.75 35.84 8.23
CA ILE B 189 7.74 34.81 8.42
C ILE B 189 8.37 33.50 7.97
N ASN B 190 8.27 32.48 8.83
CA ASN B 190 8.64 31.12 8.47
C ASN B 190 7.44 30.50 7.76
N VAL B 191 7.46 30.55 6.43
CA VAL B 191 6.39 29.96 5.64
C VAL B 191 6.46 28.44 5.67
N ASN B 192 7.67 27.88 5.85
CA ASN B 192 7.81 26.43 5.83
C ASN B 192 6.92 25.76 6.85
N ASP B 193 6.78 26.34 8.04
CA ASP B 193 6.17 25.58 9.13
C ASP B 193 4.65 25.72 9.20
N SER B 194 4.02 26.39 8.25
CA SER B 194 2.59 26.18 8.06
C SER B 194 2.35 24.71 7.76
N VAL B 195 1.28 24.15 8.34
CA VAL B 195 0.96 22.75 8.05
C VAL B 195 0.66 22.58 6.57
N THR B 196 -0.12 23.53 6.00
CA THR B 196 -0.38 23.46 4.57
C THR B 196 0.85 23.72 3.74
N LYS B 197 2.02 23.86 4.35
CA LYS B 197 3.28 23.88 3.62
C LYS B 197 4.11 22.66 3.98
N SER B 198 4.62 22.57 5.22
CA SER B 198 5.55 21.51 5.61
C SER B 198 4.96 20.11 5.40
N LYS B 199 3.73 19.89 5.87
CA LYS B 199 3.11 18.57 5.77
CA LYS B 199 3.13 18.56 5.76
C LYS B 199 2.34 18.39 4.48
N ASN B 200 2.67 19.16 3.45
CA ASN B 200 2.02 19.12 2.15
C ASN B 200 3.11 19.12 1.07
N ASP B 201 3.75 20.27 0.93
CA ASP B 201 4.90 20.45 0.04
C ASP B 201 6.05 19.49 0.40
N ASN B 202 6.59 19.59 1.62
CA ASN B 202 7.82 18.87 1.93
C ASN B 202 7.62 17.37 1.81
N LYS B 203 6.45 16.87 2.20
CA LYS B 203 6.19 15.42 2.26
C LYS B 203 5.55 14.92 0.97
N TYR B 204 4.30 15.31 0.72
CA TYR B 204 3.59 14.82 -0.46
C TYR B 204 4.20 15.33 -1.75
N GLY B 205 4.85 16.50 -1.71
CA GLY B 205 5.51 17.02 -2.89
C GLY B 205 6.62 16.11 -3.38
N CYS B 206 7.48 15.67 -2.46
CA CYS B 206 8.54 14.73 -2.83
C CYS B 206 7.99 13.35 -3.16
N ARG B 207 6.88 12.94 -2.53
CA ARG B 207 6.26 11.67 -2.89
C ARG B 207 5.90 11.65 -4.37
N HIS B 208 5.30 12.74 -4.85
CA HIS B 208 4.96 12.85 -6.26
C HIS B 208 6.20 12.89 -7.14
N SER B 209 7.21 13.68 -6.76
CA SER B 209 8.21 14.10 -7.73
C SER B 209 9.57 13.42 -7.62
N LEU B 210 9.83 12.60 -6.59
CA LEU B 210 11.11 11.91 -6.53
C LEU B 210 11.17 10.78 -7.56
N ASN B 211 10.22 9.84 -7.50
CA ASN B 211 10.22 8.77 -8.50
CA ASN B 211 10.19 8.76 -8.49
C ASN B 211 10.02 9.31 -9.90
N ASP B 212 9.30 10.44 -10.03
CA ASP B 212 9.15 11.12 -11.31
C ASP B 212 10.51 11.48 -11.91
N ALA B 213 11.36 12.16 -11.13
CA ALA B 213 12.67 12.60 -11.60
C ALA B 213 13.59 11.41 -11.90
N ILE B 214 13.57 10.38 -11.05
CA ILE B 214 14.39 9.21 -11.32
C ILE B 214 13.96 8.54 -12.62
N LYS B 215 12.64 8.46 -12.86
CA LYS B 215 12.21 7.83 -14.12
C LYS B 215 12.65 8.65 -15.32
N ARG B 216 12.52 9.98 -15.24
CA ARG B 216 12.87 10.80 -16.39
C ARG B 216 14.37 10.70 -16.69
N GLY B 217 15.20 10.59 -15.65
CA GLY B 217 16.63 10.56 -15.85
C GLY B 217 17.18 9.22 -16.31
N THR B 218 16.71 8.12 -15.72
CA THR B 218 17.26 6.80 -16.00
C THR B 218 16.28 5.84 -16.69
N ASP B 219 14.98 6.06 -16.57
CA ASP B 219 13.96 5.09 -16.99
C ASP B 219 14.21 3.73 -16.35
N HIS B 220 14.83 3.71 -15.16
CA HIS B 220 15.04 2.45 -14.44
C HIS B 220 13.74 1.93 -13.85
N LEU B 221 13.49 0.63 -13.99
CA LEU B 221 12.53 -0.04 -13.13
C LEU B 221 12.93 0.14 -11.66
N LEU B 222 11.97 0.51 -10.81
CA LEU B 222 12.25 0.61 -9.37
C LEU B 222 11.75 -0.59 -8.58
N SER B 223 10.66 -1.21 -9.00
CA SER B 223 10.10 -2.36 -8.28
C SER B 223 11.15 -3.45 -8.06
N GLY B 224 11.19 -4.00 -6.86
CA GLY B 224 12.09 -5.10 -6.54
C GLY B 224 13.53 -4.72 -6.23
N LYS B 225 13.95 -3.47 -6.43
CA LYS B 225 15.32 -3.06 -6.15
C LYS B 225 15.44 -2.44 -4.75
N GLN B 226 16.69 -2.33 -4.28
CA GLN B 226 17.01 -1.89 -2.91
CA GLN B 226 17.00 -1.88 -2.91
C GLN B 226 17.35 -0.40 -2.89
N ALA B 227 16.70 0.35 -1.99
CA ALA B 227 16.97 1.78 -1.84
C ALA B 227 17.44 2.09 -0.42
N LEU B 228 18.30 3.10 -0.31
CA LEU B 228 18.69 3.67 0.98
C LEU B 228 18.32 5.15 1.00
N VAL B 229 17.43 5.52 1.91
CA VAL B 229 17.02 6.91 2.09
C VAL B 229 17.70 7.42 3.37
N ILE B 230 18.55 8.44 3.23
CA ILE B 230 19.21 9.06 4.38
C ILE B 230 18.28 10.15 4.92
N GLY B 231 17.75 9.94 6.13
CA GLY B 231 16.91 10.96 6.75
C GLY B 231 15.43 10.62 6.65
N TYR B 232 14.65 10.96 7.69
CA TYR B 232 13.23 10.66 7.73
C TYR B 232 12.45 11.81 8.38
N GLY B 233 12.80 13.05 8.01
CA GLY B 233 11.97 14.21 8.30
C GLY B 233 10.83 14.27 7.32
N ASP B 234 10.33 15.46 7.03
CA ASP B 234 9.20 15.54 6.11
C ASP B 234 9.60 15.11 4.69
N VAL B 235 10.76 15.57 4.22
CA VAL B 235 11.25 15.19 2.89
C VAL B 235 11.56 13.70 2.84
N GLY B 236 12.18 13.17 3.91
CA GLY B 236 12.52 11.76 3.92
C GLY B 236 11.30 10.85 3.98
N LYS B 237 10.28 11.27 4.72
CA LYS B 237 9.02 10.53 4.76
C LYS B 237 8.41 10.43 3.37
N GLY B 238 8.29 11.58 2.69
CA GLY B 238 7.70 11.57 1.36
C GLY B 238 8.55 10.83 0.34
N SER B 239 9.88 10.94 0.45
CA SER B 239 10.77 10.27 -0.49
C SER B 239 10.69 8.76 -0.32
N SER B 240 10.73 8.29 0.93
CA SER B 240 10.57 6.87 1.19
C SER B 240 9.28 6.35 0.57
N GLN B 241 8.18 7.09 0.75
CA GLN B 241 6.91 6.65 0.19
C GLN B 241 6.95 6.68 -1.33
N SER B 242 7.66 7.66 -1.91
CA SER B 242 7.75 7.74 -3.37
C SER B 242 8.30 6.44 -3.93
N LEU B 243 9.23 5.82 -3.21
CA LEU B 243 9.94 4.62 -3.66
C LEU B 243 9.23 3.35 -3.23
N ARG B 244 8.74 3.31 -1.99
CA ARG B 244 8.00 2.13 -1.52
C ARG B 244 6.75 1.88 -2.38
N GLN B 245 6.02 2.93 -2.74
CA GLN B 245 4.79 2.75 -3.50
C GLN B 245 5.08 2.21 -4.90
N GLU B 246 6.32 2.35 -5.38
CA GLU B 246 6.76 1.77 -6.64
C GLU B 246 7.24 0.32 -6.50
N GLY B 247 7.27 -0.23 -5.29
CA GLY B 247 7.75 -1.59 -5.08
C GLY B 247 9.22 -1.71 -4.69
N MET B 248 9.91 -0.61 -4.43
CA MET B 248 11.28 -0.73 -3.92
C MET B 248 11.29 -1.30 -2.50
N ILE B 249 12.38 -1.99 -2.16
CA ILE B 249 12.65 -2.37 -0.79
C ILE B 249 13.49 -1.23 -0.19
N VAL B 250 12.89 -0.45 0.72
CA VAL B 250 13.48 0.81 1.19
C VAL B 250 14.02 0.61 2.58
N LYS B 251 15.30 0.95 2.78
CA LYS B 251 15.90 1.09 4.09
C LYS B 251 16.11 2.57 4.40
N VAL B 252 16.09 2.90 5.69
CA VAL B 252 16.07 4.30 6.12
C VAL B 252 17.14 4.52 7.20
N ALA B 253 17.90 5.59 7.05
CA ALA B 253 18.87 6.02 8.05
C ALA B 253 18.43 7.31 8.72
N GLU B 254 18.75 7.45 10.00
CA GLU B 254 18.35 8.61 10.79
C GLU B 254 19.33 8.84 11.93
N VAL B 255 19.48 10.10 12.32
CA VAL B 255 20.15 10.41 13.59
C VAL B 255 19.14 10.72 14.69
N ASP B 256 17.86 10.89 14.35
CA ASP B 256 16.84 11.25 15.31
C ASP B 256 16.04 10.01 15.68
N PRO B 257 16.14 9.53 16.92
CA PRO B 257 15.45 8.30 17.29
C PRO B 257 13.94 8.37 17.15
N ILE B 258 13.34 9.56 17.33
CA ILE B 258 11.88 9.67 17.14
C ILE B 258 11.52 9.44 15.68
N CYS B 259 12.22 10.12 14.76
CA CYS B 259 11.94 9.90 13.34
C CYS B 259 12.23 8.47 12.92
N ALA B 260 13.29 7.87 13.48
CA ALA B 260 13.57 6.46 13.21
C ALA B 260 12.47 5.56 13.75
N MET B 261 11.88 5.93 14.89
N MET B 261 11.87 5.94 14.89
CA MET B 261 10.75 5.18 15.40
CA MET B 261 10.75 5.15 15.40
C MET B 261 9.59 5.18 14.41
C MET B 261 9.59 5.18 14.41
N GLN B 262 9.32 6.34 13.81
CA GLN B 262 8.23 6.43 12.84
C GLN B 262 8.53 5.60 11.60
N ALA B 263 9.80 5.57 11.15
CA ALA B 263 10.14 4.75 9.99
C ALA B 263 9.89 3.27 10.27
N CYS B 264 10.24 2.81 11.48
CA CYS B 264 9.94 1.43 11.85
C CYS B 264 8.45 1.16 11.78
N MET B 265 7.64 2.02 12.38
CA MET B 265 6.20 1.80 12.40
C MET B 265 5.60 1.91 10.99
N ASP B 266 6.24 2.69 10.12
CA ASP B 266 5.77 2.80 8.74
C ASP B 266 6.17 1.60 7.89
N GLY B 267 6.85 0.62 8.48
CA GLY B 267 7.20 -0.60 7.75
C GLY B 267 8.53 -0.56 7.06
N PHE B 268 9.50 0.22 7.55
CA PHE B 268 10.84 0.29 6.97
C PHE B 268 11.87 -0.26 7.96
N GLU B 269 12.91 -0.87 7.42
CA GLU B 269 14.07 -1.29 8.20
C GLU B 269 15.02 -0.10 8.37
N VAL B 270 15.40 0.20 9.61
CA VAL B 270 16.28 1.34 9.90
C VAL B 270 17.70 0.82 10.07
N VAL B 271 18.63 1.36 9.26
CA VAL B 271 20.01 0.92 9.20
C VAL B 271 20.93 2.14 9.23
N SER B 272 22.19 1.89 9.53
CA SER B 272 23.18 2.95 9.42
C SER B 272 24.21 2.57 8.37
N PRO B 273 24.74 3.53 7.61
CA PRO B 273 25.87 3.22 6.72
C PRO B 273 27.09 2.72 7.47
N TYR B 274 27.17 2.95 8.79
CA TYR B 274 28.38 2.68 9.56
C TYR B 274 28.12 1.60 10.62
N LYS B 275 29.16 0.83 10.90
CA LYS B 275 29.09 -0.15 11.99
C LYS B 275 28.82 0.54 13.31
N ASN B 276 27.88 0.01 14.09
CA ASN B 276 27.44 0.59 15.35
C ASN B 276 26.95 2.02 15.20
N GLY B 277 26.66 2.44 13.96
CA GLY B 277 26.29 3.82 13.71
C GLY B 277 27.36 4.85 13.93
N ILE B 278 28.62 4.45 14.12
CA ILE B 278 29.71 5.37 14.43
C ILE B 278 30.46 5.74 13.16
N ASN B 279 30.44 7.03 12.82
CA ASN B 279 31.02 7.54 11.58
C ASN B 279 32.39 8.14 11.91
N ASP B 280 33.41 7.27 11.97
CA ASP B 280 34.76 7.67 12.30
C ASP B 280 35.59 8.04 11.09
N GLY B 281 35.00 8.05 9.90
CA GLY B 281 35.70 8.50 8.71
C GLY B 281 36.65 7.51 8.07
N THR B 282 36.65 6.23 8.48
CA THR B 282 37.49 5.24 7.85
C THR B 282 36.66 4.27 7.02
N GLU B 283 37.33 3.62 6.07
CA GLU B 283 36.66 2.57 5.30
C GLU B 283 36.18 1.45 6.22
N ALA B 284 36.96 1.13 7.25
CA ALA B 284 36.57 0.03 8.14
C ALA B 284 35.22 0.30 8.79
N SER B 285 34.81 1.56 8.91
CA SER B 285 33.53 1.87 9.53
C SER B 285 32.34 1.55 8.62
N ILE B 286 32.54 1.50 7.31
CA ILE B 286 31.41 1.30 6.40
C ILE B 286 30.90 -0.13 6.51
N ASP B 287 29.58 -0.27 6.60
CA ASP B 287 28.94 -1.57 6.42
C ASP B 287 28.98 -1.94 4.95
N ALA B 288 30.04 -2.63 4.53
CA ALA B 288 30.26 -2.89 3.11
C ALA B 288 29.20 -3.83 2.53
N ALA B 289 28.77 -4.83 3.31
CA ALA B 289 27.74 -5.72 2.82
C ALA B 289 26.45 -4.95 2.53
N LEU B 290 26.08 -4.00 3.40
CA LEU B 290 24.89 -3.20 3.16
C LEU B 290 25.04 -2.35 1.91
N LEU B 291 26.10 -1.53 1.86
CA LEU B 291 26.26 -0.60 0.74
C LEU B 291 26.38 -1.36 -0.58
N GLY B 292 26.97 -2.55 -0.54
CA GLY B 292 27.14 -3.37 -1.73
C GLY B 292 25.85 -3.95 -2.29
N LYS B 293 24.74 -3.86 -1.56
CA LYS B 293 23.42 -4.31 -1.98
C LYS B 293 22.52 -3.21 -2.50
N ILE B 294 22.92 -1.94 -2.36
CA ILE B 294 22.01 -0.81 -2.53
C ILE B 294 22.03 -0.35 -3.99
N ASP B 295 20.84 -0.28 -4.61
CA ASP B 295 20.69 0.15 -6.00
C ASP B 295 20.41 1.63 -6.14
N LEU B 296 20.00 2.30 -5.05
CA LEU B 296 19.58 3.69 -5.12
C LEU B 296 19.73 4.31 -3.74
N ILE B 297 20.43 5.43 -3.66
CA ILE B 297 20.60 6.16 -2.40
C ILE B 297 20.10 7.59 -2.62
N VAL B 298 19.26 8.06 -1.69
CA VAL B 298 18.66 9.39 -1.76
C VAL B 298 18.93 10.10 -0.44
N THR B 299 19.45 11.33 -0.51
CA THR B 299 19.73 12.14 0.68
C THR B 299 18.61 13.16 0.87
N THR B 300 18.16 13.32 2.12
CA THR B 300 17.00 14.18 2.39
C THR B 300 17.20 15.08 3.63
N THR B 301 18.43 15.32 4.06
CA THR B 301 18.65 15.75 5.43
C THR B 301 18.74 17.26 5.64
N GLY B 302 19.14 18.04 4.63
CA GLY B 302 19.55 19.39 4.96
C GLY B 302 20.86 19.49 5.74
N ASN B 303 21.60 18.38 5.88
CA ASN B 303 22.87 18.32 6.59
C ASN B 303 24.01 18.19 5.56
N VAL B 304 25.24 18.01 6.04
CA VAL B 304 26.43 18.03 5.18
C VAL B 304 27.09 16.66 5.17
N ASN B 305 27.47 16.20 3.99
CA ASN B 305 28.26 14.98 3.81
C ASN B 305 27.58 13.76 4.45
N VAL B 306 26.29 13.58 4.17
CA VAL B 306 25.60 12.38 4.68
C VAL B 306 25.67 11.22 3.69
N CYS B 307 26.20 11.45 2.48
CA CYS B 307 26.58 10.39 1.55
C CYS B 307 28.05 10.69 1.21
N ASP B 308 28.97 10.11 1.98
CA ASP B 308 30.37 10.52 1.96
C ASP B 308 31.20 9.66 1.01
N ALA B 309 32.51 9.95 0.99
CA ALA B 309 33.40 9.31 0.03
C ALA B 309 33.49 7.80 0.24
N ASN B 310 33.66 7.37 1.49
CA ASN B 310 33.74 5.93 1.73
C ASN B 310 32.44 5.23 1.38
N MET B 311 31.28 5.89 1.59
CA MET B 311 30.03 5.28 1.15
C MET B 311 29.98 5.15 -0.38
N LEU B 312 30.41 6.19 -1.10
CA LEU B 312 30.41 6.13 -2.56
C LEU B 312 31.32 5.01 -3.07
N LYS B 313 32.47 4.82 -2.40
CA LYS B 313 33.39 3.77 -2.80
C LYS B 313 32.80 2.38 -2.57
N ALA B 314 31.92 2.24 -1.59
CA ALA B 314 31.38 0.93 -1.26
C ALA B 314 30.08 0.60 -1.98
N LEU B 315 29.40 1.60 -2.55
CA LEU B 315 28.12 1.39 -3.21
C LEU B 315 28.22 0.28 -4.28
N LYS B 316 27.14 -0.48 -4.40
CA LYS B 316 26.99 -1.45 -5.49
C LYS B 316 27.27 -0.80 -6.84
N LYS B 317 27.92 -1.55 -7.73
CA LYS B 317 28.14 -1.08 -9.09
C LYS B 317 26.84 -0.65 -9.75
N ARG B 318 26.88 0.48 -10.47
CA ARG B 318 25.76 1.01 -11.24
C ARG B 318 24.62 1.53 -10.37
N ALA B 319 24.89 1.79 -9.09
CA ALA B 319 23.89 2.43 -8.24
C ALA B 319 23.59 3.83 -8.75
N VAL B 320 22.35 4.27 -8.52
CA VAL B 320 21.95 5.65 -8.77
C VAL B 320 22.12 6.43 -7.47
N VAL B 321 22.65 7.67 -7.58
CA VAL B 321 22.93 8.55 -6.45
C VAL B 321 22.23 9.89 -6.69
N CYS B 322 21.41 10.34 -5.72
CA CYS B 322 20.76 11.64 -5.91
C CYS B 322 20.42 12.28 -4.57
N ASN B 323 20.22 13.60 -4.62
CA ASN B 323 19.93 14.42 -3.44
C ASN B 323 18.66 15.20 -3.70
N ILE B 324 17.76 15.23 -2.71
CA ILE B 324 16.55 16.02 -2.78
C ILE B 324 16.47 17.05 -1.64
N GLY B 325 17.51 17.14 -0.80
CA GLY B 325 17.68 18.29 0.06
C GLY B 325 18.10 19.52 -0.72
N HIS B 326 18.05 20.67 -0.04
CA HIS B 326 18.16 21.96 -0.71
C HIS B 326 19.53 22.16 -1.35
N PHE B 327 20.60 21.70 -0.71
CA PHE B 327 21.96 22.03 -1.13
C PHE B 327 22.71 20.75 -1.49
N ASP B 328 23.63 20.86 -2.45
CA ASP B 328 24.29 19.67 -2.99
C ASP B 328 25.40 19.11 -2.10
N ASN B 329 25.78 19.80 -1.03
CA ASN B 329 26.82 19.27 -0.17
C ASN B 329 26.35 18.09 0.66
N GLU B 330 25.09 17.66 0.56
CA GLU B 330 24.71 16.42 1.22
C GLU B 330 25.52 15.24 0.70
N ILE B 331 26.02 15.35 -0.53
CA ILE B 331 26.78 14.29 -1.20
C ILE B 331 28.16 14.81 -1.50
N ASP B 332 29.18 13.99 -1.20
CA ASP B 332 30.56 14.42 -1.46
C ASP B 332 30.85 14.31 -2.95
N THR B 333 30.28 15.25 -3.71
CA THR B 333 30.55 15.26 -5.14
C THR B 333 31.93 15.83 -5.46
N ALA B 334 32.47 16.67 -4.57
CA ALA B 334 33.83 17.17 -4.78
C ALA B 334 34.83 16.03 -4.82
N PHE B 335 34.65 15.03 -3.95
CA PHE B 335 35.50 13.85 -4.02
C PHE B 335 35.42 13.21 -5.40
N MET B 336 34.20 13.03 -5.92
CA MET B 336 34.04 12.37 -7.20
C MET B 336 34.64 13.18 -8.33
N ARG B 337 34.50 14.50 -8.28
CA ARG B 337 35.11 15.35 -9.31
C ARG B 337 36.62 15.22 -9.30
N LYS B 338 37.22 15.07 -8.12
CA LYS B 338 38.67 15.06 -7.99
C LYS B 338 39.29 13.71 -8.34
N ASN B 339 38.53 12.62 -8.22
CA ASN B 339 39.11 11.28 -8.33
C ASN B 339 38.56 10.44 -9.47
N TRP B 340 37.33 10.68 -9.92
CA TRP B 340 36.66 9.81 -10.88
C TRP B 340 36.30 10.57 -12.14
N ALA B 341 36.17 9.83 -13.24
CA ALA B 341 35.90 10.39 -14.55
C ALA B 341 34.39 10.40 -14.81
N TRP B 342 33.89 11.55 -15.26
CA TRP B 342 32.46 11.77 -15.44
C TRP B 342 32.11 11.62 -16.91
N GLU B 343 31.09 10.81 -17.18
CA GLU B 343 30.58 10.61 -18.54
C GLU B 343 29.15 11.09 -18.58
N GLU B 344 28.88 12.13 -19.38
CA GLU B 344 27.53 12.67 -19.47
C GLU B 344 26.68 11.76 -20.35
N VAL B 345 25.59 11.26 -19.78
CA VAL B 345 24.62 10.49 -20.56
C VAL B 345 23.74 11.44 -21.37
N LYS B 346 23.13 12.40 -20.69
CA LYS B 346 22.36 13.50 -21.22
C LYS B 346 22.35 14.57 -20.13
N PRO B 347 21.83 15.77 -20.39
CA PRO B 347 21.85 16.81 -19.37
C PRO B 347 21.31 16.32 -18.02
N GLN B 348 22.03 16.68 -16.95
CA GLN B 348 21.69 16.33 -15.58
C GLN B 348 21.68 14.82 -15.34
N VAL B 349 22.42 14.06 -16.15
CA VAL B 349 22.58 12.62 -15.93
C VAL B 349 24.01 12.27 -16.28
N HIS B 350 24.81 11.86 -15.28
CA HIS B 350 26.22 11.54 -15.47
C HIS B 350 26.53 10.16 -14.92
N LYS B 351 27.29 9.39 -15.69
CA LYS B 351 27.95 8.19 -15.18
C LYS B 351 29.29 8.60 -14.58
N ILE B 352 29.58 8.12 -13.38
CA ILE B 352 30.83 8.42 -12.68
C ILE B 352 31.64 7.13 -12.62
N HIS B 353 32.76 7.11 -13.34
CA HIS B 353 33.55 5.89 -13.51
C HIS B 353 34.59 5.81 -12.40
N ARG B 354 34.46 4.82 -11.53
CA ARG B 354 35.34 4.66 -10.38
C ARG B 354 36.68 4.04 -10.75
N THR B 355 36.99 3.94 -12.03
CA THR B 355 38.27 3.40 -12.47
C THR B 355 39.39 4.44 -12.49
N GLY B 356 39.09 5.70 -12.21
CA GLY B 356 40.12 6.71 -12.13
C GLY B 356 39.66 8.01 -12.77
N LYS B 357 40.59 8.96 -12.86
CA LYS B 357 40.34 10.30 -13.38
C LYS B 357 40.69 10.44 -14.85
N ASP B 358 41.75 9.78 -15.31
CA ASP B 358 42.28 9.95 -16.66
C ASP B 358 41.49 9.08 -17.65
N GLY B 359 40.33 9.58 -18.06
CA GLY B 359 39.53 8.90 -19.05
C GLY B 359 38.77 7.71 -18.48
N PHE B 360 38.00 7.07 -19.34
CA PHE B 360 37.18 5.92 -18.96
C PHE B 360 36.99 5.00 -20.17
N ASP B 361 36.61 3.76 -19.88
CA ASP B 361 36.26 2.79 -20.92
C ASP B 361 34.75 2.84 -21.15
N ALA B 362 34.35 3.14 -22.39
CA ALA B 362 32.93 3.30 -22.68
C ALA B 362 32.08 2.11 -22.25
N HIS B 363 32.68 0.93 -22.08
CA HIS B 363 31.95 -0.26 -21.66
C HIS B 363 32.29 -0.68 -20.24
N ASN B 364 32.92 0.20 -19.46
CA ASN B 364 33.22 -0.10 -18.08
C ASN B 364 31.93 -0.40 -17.32
N ASP B 365 31.97 -1.40 -16.44
CA ASP B 365 30.80 -1.73 -15.63
C ASP B 365 30.84 -1.11 -14.24
N ASP B 366 31.99 -0.61 -13.80
CA ASP B 366 32.17 -0.02 -12.47
C ASP B 366 31.92 1.49 -12.55
N TYR B 367 30.65 1.86 -12.49
CA TYR B 367 30.29 3.28 -12.49
C TYR B 367 29.08 3.48 -11.59
N LEU B 368 28.86 4.73 -11.20
CA LEU B 368 27.63 5.16 -10.54
C LEU B 368 26.94 6.17 -11.44
N ILE B 369 25.62 6.29 -11.28
CA ILE B 369 24.84 7.28 -12.01
C ILE B 369 24.41 8.36 -11.02
N LEU B 370 24.88 9.59 -11.26
CA LEU B 370 24.53 10.75 -10.44
C LEU B 370 23.54 11.61 -11.20
N LEU B 371 22.47 12.03 -10.53
CA LEU B 371 21.42 12.86 -11.13
C LEU B 371 21.57 14.32 -10.71
N ALA B 372 21.42 15.23 -11.69
CA ALA B 372 21.45 16.68 -11.46
C ALA B 372 22.74 17.15 -10.76
N GLU B 373 23.82 16.40 -10.93
CA GLU B 373 25.11 16.72 -10.29
C GLU B 373 24.97 16.93 -8.79
N GLY B 374 24.04 16.22 -8.16
CA GLY B 374 23.82 16.32 -6.73
C GLY B 374 22.89 17.42 -6.28
N ARG B 375 22.40 18.27 -7.19
CA ARG B 375 21.43 19.30 -6.86
C ARG B 375 20.04 18.69 -6.72
N LEU B 376 19.12 19.47 -6.14
CA LEU B 376 17.72 19.09 -5.98
C LEU B 376 17.21 18.28 -7.15
N VAL B 377 16.98 16.98 -6.96
CA VAL B 377 16.75 16.07 -8.09
C VAL B 377 15.33 16.21 -8.64
N ASN B 378 14.34 16.50 -7.81
CA ASN B 378 12.97 16.59 -8.33
C ASN B 378 12.83 17.78 -9.27
N LEU B 379 13.44 18.90 -8.92
CA LEU B 379 13.45 20.06 -9.82
C LEU B 379 14.50 19.94 -10.92
N GLY B 380 15.60 19.23 -10.65
CA GLY B 380 16.68 19.14 -11.62
C GLY B 380 16.39 18.22 -12.79
N ASN B 381 15.80 17.06 -12.53
CA ASN B 381 15.51 16.08 -13.57
C ASN B 381 14.04 16.00 -13.94
N ALA B 382 13.16 16.72 -13.22
CA ALA B 382 11.75 16.77 -13.61
C ALA B 382 11.24 18.20 -13.46
N THR B 383 10.07 18.40 -12.82
CA THR B 383 9.49 19.73 -12.72
C THR B 383 9.13 20.09 -11.28
N GLY B 384 9.75 19.42 -10.32
CA GLY B 384 9.44 19.63 -8.91
C GLY B 384 8.00 19.24 -8.59
N HIS B 385 7.45 19.89 -7.57
CA HIS B 385 6.12 19.60 -7.06
C HIS B 385 5.05 19.99 -8.07
N PRO B 386 3.92 19.30 -8.06
CA PRO B 386 2.82 19.67 -8.95
C PRO B 386 2.06 20.90 -8.43
N SER B 387 1.36 21.54 -9.36
CA SER B 387 0.68 22.79 -9.06
C SER B 387 -0.26 22.66 -7.88
N ARG B 388 -1.07 21.60 -7.85
CA ARG B 388 -2.09 21.50 -6.79
C ARG B 388 -1.47 21.39 -5.41
N ILE B 389 -0.23 20.93 -5.30
CA ILE B 389 0.48 20.93 -4.02
C ILE B 389 1.08 22.31 -3.76
N MET B 390 1.78 22.88 -4.75
CA MET B 390 2.37 24.19 -4.54
C MET B 390 1.33 25.27 -4.28
N ASP B 391 0.07 25.02 -4.63
CA ASP B 391 -1.03 25.90 -4.25
C ASP B 391 -0.98 26.24 -2.76
N GLY B 392 -0.82 25.23 -1.90
CA GLY B 392 -0.76 25.48 -0.47
C GLY B 392 0.41 26.37 -0.09
N SER B 393 1.62 25.96 -0.48
CA SER B 393 2.83 26.72 -0.17
C SER B 393 2.68 28.18 -0.56
N PHE B 394 2.22 28.42 -1.80
CA PHE B 394 2.27 29.77 -2.34
C PHE B 394 1.12 30.63 -1.87
N ALA B 395 0.01 30.04 -1.46
CA ALA B 395 -1.02 30.83 -0.79
C ALA B 395 -0.52 31.34 0.55
N ASN B 396 0.26 30.53 1.26
CA ASN B 396 0.94 30.99 2.48
C ASN B 396 1.91 32.12 2.18
N GLN B 397 2.72 31.97 1.13
CA GLN B 397 3.65 33.04 0.74
C GLN B 397 2.90 34.35 0.55
N VAL B 398 1.83 34.34 -0.24
CA VAL B 398 1.09 35.56 -0.51
C VAL B 398 0.62 36.20 0.79
N LEU B 399 -0.04 35.41 1.66
CA LEU B 399 -0.55 35.99 2.91
C LEU B 399 0.59 36.47 3.80
N ALA B 400 1.72 35.76 3.79
CA ALA B 400 2.90 36.20 4.54
C ALA B 400 3.36 37.57 4.07
N GLN B 401 3.43 37.75 2.76
CA GLN B 401 3.83 39.04 2.20
C GLN B 401 2.90 40.16 2.65
N ILE B 402 1.58 39.94 2.60
CA ILE B 402 0.64 40.96 3.04
C ILE B 402 0.83 41.26 4.53
N HIS B 403 0.89 40.20 5.34
CA HIS B 403 1.08 40.31 6.79
C HIS B 403 2.23 41.25 7.12
N LEU B 404 3.42 40.96 6.59
CA LEU B 404 4.59 41.76 6.94
C LEU B 404 4.52 43.14 6.30
N PHE B 405 4.08 43.23 5.05
CA PHE B 405 4.05 44.53 4.39
C PHE B 405 3.09 45.49 5.10
N GLU B 406 1.93 44.99 5.55
CA GLU B 406 0.96 45.84 6.23
C GLU B 406 1.42 46.28 7.61
N GLN B 407 2.50 45.71 8.14
CA GLN B 407 2.99 46.07 9.47
CA GLN B 407 2.97 46.09 9.47
C GLN B 407 4.09 47.13 9.43
N LYS B 408 4.74 47.33 8.28
CA LYS B 408 5.66 48.44 8.05
C LYS B 408 6.76 48.53 9.11
N TYR B 409 7.50 47.43 9.27
CA TYR B 409 8.62 47.40 10.21
C TYR B 409 9.62 48.51 9.93
N ALA B 410 9.94 48.72 8.65
CA ALA B 410 11.00 49.66 8.27
C ALA B 410 10.68 51.10 8.66
N ASP B 411 9.41 51.44 8.86
CA ASP B 411 9.06 52.79 9.28
C ASP B 411 9.18 53.00 10.78
N LEU B 412 9.53 51.96 11.54
CA LEU B 412 9.57 52.08 13.00
C LEU B 412 10.89 52.68 13.46
N PRO B 413 10.91 53.28 14.65
CA PRO B 413 12.19 53.65 15.26
C PRO B 413 12.91 52.41 15.77
N ALA B 414 14.21 52.58 16.02
CA ALA B 414 15.06 51.44 16.36
C ALA B 414 14.56 50.71 17.61
N ALA B 415 14.15 51.47 18.64
CA ALA B 415 13.65 50.85 19.85
C ALA B 415 12.42 50.00 19.57
N GLU B 416 11.54 50.46 18.68
CA GLU B 416 10.36 49.68 18.32
C GLU B 416 10.72 48.48 17.45
N LYS B 417 11.66 48.65 16.52
CA LYS B 417 12.08 47.50 15.72
C LYS B 417 12.55 46.36 16.62
N ALA B 418 13.33 46.70 17.65
CA ALA B 418 13.89 45.67 18.51
C ALA B 418 12.80 44.80 19.12
N LYS B 419 11.68 45.42 19.53
CA LYS B 419 10.58 44.65 20.08
C LYS B 419 9.83 43.88 19.00
N ARG B 420 9.86 44.36 17.76
CA ARG B 420 9.12 43.73 16.67
C ARG B 420 9.93 42.67 15.93
N LEU B 421 11.25 42.67 16.07
CA LEU B 421 12.08 41.72 15.35
C LEU B 421 11.78 40.30 15.81
N SER B 422 11.55 39.40 14.85
CA SER B 422 11.18 38.03 15.20
C SER B 422 11.12 37.19 13.94
N VAL B 423 11.00 35.88 14.14
CA VAL B 423 10.77 34.91 13.08
C VAL B 423 9.57 34.08 13.52
N GLU B 424 8.43 34.26 12.86
CA GLU B 424 7.18 33.66 13.30
C GLU B 424 6.50 32.92 12.16
N VAL B 425 5.53 32.08 12.52
CA VAL B 425 4.69 31.40 11.55
C VAL B 425 3.36 32.15 11.46
N LEU B 426 2.63 31.88 10.38
CA LEU B 426 1.30 32.43 10.24
C LEU B 426 0.36 31.84 11.30
N PRO B 427 -0.64 32.60 11.73
CA PRO B 427 -1.62 32.05 12.68
C PRO B 427 -2.37 30.86 12.09
N LYS B 428 -2.74 29.94 12.98
CA LYS B 428 -3.41 28.71 12.55
C LYS B 428 -4.65 29.00 11.72
N LYS B 429 -5.36 30.09 12.03
CA LYS B 429 -6.59 30.41 11.30
C LYS B 429 -6.34 30.56 9.81
N LEU B 430 -5.25 31.24 9.42
CA LEU B 430 -4.91 31.35 8.00
C LEU B 430 -4.54 29.98 7.41
N ASP B 431 -3.77 29.20 8.18
CA ASP B 431 -3.43 27.84 7.79
C ASP B 431 -4.69 27.05 7.44
N GLU B 432 -5.70 27.13 8.31
CA GLU B 432 -6.94 26.39 8.09
C GLU B 432 -7.69 26.89 6.86
N GLU B 433 -7.68 28.21 6.63
CA GLU B 433 -8.36 28.79 5.48
C GLU B 433 -7.74 28.34 4.18
N VAL B 434 -6.41 28.33 4.11
CA VAL B 434 -5.72 27.74 2.96
C VAL B 434 -6.17 26.29 2.77
N ALA B 435 -6.16 25.53 3.86
CA ALA B 435 -6.47 24.11 3.77
C ALA B 435 -7.88 23.86 3.22
N LEU B 436 -8.85 24.68 3.67
CA LEU B 436 -10.23 24.53 3.21
C LEU B 436 -10.34 24.74 1.70
N GLU B 437 -9.60 25.71 1.16
CA GLU B 437 -9.63 25.91 -0.29
C GLU B 437 -9.00 24.72 -1.00
N MET B 438 -7.96 24.11 -0.42
CA MET B 438 -7.37 22.93 -1.04
C MET B 438 -8.34 21.76 -1.03
N VAL B 439 -9.04 21.56 0.09
CA VAL B 439 -10.01 20.48 0.18
C VAL B 439 -11.11 20.67 -0.85
N LYS B 440 -11.62 21.90 -0.97
CA LYS B 440 -12.68 22.16 -1.94
C LYS B 440 -12.23 21.86 -3.37
N GLY B 441 -10.95 22.09 -3.68
CA GLY B 441 -10.47 21.80 -5.03
C GLY B 441 -10.50 20.32 -5.36
N PHE B 442 -10.43 19.45 -4.36
CA PHE B 442 -10.61 18.02 -4.53
C PHE B 442 -12.08 17.62 -4.58
N GLY B 443 -13.00 18.55 -4.37
CA GLY B 443 -14.40 18.18 -4.20
C GLY B 443 -14.75 17.70 -2.81
N GLY B 444 -13.83 17.78 -1.86
CA GLY B 444 -14.14 17.37 -0.50
C GLY B 444 -15.11 18.31 0.17
N VAL B 445 -15.90 17.75 1.08
CA VAL B 445 -16.93 18.50 1.82
C VAL B 445 -16.61 18.40 3.31
N VAL B 446 -16.26 19.53 3.90
CA VAL B 446 -15.98 19.60 5.33
C VAL B 446 -17.30 19.71 6.09
N THR B 447 -17.40 19.04 7.24
CA THR B 447 -18.60 19.07 8.04
C THR B 447 -18.53 20.22 9.04
N GLN B 448 -19.69 20.81 9.33
CA GLN B 448 -19.79 21.95 10.23
C GLN B 448 -20.24 21.48 11.61
N LEU B 449 -19.49 21.86 12.65
CA LEU B 449 -19.90 21.59 14.02
C LEU B 449 -21.26 22.19 14.34
N THR B 450 -22.07 21.48 15.13
CA THR B 450 -23.22 22.13 15.75
C THR B 450 -22.74 22.99 16.90
N PRO B 451 -23.56 23.96 17.33
CA PRO B 451 -23.19 24.72 18.53
C PRO B 451 -22.86 23.82 19.72
N LYS B 452 -23.69 22.81 19.97
CA LYS B 452 -23.45 21.91 21.09
C LYS B 452 -22.12 21.17 20.94
N GLN B 453 -21.77 20.75 19.72
CA GLN B 453 -20.51 20.03 19.52
C GLN B 453 -19.32 20.96 19.69
N ALA B 454 -19.43 22.19 19.16
CA ALA B 454 -18.36 23.17 19.34
C ALA B 454 -18.07 23.41 20.81
N GLU B 455 -19.12 23.60 21.61
CA GLU B 455 -18.93 23.78 23.05
C GLU B 455 -18.36 22.52 23.69
N TYR B 456 -18.74 21.34 23.21
CA TYR B 456 -18.27 20.10 23.83
C TYR B 456 -16.76 19.98 23.79
N ILE B 457 -16.14 20.40 22.69
CA ILE B 457 -14.69 20.28 22.53
C ILE B 457 -13.98 21.61 22.70
N GLY B 458 -14.69 22.68 23.05
CA GLY B 458 -14.07 23.95 23.41
C GLY B 458 -13.47 24.75 22.27
N VAL B 459 -14.14 24.77 21.11
CA VAL B 459 -13.70 25.54 19.95
C VAL B 459 -14.87 26.35 19.43
N SER B 460 -14.55 27.33 18.59
CA SER B 460 -15.55 28.04 17.81
C SER B 460 -15.97 27.22 16.60
N VAL B 461 -17.22 27.43 16.17
CA VAL B 461 -17.70 26.76 14.96
C VAL B 461 -16.83 27.12 13.77
N GLU B 462 -16.20 28.30 13.80
CA GLU B 462 -15.36 28.76 12.70
C GLU B 462 -13.89 28.40 12.85
N GLY B 463 -13.51 27.67 13.90
CA GLY B 463 -12.12 27.41 14.18
C GLY B 463 -11.45 28.62 14.81
N PRO B 464 -10.15 28.52 15.16
CA PRO B 464 -9.26 27.36 14.94
C PRO B 464 -9.75 26.11 15.68
N PHE B 465 -9.50 24.95 15.11
CA PHE B 465 -10.01 23.70 15.65
C PHE B 465 -9.02 22.97 16.54
N LYS B 466 -7.75 23.40 16.57
CA LYS B 466 -6.72 22.73 17.34
C LYS B 466 -5.91 23.75 18.13
N PRO B 467 -5.44 23.38 19.32
CA PRO B 467 -4.46 24.22 20.03
C PRO B 467 -3.16 24.32 19.23
N ASP B 468 -2.40 25.38 19.52
CA ASP B 468 -1.16 25.63 18.79
C ASP B 468 -0.13 24.53 19.01
N THR B 469 -0.26 23.73 20.07
CA THR B 469 0.66 22.61 20.30
C THR B 469 0.40 21.41 19.38
N TYR B 470 -0.71 21.37 18.64
CA TYR B 470 -1.08 20.16 17.90
C TYR B 470 -0.12 19.90 16.75
N ARG B 471 0.22 18.62 16.54
CA ARG B 471 1.22 18.24 15.56
C ARG B 471 0.64 17.65 14.28
N TYR B 472 -0.65 17.31 14.26
CA TYR B 472 -1.24 16.72 13.06
C TYR B 472 -0.50 15.44 12.64
N ALA C 11 -3.79 -16.39 49.60
CA ALA C 11 -3.69 -16.69 51.03
C ALA C 11 -3.54 -15.40 51.83
N GLY C 12 -4.46 -15.16 52.76
CA GLY C 12 -4.42 -13.98 53.59
C GLY C 12 -4.77 -12.69 52.87
N PHE C 13 -4.27 -12.54 51.64
CA PHE C 13 -4.53 -11.33 50.85
C PHE C 13 -5.87 -11.43 50.14
N THR C 14 -6.76 -10.48 50.43
CA THR C 14 -8.11 -10.48 49.89
C THR C 14 -8.50 -9.14 49.27
N ASP C 15 -7.55 -8.22 49.09
CA ASP C 15 -7.84 -6.82 48.77
C ASP C 15 -7.87 -6.61 47.27
N TYR C 16 -8.89 -7.21 46.63
CA TYR C 16 -9.03 -7.15 45.18
C TYR C 16 -10.42 -7.64 44.81
N LYS C 17 -10.74 -7.56 43.51
CA LYS C 17 -11.94 -8.20 42.99
C LYS C 17 -11.78 -8.37 41.49
N VAL C 18 -11.70 -9.63 41.03
CA VAL C 18 -11.55 -9.96 39.63
C VAL C 18 -12.54 -11.06 39.27
N ALA C 19 -12.68 -11.31 37.96
CA ALA C 19 -13.66 -12.29 37.49
C ALA C 19 -13.32 -13.70 37.98
N ASP C 20 -12.07 -14.10 37.83
CA ASP C 20 -11.70 -15.49 38.07
C ASP C 20 -10.21 -15.53 38.40
N ILE C 21 -9.89 -15.75 39.67
CA ILE C 21 -8.49 -15.73 40.10
C ILE C 21 -7.71 -16.89 39.48
N THR C 22 -8.37 -18.00 39.11
CA THR C 22 -7.64 -19.13 38.56
C THR C 22 -6.98 -18.83 37.22
N LEU C 23 -7.29 -17.69 36.61
CA LEU C 23 -6.66 -17.29 35.35
C LEU C 23 -5.28 -16.67 35.55
N ALA C 24 -4.78 -16.61 36.79
CA ALA C 24 -3.54 -15.89 37.07
C ALA C 24 -2.35 -16.51 36.34
N ALA C 25 -2.22 -17.84 36.40
CA ALA C 25 -1.08 -18.50 35.76
C ALA C 25 -1.01 -18.17 34.27
N TRP C 26 -2.16 -18.16 33.59
CA TRP C 26 -2.20 -17.82 32.17
C TRP C 26 -1.80 -16.36 31.96
N GLY C 27 -2.31 -15.46 32.80
CA GLY C 27 -1.88 -14.07 32.73
C GLY C 27 -0.39 -13.90 32.95
N ARG C 28 0.17 -14.64 33.91
CA ARG C 28 1.61 -14.57 34.15
C ARG C 28 2.40 -14.95 32.89
N ARG C 29 1.95 -16.00 32.18
CA ARG C 29 2.68 -16.42 30.99
C ARG C 29 2.67 -15.32 29.94
N GLU C 30 1.53 -14.65 29.75
CA GLU C 30 1.45 -13.58 28.77
C GLU C 30 2.20 -12.34 29.24
N LEU C 31 2.29 -12.12 30.56
CA LEU C 31 3.11 -11.02 31.06
C LEU C 31 4.59 -11.24 30.73
N ILE C 32 5.08 -12.46 30.92
CA ILE C 32 6.47 -12.76 30.61
C ILE C 32 6.76 -12.54 29.13
N ILE C 33 5.82 -12.91 28.26
CA ILE C 33 5.99 -12.64 26.83
C ILE C 33 5.97 -11.13 26.57
N ALA C 34 5.06 -10.40 27.24
CA ALA C 34 4.95 -8.98 26.95
C ALA C 34 6.19 -8.21 27.43
N GLU C 35 6.84 -8.70 28.47
CA GLU C 35 8.07 -8.06 28.93
C GLU C 35 9.13 -8.07 27.84
N SER C 36 9.16 -9.11 27.00
CA SER C 36 10.12 -9.16 25.90
C SER C 36 9.70 -8.28 24.73
N GLU C 37 8.44 -7.84 24.70
CA GLU C 37 7.95 -6.94 23.66
C GLU C 37 8.04 -5.47 24.07
N MET C 38 8.51 -5.17 25.28
CA MET C 38 8.45 -3.81 25.84
C MET C 38 9.82 -3.39 26.35
N PRO C 39 10.78 -3.16 25.45
CA PRO C 39 12.16 -2.89 25.91
C PRO C 39 12.34 -1.54 26.58
N ALA C 40 11.60 -0.51 26.16
CA ALA C 40 11.70 0.80 26.81
C ALA C 40 11.27 0.71 28.27
N LEU C 41 10.16 0.02 28.51
CA LEU C 41 9.62 -0.10 29.85
C LEU C 41 10.50 -0.99 30.72
N MET C 42 10.86 -2.18 30.21
N MET C 42 10.89 -2.15 30.21
CA MET C 42 11.81 -3.03 30.89
CA MET C 42 11.80 -2.99 30.97
C MET C 42 13.11 -2.28 31.16
C MET C 42 13.19 -2.39 31.10
N GLY C 43 13.54 -1.45 30.21
CA GLY C 43 14.80 -0.73 30.39
C GLY C 43 14.73 0.21 31.58
N LEU C 44 13.59 0.91 31.73
CA LEU C 44 13.40 1.75 32.90
C LEU C 44 13.41 0.92 34.18
N ARG C 45 12.75 -0.23 34.14
CA ARG C 45 12.72 -1.12 35.29
C ARG C 45 14.13 -1.45 35.75
N ARG C 46 15.01 -1.81 34.81
CA ARG C 46 16.37 -2.21 35.18
C ARG C 46 17.25 -1.02 35.53
N LYS C 47 17.03 0.14 34.91
CA LYS C 47 17.88 1.30 35.17
C LYS C 47 17.61 1.89 36.55
N TYR C 48 16.35 1.88 36.99
CA TYR C 48 15.96 2.56 38.22
C TYR C 48 15.71 1.65 39.40
N ALA C 49 15.69 0.32 39.20
CA ALA C 49 15.39 -0.57 40.31
C ALA C 49 16.25 -0.28 41.53
N GLY C 50 17.54 -0.02 41.31
CA GLY C 50 18.45 0.15 42.43
C GLY C 50 18.16 1.40 43.26
N GLN C 51 17.90 2.53 42.59
CA GLN C 51 17.66 3.78 43.29
CA GLN C 51 17.67 3.77 43.33
C GLN C 51 16.27 3.87 43.90
N GLN C 52 15.34 2.99 43.52
CA GLN C 52 13.98 2.99 44.02
C GLN C 52 13.38 4.41 44.01
N PRO C 53 13.31 5.06 42.86
CA PRO C 53 12.84 6.46 42.83
C PRO C 53 11.39 6.60 43.25
N LEU C 54 10.61 5.53 43.26
CA LEU C 54 9.20 5.61 43.64
C LEU C 54 8.94 5.10 45.05
N LYS C 55 9.98 4.88 45.85
CA LYS C 55 9.80 4.48 47.24
C LYS C 55 9.00 5.54 47.99
N GLY C 56 7.89 5.13 48.60
CA GLY C 56 6.99 6.03 49.29
C GLY C 56 5.80 6.50 48.48
N ALA C 57 5.80 6.26 47.17
CA ALA C 57 4.67 6.66 46.35
C ALA C 57 3.48 5.73 46.57
N LYS C 58 2.28 6.31 46.56
CA LYS C 58 1.03 5.55 46.69
C LYS C 58 0.11 6.00 45.56
N ILE C 59 0.01 5.17 44.51
CA ILE C 59 -0.53 5.57 43.23
C ILE C 59 -1.94 4.99 43.05
N LEU C 60 -2.91 5.87 42.81
CA LEU C 60 -4.23 5.46 42.33
C LEU C 60 -4.16 5.37 40.81
N GLY C 61 -4.47 4.19 40.26
CA GLY C 61 -4.42 4.00 38.83
C GLY C 61 -5.75 3.63 38.22
N CYS C 62 -6.15 4.34 37.17
CA CYS C 62 -7.39 4.06 36.46
C CYS C 62 -7.06 4.00 34.98
N ILE C 63 -6.85 2.79 34.48
CA ILE C 63 -6.56 2.57 33.07
C ILE C 63 -6.82 1.10 32.74
N HIS C 64 -7.35 0.87 31.53
CA HIS C 64 -7.64 -0.45 30.98
C HIS C 64 -6.74 -1.55 31.53
N MET C 65 -7.31 -2.50 32.26
CA MET C 65 -6.55 -3.56 32.94
C MET C 65 -6.20 -4.67 31.94
N THR C 66 -5.32 -4.31 30.99
CA THR C 66 -4.82 -5.25 29.99
C THR C 66 -3.52 -5.90 30.46
N ILE C 67 -3.00 -6.81 29.63
CA ILE C 67 -1.67 -7.34 29.88
C ILE C 67 -0.62 -6.23 29.86
N GLN C 68 -0.73 -5.29 28.92
CA GLN C 68 0.25 -4.20 28.85
C GLN C 68 0.22 -3.35 30.11
N THR C 69 -0.98 -3.07 30.62
CA THR C 69 -1.07 -2.35 31.89
C THR C 69 -0.44 -3.13 33.02
N GLY C 70 -0.52 -4.46 32.97
CA GLY C 70 0.13 -5.27 33.99
C GLY C 70 1.63 -4.99 34.06
N VAL C 71 2.29 -4.96 32.90
CA VAL C 71 3.72 -4.69 32.89
C VAL C 71 4.00 -3.28 33.43
N LEU C 72 3.14 -2.31 33.11
CA LEU C 72 3.29 -0.97 33.68
C LEU C 72 3.16 -1.03 35.21
N ILE C 73 2.12 -1.69 35.70
CA ILE C 73 1.90 -1.78 37.15
C ILE C 73 3.11 -2.39 37.84
N GLU C 74 3.62 -3.49 37.29
CA GLU C 74 4.74 -4.14 37.96
C GLU C 74 6.04 -3.36 37.81
N THR C 75 6.14 -2.48 36.82
CA THR C 75 7.31 -1.60 36.76
C THR C 75 7.24 -0.54 37.86
N LEU C 76 6.05 0.04 38.07
CA LEU C 76 5.91 1.01 39.15
C LEU C 76 6.23 0.38 40.51
N VAL C 77 5.73 -0.84 40.74
CA VAL C 77 6.01 -1.52 42.01
C VAL C 77 7.49 -1.83 42.13
N ALA C 78 8.11 -2.30 41.04
CA ALA C 78 9.53 -2.63 41.08
C ALA C 78 10.38 -1.41 41.39
N LEU C 79 9.90 -0.21 41.08
CA LEU C 79 10.62 1.00 41.40
C LEU C 79 10.26 1.54 42.79
N GLY C 80 9.43 0.84 43.55
CA GLY C 80 9.16 1.15 44.94
C GLY C 80 7.73 1.53 45.26
N ALA C 81 6.84 1.69 44.29
CA ALA C 81 5.53 2.23 44.60
C ALA C 81 4.60 1.16 45.17
N GLU C 82 3.57 1.63 45.88
CA GLU C 82 2.34 0.89 46.13
C GLU C 82 1.24 1.48 45.25
N VAL C 83 0.30 0.62 44.83
CA VAL C 83 -0.74 1.04 43.89
C VAL C 83 -2.07 0.43 44.31
N ARG C 84 -3.15 1.08 43.88
CA ARG C 84 -4.49 0.52 43.88
C ARG C 84 -5.12 0.86 42.54
N TRP C 85 -5.62 -0.16 41.82
CA TRP C 85 -5.86 -0.08 40.39
C TRP C 85 -7.30 -0.45 40.01
N SER C 86 -7.81 0.22 38.99
CA SER C 86 -9.07 -0.12 38.36
C SER C 86 -8.95 0.16 36.86
N SER C 87 -9.89 -0.39 36.09
CA SER C 87 -9.95 -0.14 34.66
C SER C 87 -10.75 1.14 34.40
N CYS C 88 -10.41 1.82 33.32
CA CYS C 88 -11.14 3.02 32.95
C CYS C 88 -12.25 2.75 31.92
N ASN C 89 -12.61 1.49 31.69
CA ASN C 89 -13.70 1.14 30.78
C ASN C 89 -14.32 -0.19 31.21
N ILE C 90 -15.64 -0.31 31.01
CA ILE C 90 -16.36 -1.49 31.48
C ILE C 90 -16.04 -2.75 30.68
N PHE C 91 -15.46 -2.61 29.49
CA PHE C 91 -15.24 -3.75 28.60
C PHE C 91 -13.78 -4.03 28.29
N SER C 92 -12.83 -3.23 28.81
CA SER C 92 -11.46 -3.26 28.31
C SER C 92 -10.53 -4.16 29.10
N THR C 93 -10.95 -4.64 30.27
CA THR C 93 -10.11 -5.53 31.07
C THR C 93 -9.90 -6.86 30.37
N GLN C 94 -8.68 -7.37 30.46
CA GLN C 94 -8.37 -8.77 30.16
C GLN C 94 -8.36 -9.51 31.49
N ASP C 95 -9.32 -10.42 31.67
CA ASP C 95 -9.49 -11.06 32.98
C ASP C 95 -8.23 -11.80 33.44
N GLN C 96 -7.44 -12.33 32.51
CA GLN C 96 -6.22 -13.04 32.93
C GLN C 96 -5.15 -12.06 33.41
N ALA C 97 -5.12 -10.85 32.88
CA ALA C 97 -4.20 -9.84 33.40
C ALA C 97 -4.61 -9.39 34.79
N ALA C 98 -5.89 -9.10 34.98
CA ALA C 98 -6.38 -8.74 36.30
C ALA C 98 -6.08 -9.82 37.34
N ALA C 99 -6.23 -11.10 36.96
CA ALA C 99 -6.00 -12.18 37.90
C ALA C 99 -4.52 -12.28 38.27
N ALA C 100 -3.62 -12.08 37.30
CA ALA C 100 -2.20 -12.16 37.59
C ALA C 100 -1.76 -11.05 38.54
N ILE C 101 -2.31 -9.84 38.37
CA ILE C 101 -1.95 -8.72 39.24
C ILE C 101 -2.45 -8.97 40.66
N ALA C 102 -3.71 -9.39 40.80
CA ALA C 102 -4.24 -9.72 42.11
C ALA C 102 -3.44 -10.85 42.76
N ALA C 103 -3.04 -11.84 41.96
CA ALA C 103 -2.27 -12.96 42.50
C ALA C 103 -0.88 -12.52 42.97
N ALA C 104 -0.36 -11.41 42.45
CA ALA C 104 0.92 -10.88 42.90
C ALA C 104 0.80 -10.07 44.17
N GLY C 105 -0.40 -9.97 44.76
CA GLY C 105 -0.60 -9.17 45.95
C GLY C 105 -0.81 -7.70 45.70
N ILE C 106 -1.37 -7.33 44.55
CA ILE C 106 -1.57 -5.94 44.17
C ILE C 106 -3.07 -5.68 44.13
N PRO C 107 -3.58 -4.68 44.86
CA PRO C 107 -5.03 -4.41 44.85
C PRO C 107 -5.49 -3.96 43.47
N VAL C 108 -6.45 -4.72 42.91
CA VAL C 108 -7.02 -4.44 41.60
C VAL C 108 -8.51 -4.79 41.64
N PHE C 109 -9.33 -3.92 41.06
CA PHE C 109 -10.78 -4.09 41.03
C PHE C 109 -11.22 -3.86 39.59
N ALA C 110 -11.33 -4.94 38.82
CA ALA C 110 -11.53 -4.84 37.38
C ALA C 110 -11.93 -6.20 36.81
N TRP C 111 -12.85 -6.18 35.85
CA TRP C 111 -13.21 -7.37 35.09
C TRP C 111 -13.93 -6.95 33.82
N LYS C 112 -13.91 -7.84 32.82
CA LYS C 112 -14.58 -7.57 31.56
C LYS C 112 -16.09 -7.68 31.77
N GLY C 113 -16.82 -6.68 31.29
CA GLY C 113 -18.28 -6.73 31.37
C GLY C 113 -18.88 -6.20 32.65
N GLU C 114 -18.28 -5.17 33.24
CA GLU C 114 -18.87 -4.49 34.39
C GLU C 114 -20.14 -3.74 33.99
N THR C 115 -21.04 -3.55 34.95
CA THR C 115 -22.09 -2.57 34.77
C THR C 115 -21.57 -1.18 35.13
N GLU C 116 -22.35 -0.15 34.80
CA GLU C 116 -21.94 1.20 35.15
C GLU C 116 -21.80 1.36 36.66
N GLU C 117 -22.67 0.69 37.44
CA GLU C 117 -22.57 0.77 38.89
C GLU C 117 -21.29 0.11 39.40
N GLU C 118 -20.99 -1.08 38.88
CA GLU C 118 -19.76 -1.77 39.26
C GLU C 118 -18.53 -0.97 38.87
N TYR C 119 -18.58 -0.31 37.71
CA TYR C 119 -17.48 0.57 37.32
C TYR C 119 -17.20 1.62 38.38
N GLU C 120 -18.26 2.29 38.86
CA GLU C 120 -18.09 3.29 39.91
C GLU C 120 -17.61 2.66 41.21
N TRP C 121 -18.15 1.49 41.55
CA TRP C 121 -17.71 0.78 42.74
C TRP C 121 -16.22 0.47 42.68
N CYS C 122 -15.72 0.03 41.51
CA CYS C 122 -14.33 -0.36 41.39
C CYS C 122 -13.39 0.81 41.64
N ILE C 123 -13.68 1.98 41.05
CA ILE C 123 -12.86 3.16 41.32
C ILE C 123 -12.90 3.50 42.80
N GLU C 124 -14.09 3.43 43.40
CA GLU C 124 -14.22 3.75 44.82
CA GLU C 124 -14.22 3.75 44.82
C GLU C 124 -13.39 2.80 45.69
N GLN C 125 -13.24 1.54 45.26
CA GLN C 125 -12.44 0.61 46.04
C GLN C 125 -10.96 0.96 46.00
N THR C 126 -10.47 1.58 44.93
CA THR C 126 -9.09 2.06 44.94
C THR C 126 -8.94 3.26 45.87
N ILE C 127 -9.92 4.17 45.85
CA ILE C 127 -9.83 5.37 46.67
C ILE C 127 -9.88 5.02 48.16
N LEU C 128 -10.75 4.10 48.53
CA LEU C 128 -10.97 3.70 49.92
C LEU C 128 -10.22 2.41 50.21
N LYS C 129 -9.51 2.38 51.34
CA LYS C 129 -8.97 1.15 51.90
C LYS C 129 -9.55 0.99 53.30
N ASP C 130 -10.18 -0.16 53.56
CA ASP C 130 -10.79 -0.45 54.85
C ASP C 130 -11.82 0.61 55.21
N GLY C 131 -12.52 1.14 54.21
CA GLY C 131 -13.63 2.04 54.44
C GLY C 131 -13.26 3.48 54.71
N GLN C 132 -11.98 3.84 54.66
CA GLN C 132 -11.56 5.23 54.78
C GLN C 132 -10.62 5.57 53.63
N PRO C 133 -10.49 6.84 53.30
CA PRO C 133 -9.58 7.24 52.22
C PRO C 133 -8.18 6.67 52.43
N TRP C 134 -7.67 6.01 51.39
CA TRP C 134 -6.26 5.62 51.33
C TRP C 134 -5.37 6.86 51.35
N ASP C 135 -4.14 6.69 51.80
CA ASP C 135 -3.19 7.80 51.86
C ASP C 135 -2.45 7.96 50.53
N ALA C 136 -3.24 8.11 49.46
CA ALA C 136 -2.69 8.28 48.12
C ALA C 136 -1.87 9.57 48.02
N ASN C 137 -0.89 9.56 47.12
CA ASN C 137 -0.10 10.77 46.87
C ASN C 137 0.30 10.91 45.41
N MET C 138 -0.24 10.07 44.51
CA MET C 138 -0.01 10.15 43.08
C MET C 138 -1.24 9.58 42.38
N VAL C 139 -1.49 10.05 41.15
CA VAL C 139 -2.61 9.59 40.34
C VAL C 139 -2.14 9.31 38.91
N LEU C 140 -2.51 8.13 38.39
CA LEU C 140 -2.34 7.81 36.98
C LEU C 140 -3.72 7.52 36.39
N ASP C 141 -4.10 8.29 35.37
CA ASP C 141 -5.46 8.29 34.86
C ASP C 141 -5.45 8.19 33.33
N ASP C 142 -6.56 7.72 32.77
CA ASP C 142 -6.75 7.60 31.32
C ASP C 142 -8.21 7.97 31.08
N GLY C 143 -8.43 9.23 30.68
CA GLY C 143 -9.76 9.72 30.39
C GLY C 143 -10.34 10.66 31.43
N GLY C 144 -9.77 10.72 32.64
CA GLY C 144 -10.15 11.71 33.61
C GLY C 144 -11.27 11.35 34.56
N ASP C 145 -11.81 10.12 34.50
CA ASP C 145 -12.88 9.74 35.42
C ASP C 145 -12.41 9.75 36.86
N LEU C 146 -11.27 9.10 37.13
CA LEU C 146 -10.73 9.10 38.49
C LEU C 146 -10.39 10.52 38.95
N THR C 147 -9.74 11.30 38.08
CA THR C 147 -9.43 12.68 38.41
C THR C 147 -10.69 13.46 38.79
N GLU C 148 -11.79 13.22 38.08
CA GLU C 148 -13.03 13.95 38.33
C GLU C 148 -13.67 13.53 39.64
N ILE C 149 -13.58 12.25 39.99
CA ILE C 149 -14.17 11.79 41.25
C ILE C 149 -13.41 12.36 42.44
N LEU C 150 -12.08 12.42 42.35
CA LEU C 150 -11.28 13.00 43.43
C LEU C 150 -11.62 14.46 43.67
N HIS C 151 -11.71 15.25 42.59
CA HIS C 151 -12.01 16.67 42.78
C HIS C 151 -13.41 16.88 43.33
N LYS C 152 -14.38 16.08 42.88
CA LYS C 152 -15.77 16.31 43.23
C LYS C 152 -16.17 15.67 44.55
N LYS C 153 -15.80 14.41 44.77
CA LYS C 153 -16.29 13.68 45.94
C LYS C 153 -15.26 13.52 47.05
N TYR C 154 -13.96 13.61 46.74
CA TYR C 154 -12.90 13.42 47.75
C TYR C 154 -11.88 14.55 47.69
N PRO C 155 -12.33 15.81 47.70
CA PRO C 155 -11.37 16.93 47.56
C PRO C 155 -10.29 16.98 48.63
N GLN C 156 -10.56 16.45 49.83
CA GLN C 156 -9.52 16.50 50.87
CA GLN C 156 -9.53 16.48 50.88
C GLN C 156 -8.33 15.63 50.50
N MET C 157 -8.54 14.54 49.77
CA MET C 157 -7.43 13.65 49.40
C MET C 157 -6.41 14.36 48.50
N LEU C 158 -6.85 15.33 47.70
CA LEU C 158 -5.93 16.01 46.81
C LEU C 158 -4.87 16.82 47.58
N GLU C 159 -5.16 17.21 48.82
CA GLU C 159 -4.17 17.90 49.63
C GLU C 159 -2.86 17.12 49.76
N ARG C 160 -2.91 15.80 49.63
CA ARG C 160 -1.74 14.96 49.83
C ARG C 160 -1.10 14.49 48.51
N ILE C 161 -1.68 14.86 47.37
CA ILE C 161 -1.32 14.25 46.09
C ILE C 161 -0.38 15.18 45.33
N HIS C 162 0.70 14.62 44.81
CA HIS C 162 1.76 15.40 44.17
C HIS C 162 1.51 15.68 42.69
N GLY C 163 0.64 14.91 42.02
CA GLY C 163 0.38 15.18 40.62
C GLY C 163 -0.43 14.08 39.98
N ILE C 164 -0.82 14.35 38.74
CA ILE C 164 -1.60 13.45 37.89
C ILE C 164 -0.83 13.23 36.59
N THR C 165 -0.73 11.98 36.13
CA THR C 165 -0.19 11.68 34.81
C THR C 165 -1.32 11.10 33.95
N GLU C 166 -1.76 11.87 32.96
CA GLU C 166 -2.98 11.57 32.21
C GLU C 166 -2.64 11.03 30.83
N GLU C 167 -3.30 9.92 30.46
CA GLU C 167 -2.86 9.11 29.33
C GLU C 167 -3.38 9.62 27.98
N THR C 168 -4.61 10.14 27.92
CA THR C 168 -5.28 10.21 26.63
C THR C 168 -5.85 11.60 26.34
N THR C 169 -6.16 11.80 25.05
CA THR C 169 -6.54 13.12 24.56
C THR C 169 -7.73 13.68 25.33
N THR C 170 -8.82 12.90 25.45
CA THR C 170 -10.01 13.35 26.15
C THR C 170 -9.66 13.77 27.59
N GLY C 171 -8.88 12.93 28.28
CA GLY C 171 -8.49 13.27 29.65
C GLY C 171 -7.73 14.57 29.74
N VAL C 172 -6.79 14.80 28.81
CA VAL C 172 -6.03 16.04 28.82
C VAL C 172 -6.96 17.22 28.59
N HIS C 173 -7.91 17.09 27.67
CA HIS C 173 -8.86 18.17 27.45
C HIS C 173 -9.55 18.54 28.75
N ARG C 174 -9.99 17.54 29.53
CA ARG C 174 -10.69 17.84 30.78
C ARG C 174 -9.77 18.54 31.77
N LEU C 175 -8.48 18.15 31.79
CA LEU C 175 -7.52 18.81 32.69
C LEU C 175 -7.33 20.28 32.33
N LEU C 176 -7.25 20.57 31.04
CA LEU C 176 -6.99 21.95 30.63
C LEU C 176 -8.19 22.86 30.94
N ASP C 177 -9.41 22.32 30.89
CA ASP C 177 -10.57 23.12 31.26
C ASP C 177 -10.61 23.39 32.76
N MET C 178 -10.24 22.40 33.58
CA MET C 178 -10.14 22.65 35.01
C MET C 178 -9.08 23.72 35.31
N LEU C 179 -7.93 23.62 34.65
CA LEU C 179 -6.88 24.60 34.89
C LEU C 179 -7.34 25.99 34.47
N LYS C 180 -8.02 26.09 33.32
CA LYS C 180 -8.51 27.40 32.87
C LYS C 180 -9.52 27.98 33.85
N ASN C 181 -10.33 27.11 34.46
CA ASN C 181 -11.35 27.56 35.42
C ASN C 181 -10.81 27.69 36.85
N GLY C 182 -9.55 27.34 37.09
CA GLY C 182 -9.01 27.41 38.43
C GLY C 182 -9.46 26.32 39.37
N THR C 183 -9.92 25.18 38.85
CA THR C 183 -10.41 24.10 39.70
C THR C 183 -9.47 22.91 39.78
N LEU C 184 -8.41 22.86 38.99
CA LEU C 184 -7.43 21.79 39.10
C LEU C 184 -6.58 22.01 40.35
N LYS C 185 -6.54 21.01 41.24
CA LYS C 185 -5.92 21.18 42.55
C LYS C 185 -4.46 20.73 42.61
N VAL C 186 -4.02 19.93 41.66
CA VAL C 186 -2.63 19.44 41.62
C VAL C 186 -2.13 19.52 40.20
N PRO C 187 -0.81 19.57 40.02
CA PRO C 187 -0.23 19.62 38.68
C PRO C 187 -0.37 18.28 37.95
N ALA C 188 -0.26 18.33 36.63
CA ALA C 188 -0.40 17.12 35.81
C ALA C 188 0.67 17.08 34.72
N ILE C 189 0.96 15.88 34.26
CA ILE C 189 1.77 15.69 33.06
C ILE C 189 0.88 15.12 31.98
N ASN C 190 0.78 15.86 30.87
CA ASN C 190 0.11 15.38 29.67
C ASN C 190 0.97 14.31 29.01
N VAL C 191 0.73 13.05 29.33
CA VAL C 191 1.54 11.98 28.71
C VAL C 191 1.13 11.77 27.25
N ASN C 192 -0.12 12.09 26.91
CA ASN C 192 -0.62 11.86 25.55
C ASN C 192 0.27 12.52 24.51
N ASP C 193 0.76 13.72 24.79
CA ASP C 193 1.39 14.52 23.74
C ASP C 193 2.90 14.31 23.62
N SER C 194 3.48 13.35 24.33
CA SER C 194 4.77 12.84 23.90
C SER C 194 4.63 12.29 22.48
N VAL C 195 5.66 12.49 21.66
CA VAL C 195 5.61 11.95 20.30
C VAL C 195 5.60 10.43 20.33
N THR C 196 6.39 9.83 21.22
CA THR C 196 6.36 8.38 21.38
C THR C 196 5.07 7.89 22.03
N LYS C 197 4.11 8.78 22.27
CA LYS C 197 2.77 8.37 22.69
C LYS C 197 1.78 8.72 21.58
N SER C 198 1.46 10.01 21.41
CA SER C 198 0.45 10.45 20.44
C SER C 198 0.67 9.86 19.04
N LYS C 199 1.87 10.00 18.49
CA LYS C 199 2.16 9.58 17.12
CA LYS C 199 2.12 9.58 17.12
C LYS C 199 2.60 8.13 17.01
N ASN C 200 2.30 7.33 18.03
CA ASN C 200 2.65 5.91 18.08
C ASN C 200 1.43 5.12 18.52
N ASP C 201 1.06 5.27 19.79
CA ASP C 201 -0.16 4.76 20.39
C ASP C 201 -1.42 5.16 19.62
N ASN C 202 -1.75 6.46 19.61
CA ASN C 202 -3.04 6.89 19.06
C ASN C 202 -3.21 6.52 17.60
N LYS C 203 -2.11 6.53 16.83
CA LYS C 203 -2.21 6.28 15.39
C LYS C 203 -1.90 4.81 15.08
N TYR C 204 -0.65 4.39 15.24
CA TYR C 204 -0.29 3.03 14.86
C TYR C 204 -1.00 1.98 15.71
N GLY C 205 -1.40 2.33 16.94
CA GLY C 205 -2.11 1.38 17.76
C GLY C 205 -3.50 1.08 17.23
N CYS C 206 -4.21 2.12 16.77
CA CYS C 206 -5.51 1.87 16.16
C CYS C 206 -5.37 1.19 14.79
N ARG C 207 -4.27 1.44 14.07
CA ARG C 207 -4.03 0.72 12.83
CA ARG C 207 -4.04 0.72 12.83
C ARG C 207 -3.98 -0.78 13.06
N HIS C 208 -3.30 -1.20 14.13
CA HIS C 208 -3.17 -2.61 14.45
C HIS C 208 -4.48 -3.18 14.97
N SER C 209 -5.18 -2.43 15.83
CA SER C 209 -6.26 -3.01 16.61
C SER C 209 -7.68 -2.74 16.09
N LEU C 210 -7.89 -1.80 15.16
CA LEU C 210 -9.26 -1.59 14.69
C LEU C 210 -9.74 -2.74 13.82
N ASN C 211 -9.00 -3.09 12.75
CA ASN C 211 -9.45 -4.22 11.94
CA ASN C 211 -9.42 -4.23 11.93
C ASN C 211 -9.42 -5.51 12.74
N ASP C 212 -8.50 -5.62 13.70
CA ASP C 212 -8.44 -6.76 14.62
C ASP C 212 -9.79 -6.96 15.31
N ALA C 213 -10.33 -5.89 15.91
CA ALA C 213 -11.58 -6.00 16.67
C ALA C 213 -12.77 -6.31 15.76
N ILE C 214 -12.81 -5.70 14.58
CA ILE C 214 -13.94 -5.92 13.68
C ILE C 214 -13.95 -7.38 13.22
N LYS C 215 -12.77 -7.96 12.95
CA LYS C 215 -12.70 -9.35 12.55
C LYS C 215 -13.14 -10.28 13.69
N ARG C 216 -12.67 -10.04 14.90
CA ARG C 216 -13.06 -10.92 16.00
C ARG C 216 -14.55 -10.85 16.26
N GLY C 217 -15.15 -9.68 16.09
CA GLY C 217 -16.57 -9.52 16.42
C GLY C 217 -17.48 -10.12 15.37
N THR C 218 -17.19 -9.87 14.09
CA THR C 218 -18.08 -10.24 12.98
C THR C 218 -17.48 -11.25 12.02
N ASP C 219 -16.16 -11.33 11.92
CA ASP C 219 -15.48 -12.14 10.91
C ASP C 219 -15.88 -11.73 9.49
N HIS C 220 -16.28 -10.46 9.33
CA HIS C 220 -16.62 -9.92 8.01
C HIS C 220 -15.37 -9.71 7.17
N LEU C 221 -15.44 -10.15 5.91
CA LEU C 221 -14.54 -9.63 4.89
C LEU C 221 -14.63 -8.13 4.82
N LEU C 222 -13.48 -7.45 4.78
CA LEU C 222 -13.46 -6.01 4.66
C LEU C 222 -13.10 -5.55 3.26
N SER C 223 -12.26 -6.30 2.54
CA SER C 223 -11.88 -5.94 1.18
C SER C 223 -13.11 -5.71 0.30
N GLY C 224 -13.05 -4.68 -0.55
CA GLY C 224 -14.11 -4.39 -1.49
C GLY C 224 -15.31 -3.65 -0.92
N LYS C 225 -15.41 -3.50 0.40
CA LYS C 225 -16.56 -2.86 1.04
C LYS C 225 -16.31 -1.36 1.32
N GLN C 226 -17.38 -0.66 1.64
CA GLN C 226 -17.38 0.79 1.81
C GLN C 226 -17.37 1.17 3.28
N ALA C 227 -16.42 2.02 3.68
CA ALA C 227 -16.31 2.46 5.06
C ALA C 227 -16.41 3.98 5.14
N LEU C 228 -16.96 4.47 6.25
CA LEU C 228 -16.96 5.88 6.58
C LEU C 228 -16.28 6.06 7.92
N VAL C 229 -15.17 6.78 7.93
CA VAL C 229 -14.46 7.10 9.18
C VAL C 229 -14.78 8.54 9.54
N ILE C 230 -15.31 8.76 10.73
CA ILE C 230 -15.65 10.11 11.18
C ILE C 230 -14.48 10.59 12.04
N GLY C 231 -13.78 11.60 11.55
CA GLY C 231 -12.58 12.11 12.20
C GLY C 231 -11.31 11.68 11.49
N TYR C 232 -10.30 12.55 11.54
CA TYR C 232 -9.00 12.24 10.95
C TYR C 232 -7.89 12.88 11.78
N GLY C 233 -8.02 12.83 13.11
CA GLY C 233 -6.94 13.17 14.02
C GLY C 233 -5.95 12.01 14.06
N ASP C 234 -5.27 11.79 15.18
CA ASP C 234 -4.35 10.64 15.23
C ASP C 234 -5.12 9.32 15.20
N VAL C 235 -6.22 9.23 15.97
CA VAL C 235 -7.01 7.99 15.95
C VAL C 235 -7.67 7.78 14.60
N GLY C 236 -8.22 8.83 14.00
CA GLY C 236 -8.84 8.68 12.69
C GLY C 236 -7.84 8.30 11.61
N LYS C 237 -6.63 8.87 11.66
CA LYS C 237 -5.60 8.51 10.68
C LYS C 237 -5.25 7.03 10.77
N GLY C 238 -4.95 6.55 11.99
CA GLY C 238 -4.64 5.14 12.15
C GLY C 238 -5.80 4.23 11.78
N SER C 239 -7.02 4.65 12.10
CA SER C 239 -8.22 3.85 11.79
C SER C 239 -8.46 3.77 10.30
N SER C 240 -8.33 4.90 9.59
CA SER C 240 -8.47 4.87 8.15
C SER C 240 -7.45 3.94 7.51
N GLN C 241 -6.20 3.99 7.97
CA GLN C 241 -5.19 3.09 7.41
CA GLN C 241 -5.19 3.09 7.41
C GLN C 241 -5.50 1.63 7.74
N SER C 242 -6.02 1.39 8.95
CA SER C 242 -6.38 0.03 9.35
C SER C 242 -7.36 -0.62 8.36
N LEU C 243 -8.31 0.16 7.84
CA LEU C 243 -9.31 -0.37 6.92
C LEU C 243 -8.78 -0.36 5.49
N ARG C 244 -8.17 0.75 5.07
CA ARG C 244 -7.66 0.84 3.70
C ARG C 244 -6.67 -0.29 3.41
N GLN C 245 -5.77 -0.58 4.34
CA GLN C 245 -4.77 -1.62 4.09
C GLN C 245 -5.43 -2.99 3.91
N GLU C 246 -6.64 -3.16 4.43
CA GLU C 246 -7.41 -4.38 4.23
C GLU C 246 -8.15 -4.40 2.89
N GLY C 247 -8.09 -3.32 2.11
CA GLY C 247 -8.82 -3.24 0.86
C GLY C 247 -10.17 -2.56 0.93
N MET C 248 -10.55 -1.97 2.06
CA MET C 248 -11.79 -1.22 2.10
C MET C 248 -11.70 0.02 1.20
N ILE C 249 -12.84 0.45 0.66
CA ILE C 249 -12.98 1.76 0.04
C ILE C 249 -13.42 2.72 1.17
N VAL C 250 -12.49 3.56 1.63
CA VAL C 250 -12.64 4.36 2.85
C VAL C 250 -12.95 5.81 2.47
N LYS C 251 -14.01 6.36 3.05
CA LYS C 251 -14.29 7.79 2.98
C LYS C 251 -14.13 8.39 4.37
N VAL C 252 -13.73 9.66 4.40
CA VAL C 252 -13.38 10.35 5.64
C VAL C 252 -14.24 11.60 5.78
N ALA C 253 -14.72 11.84 6.99
CA ALA C 253 -15.38 13.07 7.38
C ALA C 253 -14.52 13.81 8.41
N GLU C 254 -14.55 15.14 8.33
CA GLU C 254 -13.81 15.98 9.26
C GLU C 254 -14.48 17.34 9.35
N VAL C 255 -14.30 18.00 10.50
CA VAL C 255 -14.63 19.40 10.65
C VAL C 255 -13.39 20.27 10.56
N ASP C 256 -12.20 19.68 10.70
CA ASP C 256 -10.96 20.44 10.69
C ASP C 256 -10.40 20.39 9.28
N PRO C 257 -10.36 21.52 8.55
CA PRO C 257 -9.90 21.46 7.15
C PRO C 257 -8.44 21.07 6.98
N ILE C 258 -7.57 21.28 7.97
CA ILE C 258 -6.20 20.82 7.81
C ILE C 258 -6.14 19.29 7.84
N CYS C 259 -6.85 18.66 8.78
CA CYS C 259 -6.89 17.20 8.80
C CYS C 259 -7.59 16.67 7.55
N ALA C 260 -8.60 17.40 7.06
CA ALA C 260 -9.25 17.02 5.81
C ALA C 260 -8.28 17.07 4.65
N MET C 261 -7.42 18.10 4.61
N MET C 261 -7.40 18.09 4.63
CA MET C 261 -6.41 18.18 3.57
CA MET C 261 -6.41 18.17 3.55
C MET C 261 -5.50 16.96 3.59
C MET C 261 -5.48 16.97 3.58
N GLN C 262 -5.10 16.51 4.78
CA GLN C 262 -4.24 15.34 4.89
C GLN C 262 -4.95 14.10 4.35
N ALA C 263 -6.24 13.96 4.63
CA ALA C 263 -6.98 12.78 4.16
C ALA C 263 -7.01 12.71 2.64
N CYS C 264 -7.22 13.87 1.99
CA CYS C 264 -7.21 13.90 0.52
C CYS C 264 -5.85 13.46 -0.01
N MET C 265 -4.78 14.09 0.49
CA MET C 265 -3.42 13.77 0.06
C MET C 265 -3.06 12.32 0.36
N ASP C 266 -3.66 11.75 1.41
CA ASP C 266 -3.43 10.34 1.73
C ASP C 266 -4.24 9.41 0.87
N GLY C 267 -5.08 9.94 -0.01
CA GLY C 267 -5.78 9.13 -1.00
C GLY C 267 -7.20 8.77 -0.63
N PHE C 268 -7.84 9.54 0.24
CA PHE C 268 -9.21 9.28 0.68
C PHE C 268 -10.15 10.37 0.15
N GLU C 269 -11.38 9.98 -0.16
CA GLU C 269 -12.41 10.93 -0.53
C GLU C 269 -13.02 11.52 0.75
N VAL C 270 -13.08 12.84 0.83
CA VAL C 270 -13.60 13.52 2.02
C VAL C 270 -15.06 13.90 1.80
N VAL C 271 -15.95 13.34 2.63
CA VAL C 271 -17.39 13.52 2.50
C VAL C 271 -17.96 13.98 3.83
N SER C 272 -19.22 14.42 3.79
CA SER C 272 -19.97 14.73 4.99
C SER C 272 -21.26 13.93 5.03
N PRO C 273 -21.66 13.43 6.21
CA PRO C 273 -23.00 12.81 6.32
C PRO C 273 -24.14 13.76 6.04
N TYR C 274 -23.92 15.06 6.13
CA TYR C 274 -24.96 16.06 5.92
C TYR C 274 -24.76 16.77 4.58
N LYS C 275 -25.88 17.10 3.94
CA LYS C 275 -25.82 17.84 2.68
C LYS C 275 -25.09 19.16 2.88
N ASN C 276 -24.07 19.40 2.06
CA ASN C 276 -23.18 20.56 2.18
C ASN C 276 -22.57 20.67 3.57
N GLY C 277 -22.52 19.56 4.31
CA GLY C 277 -21.95 19.57 5.64
C GLY C 277 -22.75 20.29 6.70
N ILE C 278 -23.99 20.68 6.41
CA ILE C 278 -24.81 21.46 7.34
C ILE C 278 -25.69 20.52 8.16
N ASN C 279 -25.38 20.41 9.44
CA ASN C 279 -26.10 19.54 10.40
C ASN C 279 -27.17 20.39 11.11
N ASP C 280 -28.38 20.42 10.56
CA ASP C 280 -29.46 21.21 11.13
C ASP C 280 -30.47 20.38 11.91
N GLY C 281 -30.17 19.10 12.19
CA GLY C 281 -31.04 18.27 12.99
C GLY C 281 -32.25 17.67 12.30
N THR C 282 -32.38 17.84 10.98
CA THR C 282 -33.53 17.33 10.24
C THR C 282 -33.15 16.11 9.42
N GLU C 283 -34.12 15.20 9.24
CA GLU C 283 -33.88 14.07 8.35
C GLU C 283 -33.54 14.53 6.94
N ALA C 284 -34.06 15.68 6.52
CA ALA C 284 -33.82 16.18 5.18
C ALA C 284 -32.35 16.53 4.96
N SER C 285 -31.62 16.83 6.04
CA SER C 285 -30.22 17.22 5.89
C SER C 285 -29.28 16.03 5.69
N ILE C 286 -29.76 14.79 5.88
CA ILE C 286 -28.90 13.62 5.74
C ILE C 286 -28.66 13.35 4.26
N ASP C 287 -27.42 12.99 3.91
CA ASP C 287 -27.10 12.50 2.56
C ASP C 287 -27.45 11.01 2.52
N ALA C 288 -28.71 10.73 2.21
CA ALA C 288 -29.23 9.36 2.29
C ALA C 288 -28.58 8.46 1.24
N ALA C 289 -28.32 9.01 0.04
CA ALA C 289 -27.64 8.23 -0.99
C ALA C 289 -26.26 7.79 -0.51
N LEU C 290 -25.53 8.68 0.16
CA LEU C 290 -24.20 8.34 0.67
C LEU C 290 -24.28 7.28 1.76
N LEU C 291 -25.11 7.51 2.78
CA LEU C 291 -25.18 6.59 3.91
C LEU C 291 -25.79 5.25 3.52
N GLY C 292 -26.71 5.24 2.55
CA GLY C 292 -27.25 3.98 2.05
C GLY C 292 -26.25 3.10 1.32
N LYS C 293 -25.02 3.58 1.15
CA LYS C 293 -23.94 2.83 0.51
C LYS C 293 -22.85 2.39 1.49
N ILE C 294 -22.97 2.69 2.77
CA ILE C 294 -21.89 2.50 3.74
C ILE C 294 -22.08 1.16 4.46
N ASP C 295 -21.04 0.33 4.43
CA ASP C 295 -21.04 -0.96 5.13
C ASP C 295 -20.45 -0.89 6.52
N LEU C 296 -19.74 0.18 6.85
CA LEU C 296 -19.03 0.26 8.13
C LEU C 296 -18.75 1.72 8.45
N ILE C 297 -19.20 2.15 9.63
CA ILE C 297 -18.92 3.50 10.12
C ILE C 297 -18.16 3.38 11.44
N VAL C 298 -17.07 4.15 11.56
CA VAL C 298 -16.20 4.18 12.74
C VAL C 298 -16.06 5.62 13.19
N THR C 299 -16.31 5.88 14.49
CA THR C 299 -16.16 7.22 15.07
C THR C 299 -14.86 7.33 15.84
N THR C 300 -14.14 8.45 15.65
CA THR C 300 -12.79 8.58 16.19
C THR C 300 -12.52 9.95 16.81
N THR C 301 -13.55 10.69 17.25
CA THR C 301 -13.45 12.14 17.38
C THR C 301 -13.22 12.63 18.81
N GLY C 302 -13.68 11.92 19.82
CA GLY C 302 -13.74 12.51 21.14
C GLY C 302 -14.80 13.59 21.29
N ASN C 303 -15.69 13.73 20.31
CA ASN C 303 -16.80 14.67 20.34
C ASN C 303 -18.08 13.91 20.66
N VAL C 304 -19.20 14.63 20.66
CA VAL C 304 -20.50 14.07 21.06
C VAL C 304 -21.40 13.93 19.83
N ASN C 305 -22.07 12.78 19.73
CA ASN C 305 -23.15 12.58 18.77
C ASN C 305 -22.71 12.81 17.31
N VAL C 306 -21.56 12.26 16.95
CA VAL C 306 -21.07 12.39 15.57
C VAL C 306 -21.59 11.29 14.66
N CYS C 307 -22.23 10.25 15.20
CA CYS C 307 -23.06 9.31 14.45
C CYS C 307 -24.44 9.36 15.10
N ASP C 308 -25.32 10.23 14.59
CA ASP C 308 -26.54 10.57 15.30
C ASP C 308 -27.71 9.70 14.83
N ALA C 309 -28.88 9.97 15.41
CA ALA C 309 -30.08 9.17 15.13
C ALA C 309 -30.40 9.15 13.64
N ASN C 310 -30.34 10.32 12.98
CA ASN C 310 -30.77 10.37 11.59
C ASN C 310 -29.77 9.67 10.68
N MET C 311 -28.48 9.68 11.06
CA MET C 311 -27.51 8.88 10.33
C MET C 311 -27.81 7.39 10.50
N LEU C 312 -28.06 6.96 11.74
CA LEU C 312 -28.37 5.56 12.00
C LEU C 312 -29.59 5.10 11.20
N LYS C 313 -30.60 5.96 11.07
CA LYS C 313 -31.79 5.61 10.31
C LYS C 313 -31.48 5.42 8.82
N ALA C 314 -30.45 6.11 8.32
CA ALA C 314 -30.19 6.12 6.89
C ALA C 314 -29.15 5.10 6.45
N LEU C 315 -28.39 4.50 7.37
CA LEU C 315 -27.32 3.59 7.01
C LEU C 315 -27.84 2.37 6.26
N LYS C 316 -27.04 1.89 5.31
CA LYS C 316 -27.27 0.63 4.62
C LYS C 316 -27.71 -0.46 5.60
N LYS C 317 -28.63 -1.32 5.16
CA LYS C 317 -29.00 -2.48 5.97
C LYS C 317 -27.79 -3.36 6.24
N ARG C 318 -27.69 -3.85 7.48
CA ARG C 318 -26.62 -4.74 7.92
C ARG C 318 -25.26 -4.06 8.02
N ALA C 319 -25.22 -2.72 8.07
CA ALA C 319 -23.95 -2.03 8.31
C ALA C 319 -23.45 -2.30 9.72
N VAL C 320 -22.13 -2.21 9.89
CA VAL C 320 -21.47 -2.30 11.19
C VAL C 320 -21.23 -0.90 11.74
N VAL C 321 -21.53 -0.73 13.02
CA VAL C 321 -21.41 0.56 13.72
C VAL C 321 -20.49 0.36 14.92
N CYS C 322 -19.41 1.15 14.99
CA CYS C 322 -18.54 1.07 16.16
C CYS C 322 -17.87 2.41 16.43
N ASN C 323 -17.30 2.52 17.62
CA ASN C 323 -16.63 3.73 18.08
C ASN C 323 -15.27 3.37 18.66
N ILE C 324 -14.24 4.12 18.30
CA ILE C 324 -12.91 3.91 18.84
C ILE C 324 -12.40 5.14 19.61
N GLY C 325 -13.25 6.16 19.79
CA GLY C 325 -12.97 7.22 20.73
C GLY C 325 -13.17 6.75 22.16
N HIS C 326 -12.87 7.65 23.11
CA HIS C 326 -12.79 7.23 24.50
C HIS C 326 -14.17 6.92 25.10
N PHE C 327 -15.20 7.69 24.74
CA PHE C 327 -16.53 7.56 25.34
C PHE C 327 -17.57 7.17 24.29
N ASP C 328 -18.61 6.49 24.74
CA ASP C 328 -19.61 5.92 23.84
C ASP C 328 -20.62 6.94 23.32
N ASN C 329 -20.67 8.13 23.90
CA ASN C 329 -21.61 9.10 23.38
C ASN C 329 -21.20 9.67 22.03
N GLU C 330 -20.16 9.17 21.35
CA GLU C 330 -19.93 9.55 19.96
C GLU C 330 -21.08 9.08 19.08
N ILE C 331 -21.73 7.98 19.47
CA ILE C 331 -22.84 7.38 18.75
C ILE C 331 -24.09 7.54 19.62
N ASP C 332 -25.24 7.74 18.98
CA ASP C 332 -26.50 7.90 19.72
C ASP C 332 -27.09 6.52 19.99
N THR C 333 -26.42 5.77 20.87
CA THR C 333 -26.95 4.48 21.29
C THR C 333 -28.22 4.63 22.12
N ALA C 334 -28.35 5.74 22.84
CA ALA C 334 -29.57 5.96 23.62
C ALA C 334 -30.79 5.91 22.72
N PHE C 335 -30.75 6.63 21.59
CA PHE C 335 -31.84 6.56 20.63
C PHE C 335 -32.13 5.12 20.23
N MET C 336 -31.09 4.33 19.97
CA MET C 336 -31.29 2.95 19.55
C MET C 336 -31.88 2.11 20.67
N ARG C 337 -31.50 2.37 21.92
CA ARG C 337 -32.12 1.63 23.02
C ARG C 337 -33.59 1.96 23.16
N LYS C 338 -33.97 3.20 22.85
CA LYS C 338 -35.34 3.66 23.04
C LYS C 338 -36.29 3.15 21.97
N ASN C 339 -35.80 2.86 20.76
CA ASN C 339 -36.67 2.63 19.61
C ASN C 339 -36.54 1.28 18.93
N TRP C 340 -35.42 0.57 19.08
CA TRP C 340 -35.16 -0.63 18.31
C TRP C 340 -34.84 -1.80 19.23
N ALA C 341 -35.05 -3.02 18.71
CA ALA C 341 -34.82 -4.23 19.48
C ALA C 341 -33.40 -4.71 19.29
N TRP C 342 -32.72 -5.00 20.40
CA TRP C 342 -31.34 -5.48 20.37
C TRP C 342 -31.34 -7.01 20.47
N GLU C 343 -30.63 -7.65 19.55
CA GLU C 343 -30.41 -9.10 19.56
C GLU C 343 -28.92 -9.33 19.81
N GLU C 344 -28.59 -9.94 20.94
CA GLU C 344 -27.19 -10.24 21.22
C GLU C 344 -26.73 -11.42 20.37
N VAL C 345 -25.75 -11.18 19.50
CA VAL C 345 -25.15 -12.27 18.73
C VAL C 345 -24.24 -13.10 19.64
N LYS C 346 -23.35 -12.43 20.36
CA LYS C 346 -22.47 -12.96 21.39
C LYS C 346 -22.00 -11.75 22.18
N PRO C 347 -21.23 -11.92 23.26
CA PRO C 347 -20.84 -10.75 24.08
C PRO C 347 -20.19 -9.66 23.23
N GLN C 348 -20.64 -8.42 23.46
CA GLN C 348 -20.14 -7.22 22.80
C GLN C 348 -20.44 -7.20 21.29
N VAL C 349 -21.44 -7.96 20.84
CA VAL C 349 -21.87 -7.95 19.45
C VAL C 349 -23.39 -8.02 19.46
N HIS C 350 -24.06 -6.94 19.05
CA HIS C 350 -25.51 -6.88 19.04
C HIS C 350 -26.04 -6.52 17.66
N LYS C 351 -27.10 -7.21 17.25
CA LYS C 351 -27.90 -6.82 16.11
C LYS C 351 -29.00 -5.87 16.58
N ILE C 352 -29.15 -4.74 15.88
CA ILE C 352 -30.13 -3.74 16.26
C ILE C 352 -31.17 -3.69 15.14
N HIS C 353 -32.35 -4.23 15.41
CA HIS C 353 -33.40 -4.36 14.42
C HIS C 353 -34.21 -3.07 14.33
N ARG C 354 -34.16 -2.42 13.18
CA ARG C 354 -34.83 -1.14 12.98
C ARG C 354 -36.30 -1.29 12.64
N THR C 355 -36.88 -2.47 12.82
CA THR C 355 -38.31 -2.71 12.60
C THR C 355 -39.16 -2.40 13.82
N GLY C 356 -38.57 -2.08 14.97
CA GLY C 356 -39.36 -1.78 16.15
C GLY C 356 -38.57 -2.06 17.42
N LYS C 357 -39.20 -1.70 18.54
CA LYS C 357 -38.59 -1.79 19.87
C LYS C 357 -38.87 -3.13 20.55
N ASP C 358 -40.10 -3.64 20.45
CA ASP C 358 -40.51 -4.86 21.14
C ASP C 358 -40.51 -6.02 20.16
N GLY C 359 -39.64 -7.00 20.40
CA GLY C 359 -39.61 -8.19 19.57
C GLY C 359 -38.99 -7.94 18.21
N PHE C 360 -38.57 -9.02 17.55
CA PHE C 360 -37.98 -8.92 16.23
C PHE C 360 -38.16 -10.26 15.53
N ASP C 361 -38.13 -10.21 14.20
CA ASP C 361 -38.12 -11.43 13.42
C ASP C 361 -36.69 -11.97 13.38
N ALA C 362 -36.51 -13.23 13.78
CA ALA C 362 -35.17 -13.80 13.81
C ALA C 362 -34.51 -13.77 12.45
N HIS C 363 -35.28 -13.70 11.37
CA HIS C 363 -34.72 -13.60 10.03
C HIS C 363 -34.92 -12.21 9.43
N ASN C 364 -35.14 -11.20 10.27
CA ASN C 364 -35.21 -9.82 9.81
C ASN C 364 -33.92 -9.46 9.08
N ASP C 365 -34.06 -8.67 8.01
CA ASP C 365 -32.89 -8.23 7.26
C ASP C 365 -32.55 -6.76 7.49
N ASP C 366 -33.44 -5.99 8.12
CA ASP C 366 -33.20 -4.56 8.35
C ASP C 366 -32.66 -4.39 9.76
N TYR C 367 -31.35 -4.64 9.92
CA TYR C 367 -30.69 -4.45 11.21
C TYR C 367 -29.33 -3.81 10.98
N LEU C 368 -28.74 -3.33 12.09
CA LEU C 368 -27.36 -2.89 12.15
C LEU C 368 -26.63 -3.80 13.13
N ILE C 369 -25.31 -3.85 13.00
CA ILE C 369 -24.47 -4.59 13.94
C ILE C 369 -23.65 -3.57 14.71
N LEU C 370 -23.91 -3.47 16.01
CA LEU C 370 -23.18 -2.57 16.90
C LEU C 370 -22.18 -3.38 17.71
N LEU C 371 -20.94 -2.90 17.76
CA LEU C 371 -19.86 -3.55 18.49
C LEU C 371 -19.61 -2.86 19.83
N ALA C 372 -19.40 -3.66 20.87
CA ALA C 372 -19.04 -3.19 22.21
C ALA C 372 -20.04 -2.18 22.77
N GLU C 373 -21.27 -2.20 22.27
CA GLU C 373 -22.31 -1.26 22.71
C GLU C 373 -21.83 0.19 22.56
N GLY C 374 -20.94 0.43 21.61
CA GLY C 374 -20.46 1.78 21.37
C GLY C 374 -19.27 2.21 22.17
N ARG C 375 -18.78 1.39 23.10
CA ARG C 375 -17.54 1.68 23.82
C ARG C 375 -16.34 1.39 22.93
N LEU C 376 -15.18 1.93 23.33
CA LEU C 376 -13.89 1.69 22.68
C LEU C 376 -13.83 0.30 22.06
N VAL C 377 -13.89 0.19 20.72
CA VAL C 377 -14.09 -1.11 20.08
C VAL C 377 -12.80 -1.94 20.09
N ASN C 378 -11.63 -1.30 19.91
CA ASN C 378 -10.40 -2.09 19.88
C ASN C 378 -10.19 -2.82 21.20
N LEU C 379 -10.48 -2.15 22.33
CA LEU C 379 -10.38 -2.84 23.62
C LEU C 379 -11.60 -3.69 23.92
N GLY C 380 -12.78 -3.29 23.43
CA GLY C 380 -14.00 -4.03 23.72
C GLY C 380 -14.05 -5.38 23.03
N ASN C 381 -13.71 -5.42 21.74
CA ASN C 381 -13.87 -6.64 20.95
C ASN C 381 -12.55 -7.35 20.64
N ALA C 382 -11.40 -6.78 21.03
CA ALA C 382 -10.12 -7.47 20.93
C ALA C 382 -9.29 -7.19 22.19
N THR C 383 -8.01 -6.83 22.04
CA THR C 383 -7.15 -6.58 23.22
C THR C 383 -6.45 -5.24 23.16
N GLY C 384 -7.03 -4.26 22.46
CA GLY C 384 -6.38 -2.97 22.35
C GLY C 384 -5.05 -3.04 21.62
N HIS C 385 -4.19 -2.07 21.92
CA HIS C 385 -2.91 -1.93 21.25
C HIS C 385 -1.95 -3.06 21.64
N PRO C 386 -1.01 -3.42 20.77
CA PRO C 386 -0.04 -4.47 21.13
C PRO C 386 1.04 -3.95 22.08
N SER C 387 1.63 -4.90 22.80
CA SER C 387 2.65 -4.58 23.81
C SER C 387 3.73 -3.66 23.27
N ARG C 388 4.24 -3.95 22.07
CA ARG C 388 5.40 -3.19 21.60
C ARG C 388 5.05 -1.76 21.26
N ILE C 389 3.77 -1.45 21.01
CA ILE C 389 3.35 -0.06 20.87
C ILE C 389 3.14 0.56 22.25
N MET C 390 2.43 -0.13 23.15
CA MET C 390 2.19 0.45 24.48
C MET C 390 3.47 0.66 25.26
N ASP C 391 4.56 0.01 24.84
CA ASP C 391 5.86 0.22 25.44
C ASP C 391 6.20 1.71 25.47
N GLY C 392 5.98 2.40 24.35
CA GLY C 392 6.21 3.83 24.32
C GLY C 392 5.30 4.59 25.28
N SER C 393 3.99 4.37 25.18
CA SER C 393 3.06 5.07 26.07
C SER C 393 3.48 4.91 27.52
N PHE C 394 3.78 3.68 27.93
CA PHE C 394 3.92 3.41 29.34
C PHE C 394 5.32 3.71 29.89
N ALA C 395 6.36 3.72 29.05
CA ALA C 395 7.62 4.29 29.49
C ALA C 395 7.47 5.77 29.80
N ASN C 396 6.65 6.49 29.01
CA ASN C 396 6.37 7.89 29.33
C ASN C 396 5.65 8.02 30.66
N GLN C 397 4.70 7.11 30.94
CA GLN C 397 4.00 7.16 32.22
C GLN C 397 4.96 7.00 33.39
N VAL C 398 5.91 6.04 33.29
CA VAL C 398 6.84 5.83 34.40
C VAL C 398 7.70 7.08 34.61
N LEU C 399 8.25 7.62 33.52
CA LEU C 399 9.05 8.84 33.62
C LEU C 399 8.23 9.98 34.22
N ALA C 400 6.96 10.11 33.80
CA ALA C 400 6.10 11.17 34.32
C ALA C 400 5.78 10.98 35.79
N GLN C 401 5.54 9.73 36.22
CA GLN C 401 5.34 9.46 37.64
C GLN C 401 6.57 9.85 38.44
N ILE C 402 7.76 9.43 37.99
CA ILE C 402 8.99 9.74 38.72
C ILE C 402 9.15 11.24 38.85
N HIS C 403 8.92 11.98 37.76
CA HIS C 403 9.17 13.42 37.78
C HIS C 403 8.27 14.11 38.80
N LEU C 404 6.96 13.88 38.74
CA LEU C 404 6.04 14.57 39.65
C LEU C 404 6.17 14.07 41.08
N PHE C 405 6.46 12.79 41.29
CA PHE C 405 6.71 12.31 42.65
C PHE C 405 7.94 12.96 43.25
N GLU C 406 9.01 13.09 42.46
CA GLU C 406 10.22 13.73 42.99
C GLU C 406 10.02 15.22 43.21
N GLN C 407 9.13 15.85 42.43
CA GLN C 407 8.87 17.27 42.61
C GLN C 407 8.21 17.56 43.95
N LYS C 408 7.38 16.64 44.45
CA LYS C 408 6.79 16.75 45.79
C LYS C 408 5.88 17.97 45.94
N TYR C 409 4.96 18.15 44.98
CA TYR C 409 4.12 19.35 44.97
C TYR C 409 3.38 19.56 46.29
N ALA C 410 2.83 18.49 46.87
CA ALA C 410 2.01 18.66 48.07
C ALA C 410 2.81 19.11 49.27
N ASP C 411 4.14 19.02 49.23
CA ASP C 411 5.00 19.40 50.33
C ASP C 411 5.65 20.77 50.14
N LEU C 412 5.32 21.48 49.05
CA LEU C 412 6.00 22.75 48.80
C LEU C 412 5.28 23.90 49.50
N PRO C 413 6.01 24.99 49.79
CA PRO C 413 5.36 26.21 50.27
C PRO C 413 4.30 26.69 49.28
N ALA C 414 3.38 27.50 49.78
CA ALA C 414 2.26 27.95 48.96
C ALA C 414 2.75 28.68 47.70
N ALA C 415 3.73 29.56 47.85
CA ALA C 415 4.20 30.34 46.70
C ALA C 415 4.88 29.45 45.68
N GLU C 416 5.51 28.35 46.13
CA GLU C 416 6.05 27.40 45.19
C GLU C 416 4.93 26.61 44.50
N LYS C 417 3.90 26.21 45.26
CA LYS C 417 2.76 25.53 44.65
C LYS C 417 2.20 26.33 43.49
N ALA C 418 1.99 27.63 43.70
CA ALA C 418 1.38 28.45 42.66
C ALA C 418 2.22 28.49 41.40
N LYS C 419 3.55 28.43 41.54
CA LYS C 419 4.42 28.46 40.38
C LYS C 419 4.42 27.14 39.61
N ARG C 420 4.04 26.04 40.24
CA ARG C 420 4.13 24.73 39.61
C ARG C 420 2.78 24.10 39.30
N LEU C 421 1.68 24.80 39.54
CA LEU C 421 0.34 24.25 39.29
C LEU C 421 0.02 24.42 37.81
N SER C 422 0.38 23.42 37.00
CA SER C 422 0.23 23.53 35.55
C SER C 422 0.01 22.15 34.94
N VAL C 423 -0.17 22.14 33.62
CA VAL C 423 -0.24 20.92 32.81
C VAL C 423 0.92 20.97 31.81
N GLU C 424 1.86 20.04 31.95
CA GLU C 424 3.12 20.06 31.21
C GLU C 424 3.31 18.77 30.43
N VAL C 425 4.21 18.80 29.44
CA VAL C 425 4.69 17.60 28.77
C VAL C 425 6.11 17.31 29.21
N LEU C 426 6.55 16.08 28.98
CA LEU C 426 7.91 15.69 29.30
C LEU C 426 8.90 16.38 28.35
N PRO C 427 10.13 16.60 28.80
CA PRO C 427 11.16 17.18 27.92
C PRO C 427 11.40 16.31 26.70
N LYS C 428 11.74 16.96 25.58
CA LYS C 428 11.94 16.23 24.33
C LYS C 428 13.09 15.24 24.43
N LYS C 429 14.08 15.51 25.30
CA LYS C 429 15.20 14.59 25.47
C LYS C 429 14.73 13.23 25.95
N LEU C 430 13.75 13.19 26.86
CA LEU C 430 13.23 11.92 27.33
C LEU C 430 12.37 11.26 26.25
N ASP C 431 11.59 12.05 25.52
CA ASP C 431 10.86 11.52 24.36
C ASP C 431 11.81 10.78 23.42
N GLU C 432 12.97 11.39 23.13
CA GLU C 432 13.94 10.74 22.24
C GLU C 432 14.50 9.46 22.87
N GLU C 433 14.81 9.50 24.16
CA GLU C 433 15.37 8.33 24.82
C GLU C 433 14.39 7.15 24.80
N VAL C 434 13.08 7.43 24.90
CA VAL C 434 12.10 6.36 24.79
C VAL C 434 12.11 5.78 23.39
N ALA C 435 12.16 6.65 22.38
CA ALA C 435 12.15 6.21 20.98
C ALA C 435 13.38 5.36 20.67
N LEU C 436 14.54 5.76 21.19
CA LEU C 436 15.75 5.00 20.90
C LEU C 436 15.61 3.56 21.34
N GLU C 437 15.04 3.32 22.52
CA GLU C 437 14.89 1.95 22.98
C GLU C 437 13.85 1.20 22.13
N MET C 438 12.80 1.90 21.67
CA MET C 438 11.86 1.28 20.75
C MET C 438 12.56 0.87 19.46
N VAL C 439 13.37 1.76 18.90
CA VAL C 439 14.04 1.47 17.63
C VAL C 439 14.98 0.28 17.78
N LYS C 440 15.74 0.25 18.88
CA LYS C 440 16.61 -0.89 19.14
C LYS C 440 15.81 -2.16 19.30
N GLY C 441 14.57 -2.06 19.78
CA GLY C 441 13.72 -3.24 19.90
C GLY C 441 13.41 -3.87 18.55
N PHE C 442 13.40 -3.08 17.48
CA PHE C 442 13.24 -3.61 16.14
C PHE C 442 14.54 -4.07 15.51
N GLY C 443 15.69 -3.87 16.17
CA GLY C 443 16.96 -4.08 15.51
C GLY C 443 17.40 -2.91 14.67
N GLY C 444 16.71 -1.77 14.76
CA GLY C 444 17.16 -0.58 14.07
C GLY C 444 18.47 -0.05 14.64
N VAL C 445 19.22 0.67 13.81
CA VAL C 445 20.48 1.28 14.23
C VAL C 445 20.43 2.77 13.90
N VAL C 446 20.47 3.60 14.93
CA VAL C 446 20.48 5.05 14.74
C VAL C 446 21.92 5.48 14.52
N THR C 447 22.11 6.39 13.56
CA THR C 447 23.44 6.91 13.24
C THR C 447 23.81 8.06 14.17
N GLN C 448 25.07 8.10 14.59
CA GLN C 448 25.58 9.18 15.43
C GLN C 448 26.11 10.30 14.55
N LEU C 449 25.66 11.53 14.80
CA LEU C 449 26.23 12.69 14.11
C LEU C 449 27.72 12.81 14.39
N THR C 450 28.48 13.30 13.40
CA THR C 450 29.82 13.76 13.70
C THR C 450 29.74 15.14 14.35
N PRO C 451 30.80 15.55 15.03
CA PRO C 451 30.80 16.92 15.60
C PRO C 451 30.57 17.99 14.55
N LYS C 452 31.19 17.87 13.38
CA LYS C 452 30.95 18.83 12.31
C LYS C 452 29.50 18.84 11.88
N GLN C 453 28.90 17.65 11.71
CA GLN C 453 27.49 17.61 11.30
C GLN C 453 26.59 18.23 12.35
N ALA C 454 26.87 17.95 13.63
CA ALA C 454 26.07 18.53 14.70
C ALA C 454 26.12 20.05 14.68
N GLU C 455 27.32 20.62 14.51
CA GLU C 455 27.45 22.07 14.46
C GLU C 455 26.75 22.66 13.24
N TYR C 456 26.71 21.90 12.14
CA TYR C 456 26.10 22.38 10.90
C TYR C 456 24.60 22.58 11.05
N ILE C 457 23.93 21.69 11.79
CA ILE C 457 22.48 21.81 11.98
C ILE C 457 22.12 22.38 13.34
N GLY C 458 23.10 22.70 14.17
CA GLY C 458 22.85 23.41 15.41
C GLY C 458 22.27 22.55 16.51
N VAL C 459 22.76 21.32 16.68
CA VAL C 459 22.29 20.45 17.75
C VAL C 459 23.50 19.83 18.46
N SER C 460 23.25 19.32 19.65
CA SER C 460 24.23 18.48 20.32
CA SER C 460 24.23 18.48 20.32
C SER C 460 24.21 17.06 19.74
N VAL C 461 25.38 16.43 19.70
CA VAL C 461 25.48 15.06 19.21
C VAL C 461 24.54 14.15 19.99
N GLU C 462 24.29 14.47 21.26
CA GLU C 462 23.40 13.71 22.12
C GLU C 462 21.92 14.07 21.95
N GLY C 463 21.61 15.11 21.18
CA GLY C 463 20.26 15.60 21.10
C GLY C 463 19.98 16.57 22.25
N PRO C 464 18.76 17.15 22.29
CA PRO C 464 17.65 16.93 21.34
C PRO C 464 17.97 17.36 19.92
N PHE C 465 17.32 16.72 18.93
CA PHE C 465 17.65 16.91 17.53
C PHE C 465 16.69 17.86 16.80
N LYS C 466 15.59 18.24 17.43
CA LYS C 466 14.57 19.09 16.83
C LYS C 466 14.17 20.18 17.82
N PRO C 467 13.75 21.35 17.33
CA PRO C 467 13.16 22.36 18.23
C PRO C 467 11.78 21.92 18.70
N ASP C 468 11.34 22.54 19.80
CA ASP C 468 10.06 22.15 20.40
C ASP C 468 8.88 22.42 19.47
N THR C 469 9.05 23.30 18.47
CA THR C 469 7.97 23.54 17.51
C THR C 469 7.81 22.40 16.49
N TYR C 470 8.71 21.43 16.46
CA TYR C 470 8.70 20.44 15.37
C TYR C 470 7.51 19.49 15.51
N ARG C 471 6.84 19.20 14.38
CA ARG C 471 5.62 18.39 14.38
C ARG C 471 5.83 16.93 13.98
N TYR C 472 7.01 16.56 13.48
CA TYR C 472 7.27 15.22 12.98
C TYR C 472 6.17 14.80 11.99
N GLY D 12 -35.78 -37.31 19.19
CA GLY D 12 -34.69 -37.86 19.99
C GLY D 12 -33.44 -38.14 19.18
N PHE D 13 -33.03 -37.16 18.38
CA PHE D 13 -31.90 -37.35 17.49
C PHE D 13 -30.59 -37.40 18.27
N THR D 14 -29.79 -38.43 18.03
CA THR D 14 -28.51 -38.59 18.73
C THR D 14 -27.36 -38.98 17.82
N ASP D 15 -27.55 -38.92 16.50
CA ASP D 15 -26.54 -39.38 15.54
C ASP D 15 -25.52 -38.27 15.24
N TYR D 16 -24.77 -37.88 16.28
CA TYR D 16 -23.79 -36.81 16.16
C TYR D 16 -22.82 -36.87 17.34
N LYS D 17 -21.75 -36.09 17.25
CA LYS D 17 -20.88 -35.87 18.39
C LYS D 17 -20.18 -34.53 18.22
N VAL D 18 -20.38 -33.63 19.17
CA VAL D 18 -19.85 -32.27 19.13
C VAL D 18 -19.43 -31.90 20.54
N ALA D 19 -18.84 -30.71 20.68
CA ALA D 19 -18.29 -30.30 21.97
C ALA D 19 -19.38 -29.95 22.96
N ASP D 20 -20.44 -29.28 22.50
CA ASP D 20 -21.43 -28.70 23.40
C ASP D 20 -22.68 -28.29 22.63
N ILE D 21 -23.75 -29.07 22.76
CA ILE D 21 -24.94 -28.82 21.96
C ILE D 21 -25.60 -27.49 22.33
N THR D 22 -25.36 -26.98 23.54
CA THR D 22 -26.00 -25.74 23.96
C THR D 22 -25.51 -24.53 23.19
N LEU D 23 -24.43 -24.66 22.43
CA LEU D 23 -23.96 -23.59 21.55
C LEU D 23 -24.79 -23.46 20.28
N ALA D 24 -25.84 -24.26 20.12
CA ALA D 24 -26.57 -24.30 18.85
C ALA D 24 -27.20 -22.95 18.53
N ALA D 25 -27.81 -22.30 19.52
CA ALA D 25 -28.47 -21.01 19.27
C ALA D 25 -27.46 -19.96 18.81
N TRP D 26 -26.28 -19.93 19.42
CA TRP D 26 -25.22 -19.03 18.98
C TRP D 26 -24.82 -19.32 17.55
N GLY D 27 -24.61 -20.61 17.23
CA GLY D 27 -24.25 -20.98 15.87
C GLY D 27 -25.32 -20.58 14.86
N ARG D 28 -26.61 -20.76 15.22
CA ARG D 28 -27.68 -20.38 14.31
C ARG D 28 -27.67 -18.88 14.04
N ARG D 29 -27.45 -18.06 15.08
CA ARG D 29 -27.37 -16.62 14.87
C ARG D 29 -26.27 -16.27 13.88
N GLU D 30 -25.11 -16.92 13.99
CA GLU D 30 -24.03 -16.61 13.07
C GLU D 30 -24.28 -17.20 11.67
N LEU D 31 -25.01 -18.31 11.56
CA LEU D 31 -25.37 -18.83 10.25
C LEU D 31 -26.29 -17.87 9.50
N ILE D 32 -27.24 -17.27 10.21
CA ILE D 32 -28.16 -16.34 9.58
C ILE D 32 -27.42 -15.12 9.04
N ILE D 33 -26.45 -14.61 9.81
CA ILE D 33 -25.60 -13.53 9.32
C ILE D 33 -24.81 -13.98 8.10
N ALA D 34 -24.16 -15.14 8.20
CA ALA D 34 -23.34 -15.64 7.11
C ALA D 34 -24.13 -15.80 5.81
N GLU D 35 -25.41 -16.16 5.91
CA GLU D 35 -26.23 -16.27 4.71
C GLU D 35 -26.30 -14.94 3.98
N SER D 36 -26.35 -13.82 4.72
CA SER D 36 -26.39 -12.51 4.07
C SER D 36 -25.05 -12.14 3.45
N GLU D 37 -23.96 -12.80 3.86
CA GLU D 37 -22.63 -12.60 3.30
C GLU D 37 -22.30 -13.55 2.15
N MET D 38 -23.21 -14.46 1.79
CA MET D 38 -22.92 -15.51 0.80
C MET D 38 -24.00 -15.54 -0.28
N PRO D 39 -24.02 -14.53 -1.16
CA PRO D 39 -25.10 -14.42 -2.15
C PRO D 39 -24.99 -15.41 -3.30
N ALA D 40 -23.77 -15.82 -3.69
CA ALA D 40 -23.65 -16.83 -4.74
C ALA D 40 -24.18 -18.18 -4.25
N LEU D 41 -23.74 -18.60 -3.06
CA LEU D 41 -24.20 -19.87 -2.51
C LEU D 41 -25.70 -19.84 -2.24
N MET D 42 -26.18 -18.80 -1.57
CA MET D 42 -27.62 -18.69 -1.30
C MET D 42 -28.42 -18.53 -2.59
N GLY D 43 -27.86 -17.89 -3.61
CA GLY D 43 -28.55 -17.83 -4.89
C GLY D 43 -28.74 -19.19 -5.50
N LEU D 44 -27.79 -20.10 -5.30
CA LEU D 44 -27.94 -21.46 -5.78
C LEU D 44 -29.00 -22.20 -4.98
N ARG D 45 -29.01 -21.99 -3.66
CA ARG D 45 -30.02 -22.61 -2.81
C ARG D 45 -31.42 -22.23 -3.30
N ARG D 46 -31.66 -20.94 -3.53
CA ARG D 46 -32.98 -20.51 -4.00
C ARG D 46 -33.25 -21.00 -5.43
N LYS D 47 -32.23 -20.98 -6.28
CA LYS D 47 -32.42 -21.34 -7.68
C LYS D 47 -32.82 -22.81 -7.85
N TYR D 48 -32.24 -23.70 -7.06
CA TYR D 48 -32.38 -25.14 -7.26
C TYR D 48 -33.31 -25.81 -6.27
N ALA D 49 -33.90 -25.07 -5.33
CA ALA D 49 -34.78 -25.67 -4.34
C ALA D 49 -35.95 -26.40 -4.99
N GLY D 50 -36.53 -25.81 -6.04
CA GLY D 50 -37.69 -26.43 -6.67
C GLY D 50 -37.35 -27.72 -7.39
N GLN D 51 -36.23 -27.74 -8.11
CA GLN D 51 -35.88 -28.94 -8.88
C GLN D 51 -35.42 -30.06 -7.97
N GLN D 52 -34.83 -29.75 -6.82
CA GLN D 52 -34.25 -30.75 -5.92
C GLN D 52 -33.25 -31.63 -6.68
N PRO D 53 -32.20 -31.04 -7.26
CA PRO D 53 -31.30 -31.84 -8.10
C PRO D 53 -30.47 -32.85 -7.34
N LEU D 54 -30.40 -32.74 -6.01
CA LEU D 54 -29.61 -33.65 -5.20
C LEU D 54 -30.46 -34.69 -4.48
N LYS D 55 -31.76 -34.73 -4.77
CA LYS D 55 -32.63 -35.74 -4.17
C LYS D 55 -32.15 -37.14 -4.54
N GLY D 56 -31.88 -37.96 -3.53
CA GLY D 56 -31.25 -39.24 -3.71
C GLY D 56 -29.75 -39.25 -3.45
N ALA D 57 -29.11 -38.08 -3.48
CA ALA D 57 -27.69 -38.01 -3.18
C ALA D 57 -27.44 -38.26 -1.70
N LYS D 58 -26.43 -39.07 -1.41
CA LYS D 58 -26.00 -39.37 -0.03
C LYS D 58 -24.51 -39.02 0.04
N ILE D 59 -24.21 -37.86 0.59
CA ILE D 59 -22.89 -37.25 0.48
C ILE D 59 -22.11 -37.47 1.76
N LEU D 60 -20.94 -38.10 1.64
CA LEU D 60 -19.93 -38.02 2.69
C LEU D 60 -19.14 -36.72 2.52
N GLY D 61 -19.07 -35.92 3.58
N GLY D 61 -19.06 -35.93 3.57
CA GLY D 61 -18.37 -34.66 3.53
CA GLY D 61 -18.36 -34.65 3.53
C GLY D 61 -17.28 -34.56 4.58
C GLY D 61 -17.26 -34.60 4.58
N CYS D 62 -16.09 -34.09 4.18
CA CYS D 62 -14.97 -33.94 5.10
C CYS D 62 -14.33 -32.58 4.81
N ILE D 63 -14.74 -31.56 5.56
CA ILE D 63 -14.16 -30.23 5.40
C ILE D 63 -14.42 -29.45 6.68
N HIS D 64 -13.43 -28.63 7.06
CA HIS D 64 -13.47 -27.72 8.19
C HIS D 64 -14.90 -27.35 8.60
N MET D 65 -15.32 -27.77 9.80
CA MET D 65 -16.68 -27.54 10.29
C MET D 65 -16.80 -26.13 10.88
N THR D 66 -16.73 -25.15 9.99
CA THR D 66 -16.89 -23.74 10.32
C THR D 66 -18.35 -23.31 10.12
N ILE D 67 -18.60 -22.03 10.41
CA ILE D 67 -19.90 -21.44 10.07
C ILE D 67 -20.11 -21.47 8.56
N GLN D 68 -19.04 -21.24 7.79
CA GLN D 68 -19.14 -21.23 6.34
C GLN D 68 -19.52 -22.60 5.81
N THR D 69 -18.83 -23.64 6.29
CA THR D 69 -19.19 -25.00 5.91
C THR D 69 -20.63 -25.30 6.28
N GLY D 70 -21.11 -24.73 7.39
CA GLY D 70 -22.51 -24.93 7.76
C GLY D 70 -23.46 -24.44 6.68
N VAL D 71 -23.20 -23.26 6.11
CA VAL D 71 -24.07 -22.76 5.05
C VAL D 71 -24.02 -23.69 3.84
N LEU D 72 -22.83 -24.24 3.54
CA LEU D 72 -22.72 -25.19 2.44
C LEU D 72 -23.57 -26.42 2.72
N ILE D 73 -23.45 -26.96 3.93
CA ILE D 73 -24.15 -28.17 4.31
C ILE D 73 -25.65 -28.00 4.13
N GLU D 74 -26.22 -26.94 4.70
CA GLU D 74 -27.67 -26.77 4.63
C GLU D 74 -28.13 -26.54 3.20
N THR D 75 -27.28 -25.94 2.35
CA THR D 75 -27.65 -25.79 0.95
C THR D 75 -27.76 -27.15 0.25
N LEU D 76 -26.76 -28.01 0.45
CA LEU D 76 -26.84 -29.37 -0.08
C LEU D 76 -28.12 -30.06 0.38
N VAL D 77 -28.44 -29.94 1.67
CA VAL D 77 -29.67 -30.56 2.19
C VAL D 77 -30.90 -29.93 1.55
N ALA D 78 -30.92 -28.59 1.46
CA ALA D 78 -32.06 -27.92 0.84
C ALA D 78 -32.28 -28.37 -0.59
N LEU D 79 -31.20 -28.75 -1.30
CA LEU D 79 -31.35 -29.24 -2.66
C LEU D 79 -31.70 -30.71 -2.72
N GLY D 80 -31.92 -31.38 -1.57
CA GLY D 80 -32.42 -32.73 -1.53
C GLY D 80 -31.45 -33.79 -1.02
N ALA D 81 -30.23 -33.43 -0.65
CA ALA D 81 -29.25 -34.43 -0.27
C ALA D 81 -29.37 -34.81 1.20
N GLU D 82 -28.99 -36.05 1.50
CA GLU D 82 -28.60 -36.46 2.84
C GLU D 82 -27.08 -36.43 2.94
N VAL D 83 -26.57 -36.08 4.12
CA VAL D 83 -25.13 -35.95 4.34
C VAL D 83 -24.74 -36.53 5.70
N ARG D 84 -23.47 -36.93 5.80
CA ARG D 84 -22.81 -37.25 7.06
C ARG D 84 -21.45 -36.55 7.04
N TRP D 85 -21.13 -35.79 8.09
CA TRP D 85 -20.09 -34.77 7.99
C TRP D 85 -19.03 -34.89 9.08
N SER D 86 -17.80 -34.56 8.71
CA SER D 86 -16.69 -34.43 9.65
C SER D 86 -15.80 -33.29 9.19
N SER D 87 -14.93 -32.83 10.09
CA SER D 87 -13.94 -31.82 9.75
C SER D 87 -12.69 -32.48 9.18
N CYS D 88 -11.94 -31.72 8.37
CA CYS D 88 -10.71 -32.23 7.79
C CYS D 88 -9.46 -31.76 8.53
N ASN D 89 -9.62 -31.21 9.75
CA ASN D 89 -8.49 -30.80 10.57
C ASN D 89 -8.89 -30.82 12.04
N ILE D 90 -7.93 -31.18 12.90
CA ILE D 90 -8.24 -31.36 14.32
C ILE D 90 -8.53 -30.04 15.04
N PHE D 91 -8.14 -28.89 14.46
CA PHE D 91 -8.28 -27.60 15.14
C PHE D 91 -9.18 -26.61 14.41
N SER D 92 -9.75 -26.98 13.26
CA SER D 92 -10.44 -26.00 12.42
C SER D 92 -11.92 -25.86 12.73
N THR D 93 -12.51 -26.76 13.51
CA THR D 93 -13.94 -26.69 13.79
C THR D 93 -14.29 -25.48 14.65
N GLN D 94 -15.42 -24.86 14.35
CA GLN D 94 -16.05 -23.87 15.22
C GLN D 94 -17.18 -24.60 15.96
N ASP D 95 -16.99 -24.79 17.27
CA ASP D 95 -17.91 -25.66 18.01
C ASP D 95 -19.36 -25.16 17.96
N GLN D 96 -19.57 -23.84 17.78
CA GLN D 96 -20.95 -23.38 17.64
C GLN D 96 -21.52 -23.72 16.26
N ALA D 97 -20.67 -23.78 15.23
CA ALA D 97 -21.14 -24.25 13.94
C ALA D 97 -21.56 -25.71 14.02
N ALA D 98 -20.70 -26.56 14.59
CA ALA D 98 -21.02 -27.98 14.73
C ALA D 98 -22.33 -28.17 15.49
N ALA D 99 -22.46 -27.52 16.65
CA ALA D 99 -23.66 -27.69 17.47
C ALA D 99 -24.92 -27.35 16.69
N ALA D 100 -24.90 -26.26 15.94
CA ALA D 100 -26.10 -25.84 15.22
C ALA D 100 -26.47 -26.83 14.12
N ILE D 101 -25.46 -27.40 13.45
CA ILE D 101 -25.76 -28.40 12.42
C ILE D 101 -26.36 -29.65 13.05
N ALA D 102 -25.78 -30.11 14.16
CA ALA D 102 -26.34 -31.26 14.87
C ALA D 102 -27.76 -30.97 15.33
N ALA D 103 -28.00 -29.78 15.90
CA ALA D 103 -29.32 -29.45 16.40
C ALA D 103 -30.36 -29.40 15.29
N ALA D 104 -29.93 -29.27 14.04
CA ALA D 104 -30.82 -29.32 12.89
C ALA D 104 -31.09 -30.75 12.41
N GLY D 105 -30.58 -31.76 13.13
CA GLY D 105 -30.80 -33.14 12.76
C GLY D 105 -29.92 -33.63 11.62
N ILE D 106 -28.71 -33.10 11.50
CA ILE D 106 -27.78 -33.48 10.45
C ILE D 106 -26.58 -34.16 11.10
N PRO D 107 -26.25 -35.40 10.71
CA PRO D 107 -25.14 -36.12 11.37
C PRO D 107 -23.82 -35.39 11.15
N VAL D 108 -23.16 -35.03 12.25
CA VAL D 108 -21.88 -34.35 12.22
C VAL D 108 -21.03 -34.85 13.38
N PHE D 109 -19.72 -35.00 13.14
CA PHE D 109 -18.80 -35.49 14.15
C PHE D 109 -17.55 -34.63 14.06
N ALA D 110 -17.47 -33.62 14.93
CA ALA D 110 -16.40 -32.64 14.84
C ALA D 110 -16.40 -31.77 16.10
N TRP D 111 -15.20 -31.46 16.58
CA TRP D 111 -15.00 -30.47 17.63
C TRP D 111 -13.59 -29.90 17.52
N LYS D 112 -13.41 -28.67 18.01
CA LYS D 112 -12.08 -28.08 18.03
C LYS D 112 -11.22 -28.78 19.07
N GLY D 113 -10.01 -29.15 18.67
CA GLY D 113 -9.10 -29.81 19.60
C GLY D 113 -9.17 -31.32 19.62
N GLU D 114 -9.52 -31.95 18.50
CA GLU D 114 -9.51 -33.40 18.46
C GLU D 114 -8.10 -33.95 18.58
N THR D 115 -7.99 -35.15 19.15
CA THR D 115 -6.75 -35.90 19.01
C THR D 115 -6.71 -36.54 17.63
N GLU D 116 -5.53 -37.06 17.26
CA GLU D 116 -5.43 -37.77 15.99
C GLU D 116 -6.34 -38.99 15.97
N GLU D 117 -6.37 -39.74 17.07
CA GLU D 117 -7.26 -40.89 17.19
C GLU D 117 -8.71 -40.47 17.01
N GLU D 118 -9.12 -39.39 17.70
CA GLU D 118 -10.49 -38.90 17.56
C GLU D 118 -10.78 -38.44 16.14
N TYR D 119 -9.78 -37.88 15.46
CA TYR D 119 -9.97 -37.43 14.09
C TYR D 119 -10.34 -38.59 13.17
N GLU D 120 -9.69 -39.74 13.35
CA GLU D 120 -10.01 -40.91 12.53
CA GLU D 120 -10.00 -40.91 12.54
C GLU D 120 -11.39 -41.44 12.85
N TRP D 121 -11.72 -41.55 14.15
CA TRP D 121 -13.05 -41.96 14.56
C TRP D 121 -14.14 -41.09 13.93
N CYS D 122 -13.90 -39.79 13.86
CA CYS D 122 -14.92 -38.89 13.30
C CYS D 122 -15.20 -39.22 11.85
N ILE D 123 -14.14 -39.43 11.05
CA ILE D 123 -14.36 -39.79 9.66
C ILE D 123 -15.07 -41.12 9.57
N GLU D 124 -14.65 -42.08 10.39
CA GLU D 124 -15.29 -43.40 10.38
C GLU D 124 -16.77 -43.30 10.68
N GLN D 125 -17.15 -42.37 11.56
CA GLN D 125 -18.56 -42.26 11.95
C GLN D 125 -19.44 -41.73 10.83
N THR D 126 -18.86 -41.01 9.86
CA THR D 126 -19.64 -40.64 8.68
C THR D 126 -19.70 -41.78 7.67
N ILE D 127 -18.62 -42.57 7.57
CA ILE D 127 -18.60 -43.69 6.65
C ILE D 127 -19.54 -44.80 7.11
N LEU D 128 -19.66 -45.00 8.42
CA LEU D 128 -20.47 -46.06 9.00
C LEU D 128 -21.72 -45.49 9.66
N LYS D 129 -22.86 -46.15 9.42
CA LYS D 129 -24.10 -45.84 10.13
C LYS D 129 -24.65 -47.14 10.71
N ASP D 130 -24.81 -47.16 12.03
CA ASP D 130 -25.31 -48.33 12.74
C ASP D 130 -24.40 -49.54 12.55
N GLY D 131 -23.10 -49.30 12.35
CA GLY D 131 -22.13 -50.37 12.29
C GLY D 131 -21.82 -50.91 10.92
N GLN D 132 -22.57 -50.49 9.90
CA GLN D 132 -22.37 -50.96 8.54
C GLN D 132 -22.09 -49.78 7.61
N PRO D 133 -21.43 -50.02 6.49
CA PRO D 133 -21.17 -48.94 5.54
C PRO D 133 -22.46 -48.26 5.10
N TRP D 134 -22.50 -46.94 5.23
CA TRP D 134 -23.62 -46.16 4.72
C TRP D 134 -23.69 -46.31 3.19
N ASP D 135 -24.90 -46.23 2.66
CA ASP D 135 -25.10 -46.34 1.21
C ASP D 135 -24.85 -44.99 0.54
N ALA D 136 -23.62 -44.51 0.70
CA ALA D 136 -23.20 -43.24 0.12
C ALA D 136 -23.07 -43.35 -1.39
N ASN D 137 -23.31 -42.23 -2.07
CA ASN D 137 -23.11 -42.21 -3.52
C ASN D 137 -22.37 -40.96 -3.99
N MET D 138 -21.85 -40.13 -3.07
CA MET D 138 -21.14 -38.91 -3.41
C MET D 138 -20.15 -38.59 -2.29
N VAL D 139 -19.06 -37.91 -2.64
CA VAL D 139 -18.04 -37.51 -1.68
C VAL D 139 -17.66 -36.05 -1.93
N LEU D 140 -17.57 -35.26 -0.85
CA LEU D 140 -17.03 -33.91 -0.85
C LEU D 140 -15.86 -33.89 0.14
N ASP D 141 -14.69 -33.47 -0.34
CA ASP D 141 -13.44 -33.66 0.40
C ASP D 141 -12.59 -32.41 0.29
N ASP D 142 -11.75 -32.19 1.32
CA ASP D 142 -10.85 -31.04 1.40
C ASP D 142 -9.53 -31.58 1.95
N GLY D 143 -8.58 -31.86 1.06
CA GLY D 143 -7.29 -32.42 1.44
C GLY D 143 -7.10 -33.87 1.07
N GLY D 144 -8.19 -34.61 0.81
CA GLY D 144 -8.13 -35.97 0.35
C GLY D 144 -8.07 -37.04 1.42
N ASP D 145 -8.25 -36.70 2.69
CA ASP D 145 -8.17 -37.71 3.74
C ASP D 145 -9.33 -38.71 3.63
N LEU D 146 -10.55 -38.21 3.43
CA LEU D 146 -11.69 -39.11 3.28
C LEU D 146 -11.57 -39.95 2.01
N THR D 147 -11.16 -39.32 0.90
CA THR D 147 -10.92 -40.05 -0.35
C THR D 147 -9.94 -41.19 -0.14
N GLU D 148 -8.88 -40.95 0.64
CA GLU D 148 -7.87 -41.98 0.86
C GLU D 148 -8.41 -43.12 1.71
N ILE D 149 -9.09 -42.78 2.82
CA ILE D 149 -9.65 -43.83 3.67
C ILE D 149 -10.64 -44.69 2.89
N LEU D 150 -11.43 -44.06 2.01
CA LEU D 150 -12.38 -44.82 1.21
C LEU D 150 -11.66 -45.82 0.30
N HIS D 151 -10.63 -45.35 -0.41
CA HIS D 151 -9.93 -46.24 -1.34
C HIS D 151 -9.14 -47.31 -0.61
N LYS D 152 -8.58 -47.00 0.57
CA LYS D 152 -7.70 -47.96 1.22
C LYS D 152 -8.43 -48.92 2.15
N LYS D 153 -9.48 -48.47 2.82
CA LYS D 153 -10.15 -49.29 3.81
C LYS D 153 -11.57 -49.68 3.44
N TYR D 154 -12.21 -48.97 2.51
CA TYR D 154 -13.59 -49.26 2.16
C TYR D 154 -13.79 -49.29 0.64
N PRO D 155 -12.94 -50.01 -0.10
CA PRO D 155 -13.06 -49.96 -1.57
C PRO D 155 -14.42 -50.38 -2.10
N GLN D 156 -15.12 -51.31 -1.44
CA GLN D 156 -16.43 -51.73 -1.92
C GLN D 156 -17.40 -50.57 -2.03
N MET D 157 -17.30 -49.58 -1.15
CA MET D 157 -18.24 -48.47 -1.15
C MET D 157 -18.09 -47.60 -2.39
N LEU D 158 -16.89 -47.53 -2.97
CA LEU D 158 -16.69 -46.74 -4.18
C LEU D 158 -17.44 -47.34 -5.38
N GLU D 159 -17.86 -48.60 -5.29
CA GLU D 159 -18.69 -49.17 -6.34
C GLU D 159 -20.00 -48.41 -6.51
N ARG D 160 -20.47 -47.70 -5.47
CA ARG D 160 -21.76 -47.04 -5.50
C ARG D 160 -21.64 -45.52 -5.52
N ILE D 161 -20.42 -44.99 -5.61
CA ILE D 161 -20.18 -43.55 -5.49
C ILE D 161 -20.00 -42.97 -6.87
N HIS D 162 -20.69 -41.87 -7.14
CA HIS D 162 -20.68 -41.28 -8.47
C HIS D 162 -19.53 -40.32 -8.71
N GLY D 163 -18.93 -39.75 -7.66
CA GLY D 163 -17.79 -38.87 -7.85
C GLY D 163 -17.33 -38.19 -6.58
N ILE D 164 -16.25 -37.44 -6.73
CA ILE D 164 -15.63 -36.67 -5.65
C ILE D 164 -15.47 -35.22 -6.11
N THR D 165 -15.81 -34.28 -5.22
CA THR D 165 -15.55 -32.86 -5.45
C THR D 165 -14.53 -32.43 -4.40
N GLU D 166 -13.32 -32.06 -4.84
CA GLU D 166 -12.19 -31.85 -3.96
C GLU D 166 -11.83 -30.37 -3.89
N GLU D 167 -11.67 -29.87 -2.65
CA GLU D 167 -11.61 -28.44 -2.39
C GLU D 167 -10.24 -27.81 -2.68
N THR D 168 -9.15 -28.48 -2.34
CA THR D 168 -7.90 -27.76 -2.12
C THR D 168 -6.75 -28.35 -2.92
N THR D 169 -5.71 -27.52 -3.08
CA THR D 169 -4.57 -27.85 -3.94
C THR D 169 -3.97 -29.20 -3.60
N THR D 170 -3.67 -29.44 -2.32
CA THR D 170 -3.08 -30.71 -1.93
C THR D 170 -3.97 -31.89 -2.30
N GLY D 171 -5.27 -31.76 -2.06
CA GLY D 171 -6.18 -32.85 -2.42
C GLY D 171 -6.18 -33.15 -3.90
N VAL D 172 -6.19 -32.11 -4.73
CA VAL D 172 -6.13 -32.32 -6.18
C VAL D 172 -4.86 -33.07 -6.55
N HIS D 173 -3.72 -32.66 -5.98
CA HIS D 173 -2.48 -33.36 -6.27
C HIS D 173 -2.60 -34.84 -5.97
N ARG D 174 -3.27 -35.19 -4.87
CA ARG D 174 -3.39 -36.60 -4.52
C ARG D 174 -4.30 -37.33 -5.51
N LEU D 175 -5.39 -36.68 -5.92
CA LEU D 175 -6.22 -37.23 -6.99
C LEU D 175 -5.39 -37.51 -8.24
N LEU D 176 -4.67 -36.50 -8.73
CA LEU D 176 -3.92 -36.69 -9.98
C LEU D 176 -2.89 -37.81 -9.85
N ASP D 177 -2.26 -37.95 -8.68
CA ASP D 177 -1.33 -39.06 -8.49
CA ASP D 177 -1.33 -39.06 -8.48
C ASP D 177 -2.04 -40.40 -8.57
N MET D 178 -3.21 -40.52 -7.95
CA MET D 178 -3.99 -41.75 -8.07
C MET D 178 -4.35 -42.01 -9.53
N LEU D 179 -4.90 -41.00 -10.21
CA LEU D 179 -5.25 -41.17 -11.62
C LEU D 179 -4.04 -41.65 -12.43
N LYS D 180 -2.91 -40.96 -12.29
CA LYS D 180 -1.70 -41.37 -13.02
C LYS D 180 -1.31 -42.80 -12.70
N ASN D 181 -1.60 -43.29 -11.50
CA ASN D 181 -1.19 -44.64 -11.12
C ASN D 181 -2.27 -45.70 -11.34
N GLY D 182 -3.38 -45.33 -11.97
CA GLY D 182 -4.46 -46.28 -12.19
C GLY D 182 -5.23 -46.70 -10.95
N THR D 183 -5.09 -45.99 -9.83
CA THR D 183 -5.75 -46.36 -8.59
C THR D 183 -6.98 -45.52 -8.28
N LEU D 184 -7.27 -44.48 -9.05
CA LEU D 184 -8.47 -43.69 -8.81
C LEU D 184 -9.70 -44.46 -9.27
N LYS D 185 -10.66 -44.65 -8.37
CA LYS D 185 -11.78 -45.53 -8.64
C LYS D 185 -13.03 -44.81 -9.18
N VAL D 186 -13.14 -43.51 -8.94
CA VAL D 186 -14.31 -42.74 -9.39
C VAL D 186 -13.84 -41.40 -9.91
N PRO D 187 -14.68 -40.71 -10.69
CA PRO D 187 -14.29 -39.40 -11.23
C PRO D 187 -14.36 -38.30 -10.18
N ALA D 188 -13.69 -37.19 -10.50
CA ALA D 188 -13.57 -36.07 -9.57
C ALA D 188 -13.63 -34.75 -10.32
N ILE D 189 -14.14 -33.74 -9.64
CA ILE D 189 -14.06 -32.36 -10.10
C ILE D 189 -13.08 -31.61 -9.22
N ASN D 190 -12.13 -30.93 -9.86
CA ASN D 190 -11.15 -30.08 -9.20
C ASN D 190 -11.80 -28.73 -8.95
N VAL D 191 -12.38 -28.59 -7.75
CA VAL D 191 -13.05 -27.35 -7.36
C VAL D 191 -12.03 -26.24 -7.15
N ASN D 192 -10.81 -26.62 -6.74
CA ASN D 192 -9.76 -25.64 -6.45
C ASN D 192 -9.52 -24.70 -7.62
N ASP D 193 -9.48 -25.24 -8.85
CA ASP D 193 -8.96 -24.47 -9.98
C ASP D 193 -10.02 -23.69 -10.73
N SER D 194 -11.24 -23.60 -10.21
CA SER D 194 -12.11 -22.48 -10.58
C SER D 194 -11.43 -21.17 -10.19
N VAL D 195 -11.53 -20.16 -11.06
CA VAL D 195 -10.89 -18.89 -10.75
C VAL D 195 -11.53 -18.27 -9.52
N THR D 196 -12.87 -18.39 -9.41
CA THR D 196 -13.59 -17.95 -8.23
C THR D 196 -13.30 -18.80 -6.99
N LYS D 197 -12.33 -19.71 -7.09
CA LYS D 197 -11.81 -20.41 -5.92
C LYS D 197 -10.33 -20.12 -5.76
N SER D 198 -9.47 -20.69 -6.61
CA SER D 198 -8.02 -20.55 -6.43
C SER D 198 -7.57 -19.10 -6.26
N LYS D 199 -8.04 -18.21 -7.12
CA LYS D 199 -7.59 -16.83 -7.10
C LYS D 199 -8.50 -15.93 -6.27
N ASN D 200 -9.26 -16.51 -5.33
CA ASN D 200 -10.15 -15.80 -4.43
C ASN D 200 -9.90 -16.37 -3.03
N ASP D 201 -10.41 -17.57 -2.79
CA ASP D 201 -10.15 -18.32 -1.57
C ASP D 201 -8.66 -18.41 -1.23
N ASN D 202 -7.87 -19.06 -2.08
CA ASN D 202 -6.48 -19.39 -1.73
C ASN D 202 -5.65 -18.13 -1.46
N LYS D 203 -5.84 -17.09 -2.27
CA LYS D 203 -5.04 -15.85 -2.14
C LYS D 203 -5.68 -14.88 -1.16
N TYR D 204 -6.86 -14.35 -1.50
CA TYR D 204 -7.47 -13.30 -0.68
C TYR D 204 -7.94 -13.83 0.67
N GLY D 205 -8.35 -15.10 0.74
CA GLY D 205 -8.72 -15.67 2.02
C GLY D 205 -7.57 -15.65 3.02
N CYS D 206 -6.37 -16.05 2.57
CA CYS D 206 -5.21 -16.03 3.44
C CYS D 206 -4.78 -14.61 3.77
N ARG D 207 -4.96 -13.67 2.84
CA ARG D 207 -4.67 -12.26 3.15
C ARG D 207 -5.50 -11.78 4.33
N HIS D 208 -6.80 -12.11 4.34
CA HIS D 208 -7.67 -11.74 5.46
C HIS D 208 -7.29 -12.48 6.74
N SER D 209 -6.99 -13.79 6.65
CA SER D 209 -7.00 -14.60 7.85
C SER D 209 -5.62 -14.93 8.41
N LEU D 210 -4.52 -14.75 7.66
CA LEU D 210 -3.20 -15.01 8.27
C LEU D 210 -2.91 -14.04 9.41
N ASN D 211 -2.85 -12.73 9.13
CA ASN D 211 -2.54 -11.79 10.20
CA ASN D 211 -2.56 -11.77 10.19
C ASN D 211 -3.61 -11.82 11.29
N ASP D 212 -4.86 -12.14 10.93
CA ASP D 212 -5.92 -12.35 11.92
C ASP D 212 -5.49 -13.39 12.96
N ALA D 213 -4.98 -14.52 12.48
CA ALA D 213 -4.65 -15.63 13.38
C ALA D 213 -3.43 -15.31 14.23
N ILE D 214 -2.44 -14.63 13.66
CA ILE D 214 -1.26 -14.28 14.45
C ILE D 214 -1.63 -13.31 15.57
N LYS D 215 -2.51 -12.35 15.29
CA LYS D 215 -2.92 -11.41 16.33
C LYS D 215 -3.66 -12.12 17.46
N ARG D 216 -4.61 -13.00 17.11
CA ARG D 216 -5.39 -13.67 18.15
C ARG D 216 -4.50 -14.56 19.00
N GLY D 217 -3.49 -15.19 18.39
CA GLY D 217 -2.61 -16.09 19.13
C GLY D 217 -1.58 -15.40 20.02
N THR D 218 -0.98 -14.31 19.53
CA THR D 218 0.13 -13.65 20.21
C THR D 218 -0.11 -12.19 20.56
N ASP D 219 -1.06 -11.54 19.89
CA ASP D 219 -1.25 -10.09 19.95
C ASP D 219 0.05 -9.35 19.71
N HIS D 220 0.93 -9.94 18.90
CA HIS D 220 2.20 -9.30 18.55
C HIS D 220 1.97 -8.15 17.57
N LEU D 221 2.64 -7.03 17.82
CA LEU D 221 2.78 -6.03 16.77
C LEU D 221 3.52 -6.66 15.59
N LEU D 222 3.06 -6.34 14.36
CA LEU D 222 3.74 -6.86 13.18
C LEU D 222 4.51 -5.81 12.42
N SER D 223 4.03 -4.56 12.43
CA SER D 223 4.71 -3.48 11.72
C SER D 223 6.15 -3.37 12.18
N GLY D 224 7.06 -3.20 11.22
CA GLY D 224 8.46 -2.98 11.52
C GLY D 224 9.28 -4.23 11.77
N LYS D 225 8.66 -5.41 11.85
CA LYS D 225 9.37 -6.66 12.09
C LYS D 225 9.66 -7.39 10.77
N GLN D 226 10.51 -8.41 10.86
CA GLN D 226 10.99 -9.17 9.70
C GLN D 226 10.26 -10.49 9.57
N ALA D 227 9.65 -10.72 8.41
CA ALA D 227 9.01 -12.00 8.12
C ALA D 227 9.69 -12.70 6.94
N LEU D 228 9.62 -14.03 6.95
CA LEU D 228 10.02 -14.86 5.83
C LEU D 228 8.84 -15.76 5.47
N VAL D 229 8.32 -15.60 4.25
CA VAL D 229 7.27 -16.47 3.73
C VAL D 229 7.90 -17.49 2.80
N ILE D 230 7.72 -18.77 3.10
CA ILE D 230 8.24 -19.86 2.27
C ILE D 230 7.16 -20.23 1.25
N GLY D 231 7.39 -19.91 -0.01
CA GLY D 231 6.43 -20.19 -1.06
C GLY D 231 5.73 -18.92 -1.53
N TYR D 232 5.38 -18.91 -2.81
CA TYR D 232 4.72 -17.74 -3.40
C TYR D 232 3.77 -18.17 -4.50
N GLY D 233 3.04 -19.28 -4.27
CA GLY D 233 1.89 -19.63 -5.08
C GLY D 233 0.71 -18.78 -4.64
N ASP D 234 -0.51 -19.31 -4.79
CA ASP D 234 -1.69 -18.53 -4.41
C ASP D 234 -1.69 -18.24 -2.90
N VAL D 235 -1.45 -19.26 -2.08
CA VAL D 235 -1.44 -19.04 -0.63
C VAL D 235 -0.29 -18.13 -0.22
N GLY D 236 0.89 -18.32 -0.82
CA GLY D 236 2.04 -17.49 -0.50
C GLY D 236 1.84 -16.03 -0.90
N LYS D 237 1.27 -15.80 -2.08
CA LYS D 237 0.98 -14.42 -2.47
C LYS D 237 0.07 -13.73 -1.47
N GLY D 238 -1.01 -14.43 -1.08
CA GLY D 238 -1.95 -13.83 -0.14
C GLY D 238 -1.36 -13.65 1.25
N SER D 239 -0.55 -14.63 1.69
CA SER D 239 0.08 -14.54 3.00
C SER D 239 1.10 -13.42 3.05
N SER D 240 1.90 -13.27 2.00
CA SER D 240 2.85 -12.16 1.95
C SER D 240 2.12 -10.82 2.06
N GLN D 241 1.01 -10.68 1.33
CA GLN D 241 0.24 -9.44 1.40
C GLN D 241 -0.35 -9.23 2.79
N SER D 242 -0.82 -10.31 3.43
CA SER D 242 -1.36 -10.21 4.78
C SER D 242 -0.37 -9.52 5.71
N LEU D 243 0.92 -9.80 5.54
CA LEU D 243 1.99 -9.28 6.40
C LEU D 243 2.51 -7.93 5.95
N ARG D 244 2.74 -7.77 4.64
CA ARG D 244 3.23 -6.50 4.12
C ARG D 244 2.22 -5.37 4.38
N GLN D 245 0.92 -5.66 4.30
CA GLN D 245 -0.06 -4.60 4.51
C GLN D 245 -0.10 -4.15 5.96
N GLU D 246 0.33 -5.01 6.89
CA GLU D 246 0.51 -4.63 8.28
C GLU D 246 1.83 -3.90 8.53
N GLY D 247 2.69 -3.78 7.54
CA GLY D 247 3.95 -3.09 7.72
C GLY D 247 5.13 -3.98 8.04
N MET D 248 5.00 -5.28 7.87
CA MET D 248 6.16 -6.14 8.02
C MET D 248 7.12 -5.92 6.85
N ILE D 249 8.41 -6.13 7.12
CA ILE D 249 9.42 -6.26 6.07
C ILE D 249 9.45 -7.73 5.68
N VAL D 250 8.95 -8.05 4.48
CA VAL D 250 8.68 -9.43 4.07
C VAL D 250 9.71 -9.87 3.03
N LYS D 251 10.34 -11.01 3.29
CA LYS D 251 11.19 -11.70 2.33
C LYS D 251 10.49 -13.00 1.92
N VAL D 252 10.74 -13.44 0.69
CA VAL D 252 10.03 -14.57 0.10
C VAL D 252 11.05 -15.58 -0.42
N ALA D 253 10.81 -16.86 -0.13
CA ALA D 253 11.57 -17.97 -0.69
C ALA D 253 10.71 -18.78 -1.67
N GLU D 254 11.33 -19.31 -2.72
CA GLU D 254 10.62 -20.04 -3.74
C GLU D 254 11.56 -21.00 -4.43
N VAL D 255 11.02 -22.11 -4.92
CA VAL D 255 11.76 -22.97 -5.85
C VAL D 255 11.34 -22.73 -7.30
N ASP D 256 10.24 -22.01 -7.53
CA ASP D 256 9.71 -21.77 -8.86
C ASP D 256 10.17 -20.39 -9.31
N PRO D 257 11.04 -20.30 -10.32
CA PRO D 257 11.56 -18.98 -10.71
C PRO D 257 10.50 -18.04 -11.26
N ILE D 258 9.41 -18.54 -11.82
CA ILE D 258 8.36 -17.63 -12.27
C ILE D 258 7.65 -17.01 -11.07
N CYS D 259 7.30 -17.83 -10.09
CA CYS D 259 6.70 -17.27 -8.88
C CYS D 259 7.67 -16.32 -8.18
N ALA D 260 8.98 -16.66 -8.17
CA ALA D 260 9.98 -15.76 -7.62
C ALA D 260 10.02 -14.44 -8.38
N MET D 261 9.85 -14.49 -9.70
N MET D 261 9.86 -14.49 -9.70
CA MET D 261 9.78 -13.27 -10.49
CA MET D 261 9.79 -13.25 -10.48
C MET D 261 8.63 -12.39 -10.03
C MET D 261 8.63 -12.40 -10.02
N GLN D 262 7.45 -13.00 -9.84
CA GLN D 262 6.29 -12.24 -9.35
C GLN D 262 6.59 -11.60 -8.00
N ALA D 263 7.24 -12.33 -7.09
CA ALA D 263 7.57 -11.75 -5.78
C ALA D 263 8.44 -10.51 -5.93
N CYS D 264 9.45 -10.56 -6.79
CA CYS D 264 10.31 -9.41 -7.00
C CYS D 264 9.49 -8.22 -7.49
N MET D 265 8.75 -8.40 -8.59
CA MET D 265 7.98 -7.29 -9.16
C MET D 265 6.93 -6.78 -8.18
N ASP D 266 6.47 -7.63 -7.25
CA ASP D 266 5.54 -7.23 -6.22
C ASP D 266 6.23 -6.50 -5.08
N GLY D 267 7.56 -6.35 -5.13
CA GLY D 267 8.25 -5.54 -4.15
C GLY D 267 8.82 -6.30 -2.98
N PHE D 268 9.04 -7.60 -3.12
CA PHE D 268 9.64 -8.40 -2.08
C PHE D 268 11.06 -8.78 -2.45
N GLU D 269 11.94 -8.85 -1.45
CA GLU D 269 13.27 -9.43 -1.62
C GLU D 269 13.15 -10.96 -1.58
N VAL D 270 13.72 -11.65 -2.58
CA VAL D 270 13.64 -13.11 -2.64
C VAL D 270 14.93 -13.70 -2.10
N VAL D 271 14.82 -14.59 -1.11
CA VAL D 271 15.98 -15.18 -0.45
C VAL D 271 15.75 -16.67 -0.26
N SER D 272 16.83 -17.38 0.07
CA SER D 272 16.77 -18.78 0.40
C SER D 272 17.27 -19.01 1.82
N PRO D 273 16.68 -19.92 2.58
CA PRO D 273 17.26 -20.27 3.89
C PRO D 273 18.63 -20.88 3.77
N TYR D 274 18.99 -21.39 2.59
CA TYR D 274 20.25 -22.09 2.39
C TYR D 274 21.20 -21.24 1.54
N LYS D 275 22.48 -21.28 1.90
CA LYS D 275 23.50 -20.61 1.11
C LYS D 275 23.42 -21.06 -0.34
N ASN D 276 23.38 -20.10 -1.24
CA ASN D 276 23.24 -20.37 -2.68
C ASN D 276 21.99 -21.19 -2.99
N GLY D 277 21.04 -21.25 -2.07
CA GLY D 277 19.84 -22.04 -2.29
C GLY D 277 20.02 -23.54 -2.25
N ILE D 278 21.18 -24.04 -1.81
CA ILE D 278 21.49 -25.46 -1.85
C ILE D 278 21.38 -26.04 -0.46
N ASN D 279 20.45 -26.97 -0.28
CA ASN D 279 20.21 -27.65 0.99
C ASN D 279 21.00 -28.97 0.99
N ASP D 280 22.09 -29.01 1.76
CA ASP D 280 22.91 -30.22 1.85
C ASP D 280 22.66 -30.99 3.15
N GLY D 281 21.65 -30.62 3.92
CA GLY D 281 21.32 -31.33 5.14
C GLY D 281 22.19 -31.03 6.35
N THR D 282 23.23 -30.21 6.20
CA THR D 282 24.10 -29.87 7.32
C THR D 282 23.81 -28.45 7.79
N GLU D 283 24.25 -28.17 9.02
CA GLU D 283 24.11 -26.81 9.54
C GLU D 283 24.93 -25.83 8.73
N ALA D 284 26.01 -26.31 8.11
CA ALA D 284 26.89 -25.42 7.34
C ALA D 284 26.19 -24.78 6.14
N SER D 285 25.12 -25.38 5.63
CA SER D 285 24.45 -24.81 4.48
C SER D 285 23.39 -23.79 4.85
N ILE D 286 23.06 -23.65 6.13
CA ILE D 286 22.06 -22.68 6.57
C ILE D 286 22.63 -21.27 6.51
N ASP D 287 21.84 -20.33 6.01
CA ASP D 287 22.22 -18.92 6.08
C ASP D 287 21.84 -18.42 7.47
N ALA D 288 22.76 -18.63 8.42
CA ALA D 288 22.47 -18.32 9.82
C ALA D 288 22.31 -16.82 10.05
N ALA D 289 23.02 -15.99 9.28
CA ALA D 289 22.87 -14.55 9.45
C ALA D 289 21.47 -14.11 9.03
N LEU D 290 20.95 -14.66 7.94
CA LEU D 290 19.60 -14.32 7.51
C LEU D 290 18.56 -14.76 8.53
N LEU D 291 18.63 -16.03 8.96
CA LEU D 291 17.56 -16.53 9.82
C LEU D 291 17.66 -15.95 11.22
N GLY D 292 18.86 -15.60 11.68
CA GLY D 292 19.02 -14.92 12.95
C GLY D 292 18.31 -13.58 13.05
N LYS D 293 17.78 -13.06 11.94
CA LYS D 293 17.10 -11.76 11.91
C LYS D 293 15.59 -11.86 11.66
N ILE D 294 15.04 -13.07 11.62
CA ILE D 294 13.66 -13.29 11.20
C ILE D 294 12.78 -13.40 12.44
N ASP D 295 11.75 -12.55 12.51
CA ASP D 295 10.82 -12.56 13.65
C ASP D 295 9.65 -13.50 13.46
N LEU D 296 9.39 -13.95 12.23
CA LEU D 296 8.17 -14.67 11.88
C LEU D 296 8.42 -15.42 10.59
N ILE D 297 8.15 -16.72 10.60
CA ILE D 297 8.28 -17.56 9.40
C ILE D 297 6.94 -18.25 9.15
N VAL D 298 6.49 -18.21 7.90
CA VAL D 298 5.22 -18.80 7.49
C VAL D 298 5.46 -19.71 6.29
N THR D 299 5.03 -20.96 6.40
CA THR D 299 5.14 -21.94 5.32
C THR D 299 3.81 -22.01 4.55
N THR D 300 3.88 -22.06 3.21
CA THR D 300 2.69 -21.99 2.35
C THR D 300 2.76 -22.94 1.14
N THR D 301 3.48 -24.06 1.24
CA THR D 301 3.94 -24.76 0.03
C THR D 301 3.14 -26.00 -0.36
N GLY D 302 2.55 -26.72 0.59
CA GLY D 302 2.08 -28.05 0.26
C GLY D 302 3.16 -29.08 0.09
N ASN D 303 4.41 -28.76 0.45
CA ASN D 303 5.59 -29.62 0.34
C ASN D 303 6.01 -30.08 1.73
N VAL D 304 7.13 -30.80 1.80
CA VAL D 304 7.55 -31.47 3.03
C VAL D 304 8.80 -30.79 3.56
N ASN D 305 8.81 -30.46 4.85
CA ASN D 305 10.03 -30.07 5.56
C ASN D 305 10.68 -28.85 4.92
N VAL D 306 9.87 -27.83 4.63
CA VAL D 306 10.41 -26.57 4.10
C VAL D 306 10.81 -25.60 5.20
N CYS D 307 10.50 -25.90 6.46
CA CYS D 307 11.09 -25.23 7.62
C CYS D 307 11.68 -26.34 8.48
N ASP D 308 12.95 -26.66 8.23
CA ASP D 308 13.52 -27.89 8.76
C ASP D 308 14.20 -27.63 10.10
N ALA D 309 14.81 -28.68 10.66
CA ALA D 309 15.38 -28.60 11.99
C ALA D 309 16.53 -27.61 12.06
N ASN D 310 17.38 -27.59 11.03
CA ASN D 310 18.52 -26.67 11.04
C ASN D 310 18.04 -25.22 10.94
N MET D 311 16.98 -24.99 10.18
CA MET D 311 16.36 -23.67 10.16
C MET D 311 15.80 -23.31 11.53
N LEU D 312 15.17 -24.28 12.20
CA LEU D 312 14.59 -23.99 13.51
C LEU D 312 15.67 -23.70 14.54
N LYS D 313 16.82 -24.38 14.44
CA LYS D 313 17.93 -24.12 15.36
C LYS D 313 18.51 -22.74 15.17
N ALA D 314 18.37 -22.17 13.99
CA ALA D 314 19.04 -20.92 13.64
C ALA D 314 18.14 -19.70 13.76
N LEU D 315 16.82 -19.87 13.86
CA LEU D 315 15.92 -18.73 13.94
C LEU D 315 16.29 -17.82 15.11
N LYS D 316 16.02 -16.53 14.92
CA LYS D 316 16.15 -15.53 15.99
C LYS D 316 15.35 -15.95 17.21
N LYS D 317 15.92 -15.74 18.39
CA LYS D 317 15.19 -16.02 19.62
C LYS D 317 13.83 -15.34 19.60
N ARG D 318 12.81 -16.06 20.06
CA ARG D 318 11.43 -15.61 20.23
C ARG D 318 10.68 -15.44 18.90
N ALA D 319 11.24 -15.90 17.79
CA ALA D 319 10.51 -15.86 16.52
C ALA D 319 9.23 -16.69 16.60
N VAL D 320 8.23 -16.28 15.82
CA VAL D 320 6.98 -17.03 15.66
C VAL D 320 7.10 -17.95 14.45
N VAL D 321 6.62 -19.18 14.59
CA VAL D 321 6.64 -20.21 13.55
C VAL D 321 5.22 -20.67 13.29
N CYS D 322 4.80 -20.66 12.01
CA CYS D 322 3.47 -21.15 11.72
C CYS D 322 3.40 -21.67 10.29
N ASN D 323 2.37 -22.48 10.05
CA ASN D 323 2.14 -23.09 8.73
C ASN D 323 0.71 -22.83 8.34
N ILE D 324 0.51 -22.37 7.10
CA ILE D 324 -0.81 -22.15 6.54
C ILE D 324 -1.08 -23.05 5.33
N GLY D 325 -0.14 -23.96 5.02
CA GLY D 325 -0.43 -25.05 4.11
C GLY D 325 -1.31 -26.09 4.77
N HIS D 326 -1.79 -27.03 3.95
CA HIS D 326 -2.81 -27.98 4.42
C HIS D 326 -2.28 -28.94 5.48
N PHE D 327 -1.02 -29.35 5.41
CA PHE D 327 -0.51 -30.37 6.33
C PHE D 327 0.64 -29.82 7.15
N ASP D 328 0.79 -30.34 8.37
CA ASP D 328 1.75 -29.76 9.31
C ASP D 328 3.19 -30.22 9.07
N ASN D 329 3.41 -31.24 8.24
CA ASN D 329 4.78 -31.67 7.97
C ASN D 329 5.57 -30.65 7.18
N GLU D 330 5.01 -29.48 6.83
CA GLU D 330 5.84 -28.42 6.27
C GLU D 330 6.92 -27.99 7.26
N ILE D 331 6.62 -28.13 8.56
CA ILE D 331 7.54 -27.78 9.65
C ILE D 331 7.96 -29.05 10.35
N ASP D 332 9.26 -29.19 10.63
CA ASP D 332 9.76 -30.38 11.33
C ASP D 332 9.42 -30.25 12.83
N THR D 333 8.13 -30.39 13.13
CA THR D 333 7.70 -30.37 14.53
C THR D 333 8.14 -31.62 15.27
N ALA D 334 8.25 -32.75 14.56
CA ALA D 334 8.71 -33.98 15.20
C ALA D 334 10.06 -33.79 15.87
N PHE D 335 11.00 -33.14 15.18
CA PHE D 335 12.28 -32.80 15.79
C PHE D 335 12.09 -31.96 17.05
N MET D 336 11.18 -30.99 17.01
CA MET D 336 10.99 -30.14 18.17
C MET D 336 10.39 -30.93 19.33
N ARG D 337 9.48 -31.86 19.04
CA ARG D 337 8.92 -32.72 20.09
C ARG D 337 9.97 -33.60 20.72
N LYS D 338 10.96 -34.03 19.95
CA LYS D 338 11.96 -34.95 20.48
C LYS D 338 13.03 -34.24 21.30
N ASN D 339 13.37 -33.00 20.96
CA ASN D 339 14.56 -32.38 21.54
C ASN D 339 14.28 -31.20 22.47
N TRP D 340 13.13 -30.53 22.34
CA TRP D 340 12.91 -29.32 23.09
C TRP D 340 11.66 -29.42 23.96
N ALA D 341 11.60 -28.56 24.97
CA ALA D 341 10.52 -28.58 25.95
C ALA D 341 9.42 -27.61 25.55
N TRP D 342 8.18 -28.09 25.57
CA TRP D 342 7.04 -27.29 25.12
C TRP D 342 6.29 -26.73 26.33
N GLU D 343 5.97 -25.44 26.27
CA GLU D 343 5.19 -24.78 27.31
C GLU D 343 3.94 -24.23 26.66
N GLU D 344 2.77 -24.73 27.04
CA GLU D 344 1.53 -24.23 26.47
C GLU D 344 1.24 -22.83 27.01
N VAL D 345 1.13 -21.85 26.13
CA VAL D 345 0.71 -20.52 26.58
C VAL D 345 -0.80 -20.51 26.81
N LYS D 346 -1.55 -21.01 25.84
CA LYS D 346 -2.99 -21.16 25.86
C LYS D 346 -3.31 -22.06 24.68
N PRO D 347 -4.54 -22.56 24.53
CA PRO D 347 -4.81 -23.52 23.45
C PRO D 347 -4.25 -23.04 22.11
N GLN D 348 -3.54 -23.94 21.44
CA GLN D 348 -2.96 -23.71 20.12
C GLN D 348 -1.86 -22.63 20.11
N VAL D 349 -1.25 -22.33 21.28
CA VAL D 349 -0.10 -21.45 21.34
C VAL D 349 0.92 -22.07 22.28
N HIS D 350 2.09 -22.42 21.75
CA HIS D 350 3.13 -23.05 22.56
C HIS D 350 4.46 -22.32 22.41
N LYS D 351 5.15 -22.14 23.54
CA LYS D 351 6.55 -21.77 23.54
C LYS D 351 7.39 -23.05 23.50
N ILE D 352 8.35 -23.10 22.57
CA ILE D 352 9.24 -24.24 22.41
C ILE D 352 10.62 -23.82 22.90
N HIS D 353 11.06 -24.37 24.04
CA HIS D 353 12.29 -23.92 24.71
C HIS D 353 13.48 -24.71 24.17
N ARG D 354 14.37 -24.02 23.46
CA ARG D 354 15.50 -24.67 22.81
C ARG D 354 16.64 -25.00 23.78
N THR D 355 16.42 -24.84 25.09
CA THR D 355 17.44 -25.15 26.08
C THR D 355 17.55 -26.64 26.38
N GLY D 356 16.58 -27.45 25.98
CA GLY D 356 16.68 -28.87 26.23
C GLY D 356 15.31 -29.49 26.42
N LYS D 357 15.33 -30.80 26.62
CA LYS D 357 14.13 -31.64 26.66
C LYS D 357 13.47 -31.65 28.04
N ASP D 358 14.25 -31.86 29.09
CA ASP D 358 13.71 -32.15 30.41
C ASP D 358 13.46 -30.84 31.16
N GLY D 359 12.26 -30.29 30.94
CA GLY D 359 11.85 -29.10 31.67
C GLY D 359 12.48 -27.84 31.10
N PHE D 360 12.03 -26.71 31.65
CA PHE D 360 12.42 -25.40 31.15
C PHE D 360 12.38 -24.40 32.29
N ASP D 361 13.15 -23.32 32.12
CA ASP D 361 13.05 -22.18 33.02
C ASP D 361 11.91 -21.28 32.55
N ALA D 362 11.02 -20.94 33.49
CA ALA D 362 9.86 -20.13 33.13
C ALA D 362 10.26 -18.76 32.57
N HIS D 363 11.46 -18.28 32.87
CA HIS D 363 11.95 -17.00 32.37
C HIS D 363 13.05 -17.18 31.32
N ASN D 364 13.17 -18.36 30.73
CA ASN D 364 14.11 -18.59 29.64
C ASN D 364 13.78 -17.66 28.48
N ASP D 365 14.82 -17.09 27.86
CA ASP D 365 14.60 -16.24 26.69
C ASP D 365 14.82 -16.97 25.37
N ASP D 366 15.31 -18.20 25.37
CA ASP D 366 15.64 -18.89 24.13
C ASP D 366 14.53 -19.88 23.80
N TYR D 367 13.44 -19.35 23.24
CA TYR D 367 12.32 -20.16 22.81
C TYR D 367 11.79 -19.63 21.48
N LEU D 368 11.02 -20.48 20.81
CA LEU D 368 10.20 -20.13 19.67
C LEU D 368 8.73 -20.22 20.06
N ILE D 369 7.87 -19.50 19.37
CA ILE D 369 6.43 -19.63 19.56
C ILE D 369 5.85 -20.33 18.34
N LEU D 370 5.21 -21.49 18.58
CA LEU D 370 4.55 -22.27 17.53
C LEU D 370 3.05 -22.06 17.67
N LEU D 371 2.39 -21.78 16.55
CA LEU D 371 0.93 -21.64 16.53
C LEU D 371 0.28 -22.91 16.00
N ALA D 372 -0.79 -23.33 16.67
CA ALA D 372 -1.61 -24.47 16.23
C ALA D 372 -0.78 -25.73 15.99
N GLU D 373 0.28 -25.92 16.77
CA GLU D 373 1.14 -27.10 16.65
C GLU D 373 1.48 -27.38 15.18
N GLY D 374 1.64 -26.32 14.39
CA GLY D 374 2.01 -26.45 13.00
C GLY D 374 0.89 -26.79 12.03
N ARG D 375 -0.36 -26.94 12.50
CA ARG D 375 -1.53 -27.14 11.63
C ARG D 375 -1.98 -25.79 11.04
N LEU D 376 -2.87 -25.85 10.04
CA LEU D 376 -3.33 -24.65 9.34
C LEU D 376 -3.62 -23.52 10.32
N VAL D 377 -2.81 -22.45 10.31
CA VAL D 377 -2.89 -21.49 11.40
C VAL D 377 -4.10 -20.56 11.28
N ASN D 378 -4.56 -20.24 10.06
CA ASN D 378 -5.71 -19.35 9.95
C ASN D 378 -6.96 -20.00 10.55
N LEU D 379 -7.14 -21.30 10.32
CA LEU D 379 -8.29 -22.00 10.89
C LEU D 379 -8.04 -22.41 12.33
N GLY D 380 -6.79 -22.68 12.70
CA GLY D 380 -6.47 -23.14 14.03
C GLY D 380 -6.48 -22.05 15.10
N ASN D 381 -5.97 -20.87 14.78
CA ASN D 381 -5.90 -19.78 15.75
C ASN D 381 -6.93 -18.68 15.49
N ALA D 382 -7.67 -18.76 14.37
CA ALA D 382 -8.77 -17.82 14.13
C ALA D 382 -9.96 -18.58 13.53
N THR D 383 -10.64 -18.04 12.51
CA THR D 383 -11.80 -18.71 11.94
C THR D 383 -11.64 -18.95 10.44
N GLY D 384 -10.39 -19.01 9.97
CA GLY D 384 -10.25 -19.24 8.55
C GLY D 384 -10.77 -18.06 7.72
N HIS D 385 -11.08 -18.38 6.46
CA HIS D 385 -11.52 -17.37 5.51
C HIS D 385 -12.91 -16.84 5.90
N PRO D 386 -13.22 -15.61 5.53
CA PRO D 386 -14.53 -15.04 5.85
C PRO D 386 -15.61 -15.54 4.90
N SER D 387 -16.86 -15.41 5.38
CA SER D 387 -18.02 -15.90 4.64
C SER D 387 -18.05 -15.39 3.21
N ARG D 388 -17.84 -14.08 3.02
CA ARG D 388 -18.01 -13.54 1.68
C ARG D 388 -16.97 -14.09 0.70
N ILE D 389 -15.84 -14.60 1.20
CA ILE D 389 -14.88 -15.25 0.30
C ILE D 389 -15.26 -16.71 0.08
N MET D 390 -15.55 -17.45 1.15
CA MET D 390 -15.92 -18.84 0.99
C MET D 390 -17.19 -18.98 0.14
N ASP D 391 -17.96 -17.90 0.02
CA ASP D 391 -19.10 -17.90 -0.88
C ASP D 391 -18.74 -18.46 -2.25
N GLY D 392 -17.63 -17.99 -2.82
CA GLY D 392 -17.26 -18.42 -4.16
C GLY D 392 -16.83 -19.88 -4.20
N SER D 393 -16.02 -20.31 -3.21
CA SER D 393 -15.59 -21.69 -3.14
C SER D 393 -16.79 -22.64 -3.04
N PHE D 394 -17.74 -22.32 -2.15
CA PHE D 394 -18.80 -23.26 -1.88
C PHE D 394 -19.91 -23.23 -2.93
N ALA D 395 -20.07 -22.12 -3.65
CA ALA D 395 -20.96 -22.17 -4.83
C ALA D 395 -20.42 -23.14 -5.87
N ASN D 396 -19.09 -23.11 -6.11
CA ASN D 396 -18.50 -24.10 -7.00
C ASN D 396 -18.72 -25.52 -6.49
N GLN D 397 -18.55 -25.76 -5.19
CA GLN D 397 -18.78 -27.10 -4.64
C GLN D 397 -20.18 -27.58 -4.99
N VAL D 398 -21.19 -26.72 -4.81
CA VAL D 398 -22.57 -27.14 -5.08
C VAL D 398 -22.74 -27.48 -6.55
N LEU D 399 -22.20 -26.63 -7.45
CA LEU D 399 -22.34 -26.90 -8.88
C LEU D 399 -21.63 -28.19 -9.27
N ALA D 400 -20.53 -28.51 -8.58
CA ALA D 400 -19.77 -29.72 -8.88
C ALA D 400 -20.47 -30.97 -8.39
N GLN D 401 -21.10 -30.89 -7.21
CA GLN D 401 -21.91 -31.99 -6.71
C GLN D 401 -23.08 -32.27 -7.65
N ILE D 402 -23.76 -31.22 -8.12
CA ILE D 402 -24.86 -31.44 -9.05
C ILE D 402 -24.36 -32.14 -10.31
N HIS D 403 -23.23 -31.68 -10.86
CA HIS D 403 -22.80 -32.22 -12.15
C HIS D 403 -22.45 -33.70 -12.06
N LEU D 404 -21.73 -34.11 -11.02
CA LEU D 404 -21.30 -35.51 -10.97
C LEU D 404 -22.43 -36.43 -10.52
N PHE D 405 -23.27 -35.97 -9.60
CA PHE D 405 -24.43 -36.78 -9.22
C PHE D 405 -25.36 -37.00 -10.41
N GLU D 406 -25.54 -35.97 -11.25
CA GLU D 406 -26.38 -36.18 -12.42
C GLU D 406 -25.72 -37.07 -13.47
N GLN D 407 -24.38 -37.13 -13.50
CA GLN D 407 -23.70 -37.98 -14.46
C GLN D 407 -23.90 -39.46 -14.14
N LYS D 408 -24.07 -39.80 -12.85
CA LYS D 408 -24.38 -41.17 -12.43
C LYS D 408 -23.30 -42.16 -12.87
N TYR D 409 -22.03 -41.79 -12.68
CA TYR D 409 -20.91 -42.64 -13.12
C TYR D 409 -21.08 -44.08 -12.67
N ALA D 410 -21.53 -44.29 -11.43
CA ALA D 410 -21.57 -45.65 -10.90
C ALA D 410 -22.51 -46.55 -11.70
N ASP D 411 -23.51 -45.97 -12.36
CA ASP D 411 -24.48 -46.78 -13.12
C ASP D 411 -24.03 -47.04 -14.55
N LEU D 412 -22.92 -46.48 -15.00
CA LEU D 412 -22.59 -46.57 -16.42
C LEU D 412 -21.91 -47.92 -16.73
N PRO D 413 -22.05 -48.43 -17.95
CA PRO D 413 -21.31 -49.64 -18.33
C PRO D 413 -19.81 -49.34 -18.42
N ALA D 414 -19.02 -50.42 -18.32
CA ALA D 414 -17.58 -50.30 -18.14
C ALA D 414 -16.95 -49.39 -19.20
N ALA D 415 -17.29 -49.63 -20.48
CA ALA D 415 -16.71 -48.83 -21.55
C ALA D 415 -17.03 -47.35 -21.35
N GLU D 416 -18.26 -47.03 -20.95
CA GLU D 416 -18.61 -45.63 -20.72
C GLU D 416 -17.92 -45.07 -19.47
N LYS D 417 -17.72 -45.90 -18.45
CA LYS D 417 -16.96 -45.44 -17.29
C LYS D 417 -15.57 -44.98 -17.70
N ALA D 418 -14.89 -45.81 -18.52
CA ALA D 418 -13.53 -45.50 -18.94
C ALA D 418 -13.46 -44.16 -19.65
N LYS D 419 -14.51 -43.77 -20.36
CA LYS D 419 -14.51 -42.48 -21.03
C LYS D 419 -14.56 -41.31 -20.04
N ARG D 420 -15.06 -41.55 -18.82
CA ARG D 420 -15.36 -40.45 -17.91
C ARG D 420 -14.56 -40.51 -16.62
N LEU D 421 -13.58 -41.41 -16.51
CA LEU D 421 -12.76 -41.51 -15.30
C LEU D 421 -11.62 -40.50 -15.41
N SER D 422 -11.86 -39.29 -14.92
CA SER D 422 -10.89 -38.23 -15.05
C SER D 422 -11.06 -37.25 -13.90
N VAL D 423 -10.16 -36.28 -13.85
CA VAL D 423 -10.25 -35.15 -12.92
C VAL D 423 -10.43 -33.89 -13.77
N GLU D 424 -11.59 -33.23 -13.62
CA GLU D 424 -11.95 -32.10 -14.47
C GLU D 424 -12.28 -30.89 -13.61
N VAL D 425 -12.32 -29.72 -14.28
CA VAL D 425 -12.78 -28.49 -13.69
C VAL D 425 -14.14 -28.11 -14.28
N LEU D 426 -14.83 -27.21 -13.57
CA LEU D 426 -16.11 -26.71 -14.02
C LEU D 426 -15.94 -25.82 -15.24
N PRO D 427 -16.97 -25.74 -16.10
CA PRO D 427 -16.89 -24.86 -17.29
C PRO D 427 -16.73 -23.39 -16.90
N LYS D 428 -16.02 -22.64 -17.75
CA LYS D 428 -15.81 -21.23 -17.46
C LYS D 428 -17.12 -20.46 -17.36
N LYS D 429 -18.12 -20.82 -18.15
CA LYS D 429 -19.41 -20.13 -18.05
C LYS D 429 -19.90 -20.12 -16.60
N LEU D 430 -19.78 -21.25 -15.90
CA LEU D 430 -20.27 -21.31 -14.54
C LEU D 430 -19.37 -20.50 -13.60
N ASP D 431 -18.06 -20.54 -13.83
CA ASP D 431 -17.11 -19.70 -13.09
C ASP D 431 -17.54 -18.24 -13.17
N GLU D 432 -17.99 -17.80 -14.35
CA GLU D 432 -18.37 -16.40 -14.54
C GLU D 432 -19.67 -16.09 -13.80
N GLU D 433 -20.62 -17.02 -13.81
CA GLU D 433 -21.90 -16.78 -13.14
C GLU D 433 -21.71 -16.71 -11.62
N VAL D 434 -20.78 -17.50 -11.07
CA VAL D 434 -20.42 -17.36 -9.66
C VAL D 434 -19.82 -15.99 -9.41
N ALA D 435 -18.84 -15.60 -10.21
CA ALA D 435 -18.21 -14.31 -10.03
C ALA D 435 -19.22 -13.19 -10.10
N LEU D 436 -20.22 -13.32 -10.98
CA LEU D 436 -21.17 -12.23 -11.17
C LEU D 436 -21.97 -11.98 -9.90
N GLU D 437 -22.42 -13.05 -9.22
CA GLU D 437 -23.15 -12.87 -7.97
C GLU D 437 -22.24 -12.32 -6.87
N MET D 438 -20.97 -12.71 -6.87
CA MET D 438 -20.02 -12.13 -5.93
C MET D 438 -19.91 -10.63 -6.14
N VAL D 439 -19.74 -10.20 -7.40
CA VAL D 439 -19.62 -8.77 -7.69
C VAL D 439 -20.87 -8.01 -7.27
N LYS D 440 -22.06 -8.57 -7.55
CA LYS D 440 -23.28 -7.88 -7.13
C LYS D 440 -23.38 -7.79 -5.61
N GLY D 441 -22.77 -8.74 -4.90
CA GLY D 441 -22.76 -8.67 -3.44
C GLY D 441 -22.03 -7.46 -2.90
N PHE D 442 -20.97 -7.02 -3.59
CA PHE D 442 -20.28 -5.79 -3.24
C PHE D 442 -20.99 -4.54 -3.73
N GLY D 443 -22.13 -4.67 -4.43
CA GLY D 443 -22.74 -3.54 -5.11
C GLY D 443 -22.07 -3.15 -6.41
N GLY D 444 -21.14 -3.95 -6.92
CA GLY D 444 -20.52 -3.62 -8.20
C GLY D 444 -21.49 -3.82 -9.36
N VAL D 445 -21.29 -3.05 -10.43
CA VAL D 445 -22.13 -3.08 -11.61
C VAL D 445 -21.27 -3.49 -12.80
N VAL D 446 -21.58 -4.64 -13.39
CA VAL D 446 -20.86 -5.11 -14.57
C VAL D 446 -21.46 -4.46 -15.81
N THR D 447 -20.59 -4.03 -16.73
CA THR D 447 -21.05 -3.42 -17.98
C THR D 447 -21.40 -4.52 -18.99
N GLN D 448 -22.45 -4.26 -19.79
CA GLN D 448 -22.86 -5.18 -20.87
C GLN D 448 -22.25 -4.72 -22.19
N LEU D 449 -21.60 -5.65 -22.89
CA LEU D 449 -21.15 -5.37 -24.25
C LEU D 449 -22.32 -5.02 -25.16
N THR D 450 -22.06 -4.13 -26.13
CA THR D 450 -22.99 -3.94 -27.24
C THR D 450 -22.72 -5.01 -28.28
N PRO D 451 -23.70 -5.31 -29.15
CA PRO D 451 -23.45 -6.30 -30.20
C PRO D 451 -22.18 -6.03 -30.98
N LYS D 452 -21.95 -4.79 -31.39
CA LYS D 452 -20.75 -4.49 -32.17
C LYS D 452 -19.48 -4.76 -31.36
N GLN D 453 -19.51 -4.48 -30.05
CA GLN D 453 -18.35 -4.73 -29.22
C GLN D 453 -18.10 -6.23 -29.05
N ALA D 454 -19.17 -7.00 -28.83
CA ALA D 454 -19.02 -8.44 -28.70
C ALA D 454 -18.47 -9.05 -29.99
N GLU D 455 -18.98 -8.62 -31.14
CA GLU D 455 -18.45 -9.08 -32.42
C GLU D 455 -16.98 -8.68 -32.59
N TYR D 456 -16.60 -7.50 -32.08
CA TYR D 456 -15.26 -6.98 -32.31
C TYR D 456 -14.20 -7.85 -31.65
N ILE D 457 -14.46 -8.33 -30.43
CA ILE D 457 -13.53 -9.21 -29.73
C ILE D 457 -13.94 -10.68 -29.82
N GLY D 458 -15.02 -10.98 -30.52
CA GLY D 458 -15.37 -12.37 -30.81
C GLY D 458 -15.91 -13.16 -29.65
N VAL D 459 -16.79 -12.58 -28.84
CA VAL D 459 -17.44 -13.27 -27.74
C VAL D 459 -18.95 -13.06 -27.83
N SER D 460 -19.68 -13.93 -27.15
CA SER D 460 -21.10 -13.69 -26.96
C SER D 460 -21.31 -12.60 -25.91
N VAL D 461 -22.37 -11.81 -26.09
CA VAL D 461 -22.71 -10.79 -25.10
C VAL D 461 -22.83 -11.40 -23.71
N GLU D 462 -23.20 -12.68 -23.63
CA GLU D 462 -23.38 -13.39 -22.38
C GLU D 462 -22.11 -14.05 -21.87
N GLY D 463 -21.00 -14.00 -22.61
CA GLY D 463 -19.81 -14.73 -22.24
C GLY D 463 -19.94 -16.18 -22.71
N PRO D 464 -18.91 -17.01 -22.48
CA PRO D 464 -17.66 -16.74 -21.77
C PRO D 464 -16.85 -15.65 -22.46
N PHE D 465 -16.13 -14.87 -21.66
CA PHE D 465 -15.44 -13.68 -22.15
C PHE D 465 -13.97 -13.91 -22.45
N LYS D 466 -13.39 -15.01 -21.97
CA LYS D 466 -11.98 -15.33 -22.15
C LYS D 466 -11.83 -16.75 -22.69
N PRO D 467 -10.77 -17.01 -23.45
CA PRO D 467 -10.44 -18.38 -23.81
C PRO D 467 -10.01 -19.18 -22.59
N ASP D 468 -10.09 -20.51 -22.71
CA ASP D 468 -9.74 -21.36 -21.58
C ASP D 468 -8.28 -21.26 -21.18
N THR D 469 -7.43 -20.69 -22.05
CA THR D 469 -6.01 -20.49 -21.73
C THR D 469 -5.77 -19.30 -20.81
N TYR D 470 -6.75 -18.43 -20.61
CA TYR D 470 -6.50 -17.18 -19.89
C TYR D 470 -6.15 -17.43 -18.43
N ARG D 471 -5.15 -16.69 -17.91
CA ARG D 471 -4.68 -16.89 -16.55
C ARG D 471 -5.19 -15.84 -15.56
N TYR D 472 -5.83 -14.79 -16.03
CA TYR D 472 -6.31 -13.73 -15.12
C TYR D 472 -5.18 -13.17 -14.23
#